data_1JXC
# 
_entry.id   1JXC 
# 
_audit_conform.dict_name       mmcif_pdbx.dic 
_audit_conform.dict_version    5.398 
_audit_conform.dict_location   http://mmcif.pdb.org/dictionaries/ascii/mmcif_pdbx.dic 
# 
loop_
_database_2.database_id 
_database_2.database_code 
_database_2.pdbx_database_accession 
_database_2.pdbx_DOI 
PDB   1JXC         pdb_00001jxc 10.2210/pdb1jxc/pdb 
RCSB  RCSB014295   ?            ?                   
WWPDB D_1000014295 ?            ?                   
# 
loop_
_pdbx_audit_revision_history.ordinal 
_pdbx_audit_revision_history.data_content_type 
_pdbx_audit_revision_history.major_revision 
_pdbx_audit_revision_history.minor_revision 
_pdbx_audit_revision_history.revision_date 
1 'Structure model' 1 0 2003-01-07 
2 'Structure model' 1 1 2008-02-01 
3 'Structure model' 1 2 2011-07-13 
4 'Structure model' 1 3 2022-02-23 
5 'Structure model' 1 4 2024-11-06 
# 
_pdbx_audit_revision_details.ordinal             1 
_pdbx_audit_revision_details.revision_ordinal    1 
_pdbx_audit_revision_details.data_content_type   'Structure model' 
_pdbx_audit_revision_details.provider            repository 
_pdbx_audit_revision_details.type                'Initial release' 
_pdbx_audit_revision_details.description         ? 
_pdbx_audit_revision_details.details             ? 
# 
loop_
_pdbx_audit_revision_group.ordinal 
_pdbx_audit_revision_group.revision_ordinal 
_pdbx_audit_revision_group.data_content_type 
_pdbx_audit_revision_group.group 
1 2 'Structure model' 'Version format compliance' 
2 3 'Structure model' 'Version format compliance' 
3 4 'Structure model' 'Data collection'           
4 4 'Structure model' 'Database references'       
5 4 'Structure model' 'Derived calculations'      
6 5 'Structure model' 'Data collection'           
7 5 'Structure model' 'Structure summary'         
# 
loop_
_pdbx_audit_revision_category.ordinal 
_pdbx_audit_revision_category.revision_ordinal 
_pdbx_audit_revision_category.data_content_type 
_pdbx_audit_revision_category.category 
1 4 'Structure model' database_2                
2 4 'Structure model' pdbx_nmr_software         
3 4 'Structure model' pdbx_struct_assembly      
4 4 'Structure model' pdbx_struct_oper_list     
5 5 'Structure model' chem_comp_atom            
6 5 'Structure model' chem_comp_bond            
7 5 'Structure model' pdbx_entry_details        
8 5 'Structure model' pdbx_modification_feature 
# 
loop_
_pdbx_audit_revision_item.ordinal 
_pdbx_audit_revision_item.revision_ordinal 
_pdbx_audit_revision_item.data_content_type 
_pdbx_audit_revision_item.item 
1 4 'Structure model' '_database_2.pdbx_DOI'                
2 4 'Structure model' '_database_2.pdbx_database_accession' 
3 4 'Structure model' '_pdbx_nmr_software.name'             
# 
_pdbx_database_status.status_code                     REL 
_pdbx_database_status.entry_id                        1JXC 
_pdbx_database_status.recvd_initial_deposition_date   2001-09-06 
_pdbx_database_status.deposit_site                    RCSB 
_pdbx_database_status.process_site                    RCSB 
_pdbx_database_status.SG_entry                        Y 
_pdbx_database_status.status_code_mr                  REL 
_pdbx_database_status.status_code_sf                  ? 
_pdbx_database_status.pdb_format_compatible           Y 
_pdbx_database_status.status_code_cs                  ? 
_pdbx_database_status.status_code_nmr_data            ? 
_pdbx_database_status.methods_development_category    ? 
# 
loop_
_pdbx_database_related.db_name 
_pdbx_database_related.db_id 
_pdbx_database_related.details 
_pdbx_database_related.content_type 
BMRB     5056    'chemical shift assignment' unspecified 
TargetDB GO.9161 .                           unspecified 
# 
loop_
_audit_author.name 
_audit_author.pdbx_ordinal 
'Zhao, Q.'                                         1 
'Chae, Y.K.'                                       2 
'Markley, J.L.'                                    3 
'Center for Eukaryotic Structural Genomics (CESG)' 4 
# 
_citation.id                        primary 
_citation.title                     'NMR Solution Structure of ATTp, an Arabidopsis thaliana Trypsin Inhibitor' 
_citation.journal_abbrev            Biochemistry 
_citation.journal_volume            41 
_citation.page_first                12284 
_citation.page_last                 12296 
_citation.year                      2002 
_citation.journal_id_ASTM           BICHAW 
_citation.country                   US 
_citation.journal_id_ISSN           0006-2960 
_citation.journal_id_CSD            0033 
_citation.book_publisher            ? 
_citation.pdbx_database_id_PubMed   12369816 
_citation.pdbx_database_id_DOI      10.1021/bi025702a 
# 
loop_
_citation_author.citation_id 
_citation_author.name 
_citation_author.ordinal 
_citation_author.identifier_ORCID 
primary 'Zhao, Q.'      1 ? 
primary 'Chae, Y.K.'    2 ? 
primary 'Markley, J.L.' 3 ? 
# 
_entity.id                         1 
_entity.type                       polymer 
_entity.src_method                 man 
_entity.pdbx_description           'Putative trypsin inhibitor ATTI-2' 
_entity.formula_weight             7451.469 
_entity.pdbx_number_of_molecules   1 
_entity.pdbx_ec                    ? 
_entity.pdbx_mutation              ? 
_entity.pdbx_fragment              ? 
_entity.details                    ? 
# 
_entity_poly.entity_id                      1 
_entity_poly.type                           'polypeptide(L)' 
_entity_poly.nstd_linkage                   no 
_entity_poly.nstd_monomer                   no 
_entity_poly.pdbx_seq_one_letter_code       CPEIEAQGNECLKEYGGDVGFGFCAPRIFPTICYTRCRENKGAKGGRCRWGQGSNVKCLCDFCGDTPQ 
_entity_poly.pdbx_seq_one_letter_code_can   CPEIEAQGNECLKEYGGDVGFGFCAPRIFPTICYTRCRENKGAKGGRCRWGQGSNVKCLCDFCGDTPQ 
_entity_poly.pdbx_strand_id                 A 
_entity_poly.pdbx_target_identifier         GO.9161 
# 
loop_
_entity_poly_seq.entity_id 
_entity_poly_seq.num 
_entity_poly_seq.mon_id 
_entity_poly_seq.hetero 
1 1  CYS n 
1 2  PRO n 
1 3  GLU n 
1 4  ILE n 
1 5  GLU n 
1 6  ALA n 
1 7  GLN n 
1 8  GLY n 
1 9  ASN n 
1 10 GLU n 
1 11 CYS n 
1 12 LEU n 
1 13 LYS n 
1 14 GLU n 
1 15 TYR n 
1 16 GLY n 
1 17 GLY n 
1 18 ASP n 
1 19 VAL n 
1 20 GLY n 
1 21 PHE n 
1 22 GLY n 
1 23 PHE n 
1 24 CYS n 
1 25 ALA n 
1 26 PRO n 
1 27 ARG n 
1 28 ILE n 
1 29 PHE n 
1 30 PRO n 
1 31 THR n 
1 32 ILE n 
1 33 CYS n 
1 34 TYR n 
1 35 THR n 
1 36 ARG n 
1 37 CYS n 
1 38 ARG n 
1 39 GLU n 
1 40 ASN n 
1 41 LYS n 
1 42 GLY n 
1 43 ALA n 
1 44 LYS n 
1 45 GLY n 
1 46 GLY n 
1 47 ARG n 
1 48 CYS n 
1 49 ARG n 
1 50 TRP n 
1 51 GLY n 
1 52 GLN n 
1 53 GLY n 
1 54 SER n 
1 55 ASN n 
1 56 VAL n 
1 57 LYS n 
1 58 CYS n 
1 59 LEU n 
1 60 CYS n 
1 61 ASP n 
1 62 PHE n 
1 63 CYS n 
1 64 GLY n 
1 65 ASP n 
1 66 THR n 
1 67 PRO n 
1 68 GLN n 
# 
_entity_src_gen.entity_id                          1 
_entity_src_gen.pdbx_src_id                        1 
_entity_src_gen.pdbx_alt_source_flag               sample 
_entity_src_gen.pdbx_seq_type                      ? 
_entity_src_gen.pdbx_beg_seq_num                   ? 
_entity_src_gen.pdbx_end_seq_num                   ? 
_entity_src_gen.gene_src_common_name               'thale cress' 
_entity_src_gen.gene_src_genus                     Arabidopsis 
_entity_src_gen.pdbx_gene_src_gene                 ATTp 
_entity_src_gen.gene_src_species                   ? 
_entity_src_gen.gene_src_strain                    ? 
_entity_src_gen.gene_src_tissue                    ? 
_entity_src_gen.gene_src_tissue_fraction           ? 
_entity_src_gen.gene_src_details                   ? 
_entity_src_gen.pdbx_gene_src_fragment             ? 
_entity_src_gen.pdbx_gene_src_scientific_name      'Arabidopsis thaliana' 
_entity_src_gen.pdbx_gene_src_ncbi_taxonomy_id     3702 
_entity_src_gen.pdbx_gene_src_variant              ? 
_entity_src_gen.pdbx_gene_src_cell_line            ? 
_entity_src_gen.pdbx_gene_src_atcc                 ? 
_entity_src_gen.pdbx_gene_src_organ                ? 
_entity_src_gen.pdbx_gene_src_organelle            ? 
_entity_src_gen.pdbx_gene_src_cell                 ? 
_entity_src_gen.pdbx_gene_src_cellular_location    ? 
_entity_src_gen.host_org_common_name               ? 
_entity_src_gen.pdbx_host_org_scientific_name      'Escherichia coli' 
_entity_src_gen.pdbx_host_org_ncbi_taxonomy_id     562 
_entity_src_gen.host_org_genus                     Escherichia 
_entity_src_gen.pdbx_host_org_gene                 ? 
_entity_src_gen.pdbx_host_org_organ                ? 
_entity_src_gen.host_org_species                   ? 
_entity_src_gen.pdbx_host_org_tissue               ? 
_entity_src_gen.pdbx_host_org_tissue_fraction      ? 
_entity_src_gen.pdbx_host_org_strain               'BL21(DE3)/pLysS' 
_entity_src_gen.pdbx_host_org_variant              ? 
_entity_src_gen.pdbx_host_org_cell_line            ? 
_entity_src_gen.pdbx_host_org_atcc                 ? 
_entity_src_gen.pdbx_host_org_culture_collection   ? 
_entity_src_gen.pdbx_host_org_cell                 ? 
_entity_src_gen.pdbx_host_org_organelle            ? 
_entity_src_gen.pdbx_host_org_cellular_location    ? 
_entity_src_gen.pdbx_host_org_vector_type          plasmid 
_entity_src_gen.pdbx_host_org_vector               ? 
_entity_src_gen.host_org_details                   ? 
_entity_src_gen.expression_system_id               ? 
_entity_src_gen.plasmid_name                       pSNHisATT 
_entity_src_gen.plasmid_details                    ? 
_entity_src_gen.pdbx_description                   ? 
# 
loop_
_chem_comp.id 
_chem_comp.type 
_chem_comp.mon_nstd_flag 
_chem_comp.name 
_chem_comp.pdbx_synonyms 
_chem_comp.formula 
_chem_comp.formula_weight 
ALA 'L-peptide linking' y ALANINE         ? 'C3 H7 N O2'     89.093  
ARG 'L-peptide linking' y ARGININE        ? 'C6 H15 N4 O2 1' 175.209 
ASN 'L-peptide linking' y ASPARAGINE      ? 'C4 H8 N2 O3'    132.118 
ASP 'L-peptide linking' y 'ASPARTIC ACID' ? 'C4 H7 N O4'     133.103 
CYS 'L-peptide linking' y CYSTEINE        ? 'C3 H7 N O2 S'   121.158 
GLN 'L-peptide linking' y GLUTAMINE       ? 'C5 H10 N2 O3'   146.144 
GLU 'L-peptide linking' y 'GLUTAMIC ACID' ? 'C5 H9 N O4'     147.129 
GLY 'peptide linking'   y GLYCINE         ? 'C2 H5 N O2'     75.067  
ILE 'L-peptide linking' y ISOLEUCINE      ? 'C6 H13 N O2'    131.173 
LEU 'L-peptide linking' y LEUCINE         ? 'C6 H13 N O2'    131.173 
LYS 'L-peptide linking' y LYSINE          ? 'C6 H15 N2 O2 1' 147.195 
PHE 'L-peptide linking' y PHENYLALANINE   ? 'C9 H11 N O2'    165.189 
PRO 'L-peptide linking' y PROLINE         ? 'C5 H9 N O2'     115.130 
SER 'L-peptide linking' y SERINE          ? 'C3 H7 N O3'     105.093 
THR 'L-peptide linking' y THREONINE       ? 'C4 H9 N O3'     119.119 
TRP 'L-peptide linking' y TRYPTOPHAN      ? 'C11 H12 N2 O2'  204.225 
TYR 'L-peptide linking' y TYROSINE        ? 'C9 H11 N O3'    181.189 
VAL 'L-peptide linking' y VALINE          ? 'C5 H11 N O2'    117.146 
# 
loop_
_pdbx_poly_seq_scheme.asym_id 
_pdbx_poly_seq_scheme.entity_id 
_pdbx_poly_seq_scheme.seq_id 
_pdbx_poly_seq_scheme.mon_id 
_pdbx_poly_seq_scheme.ndb_seq_num 
_pdbx_poly_seq_scheme.pdb_seq_num 
_pdbx_poly_seq_scheme.auth_seq_num 
_pdbx_poly_seq_scheme.pdb_mon_id 
_pdbx_poly_seq_scheme.auth_mon_id 
_pdbx_poly_seq_scheme.pdb_strand_id 
_pdbx_poly_seq_scheme.pdb_ins_code 
_pdbx_poly_seq_scheme.hetero 
A 1 1  CYS 1  1  1  CYS CYS A . n 
A 1 2  PRO 2  2  2  PRO PRO A . n 
A 1 3  GLU 3  3  3  GLU GLU A . n 
A 1 4  ILE 4  4  4  ILE ILE A . n 
A 1 5  GLU 5  5  5  GLU GLU A . n 
A 1 6  ALA 6  6  6  ALA ALA A . n 
A 1 7  GLN 7  7  7  GLN GLN A . n 
A 1 8  GLY 8  8  8  GLY GLY A . n 
A 1 9  ASN 9  9  9  ASN ASN A . n 
A 1 10 GLU 10 10 10 GLU GLU A . n 
A 1 11 CYS 11 11 11 CYS CYS A . n 
A 1 12 LEU 12 12 12 LEU LEU A . n 
A 1 13 LYS 13 13 13 LYS LYS A . n 
A 1 14 GLU 14 14 14 GLU GLU A . n 
A 1 15 TYR 15 15 15 TYR TYR A . n 
A 1 16 GLY 16 16 16 GLY GLY A . n 
A 1 17 GLY 17 17 17 GLY GLY A . n 
A 1 18 ASP 18 18 18 ASP ASP A . n 
A 1 19 VAL 19 19 19 VAL VAL A . n 
A 1 20 GLY 20 20 20 GLY GLY A . n 
A 1 21 PHE 21 21 21 PHE PHE A . n 
A 1 22 GLY 22 22 22 GLY GLY A . n 
A 1 23 PHE 23 23 23 PHE PHE A . n 
A 1 24 CYS 24 24 24 CYS CYS A . n 
A 1 25 ALA 25 25 25 ALA ALA A . n 
A 1 26 PRO 26 26 26 PRO PRO A . n 
A 1 27 ARG 27 27 27 ARG ARG A . n 
A 1 28 ILE 28 28 28 ILE ILE A . n 
A 1 29 PHE 29 29 29 PHE PHE A . n 
A 1 30 PRO 30 30 30 PRO PRO A . n 
A 1 31 THR 31 31 31 THR THR A . n 
A 1 32 ILE 32 32 32 ILE ILE A . n 
A 1 33 CYS 33 33 33 CYS CYS A . n 
A 1 34 TYR 34 34 34 TYR TYR A . n 
A 1 35 THR 35 35 35 THR THR A . n 
A 1 36 ARG 36 36 36 ARG ARG A . n 
A 1 37 CYS 37 37 37 CYS CYS A . n 
A 1 38 ARG 38 38 38 ARG ARG A . n 
A 1 39 GLU 39 39 39 GLU GLU A . n 
A 1 40 ASN 40 40 40 ASN ASN A . n 
A 1 41 LYS 41 41 41 LYS LYS A . n 
A 1 42 GLY 42 42 42 GLY GLY A . n 
A 1 43 ALA 43 43 43 ALA ALA A . n 
A 1 44 LYS 44 44 44 LYS LYS A . n 
A 1 45 GLY 45 45 45 GLY GLY A . n 
A 1 46 GLY 46 46 46 GLY GLY A . n 
A 1 47 ARG 47 47 47 ARG ARG A . n 
A 1 48 CYS 48 48 48 CYS CYS A . n 
A 1 49 ARG 49 49 49 ARG ARG A . n 
A 1 50 TRP 50 50 50 TRP TRP A . n 
A 1 51 GLY 51 51 51 GLY GLY A . n 
A 1 52 GLN 52 52 52 GLN GLN A . n 
A 1 53 GLY 53 53 53 GLY GLY A . n 
A 1 54 SER 54 54 54 SER SER A . n 
A 1 55 ASN 55 55 55 ASN ASN A . n 
A 1 56 VAL 56 56 56 VAL VAL A . n 
A 1 57 LYS 57 57 57 LYS LYS A . n 
A 1 58 CYS 58 58 58 CYS CYS A . n 
A 1 59 LEU 59 59 59 LEU LEU A . n 
A 1 60 CYS 60 60 60 CYS CYS A . n 
A 1 61 ASP 61 61 61 ASP ASP A . n 
A 1 62 PHE 62 62 62 PHE PHE A . n 
A 1 63 CYS 63 63 63 CYS CYS A . n 
A 1 64 GLY 64 64 64 GLY GLY A . n 
A 1 65 ASP 65 65 65 ASP ASP A . n 
A 1 66 THR 66 66 66 THR THR A . n 
A 1 67 PRO 67 67 67 PRO PRO A . n 
A 1 68 GLN 68 68 68 GLN GLN A . n 
# 
_cell.entry_id           1JXC 
_cell.length_a           ? 
_cell.length_b           ? 
_cell.length_c           ? 
_cell.angle_alpha        ? 
_cell.angle_beta         ? 
_cell.angle_gamma        ? 
_cell.Z_PDB              1 
_cell.pdbx_unique_axis   ? 
# 
_exptl.entry_id          1JXC 
_exptl.method            'SOLUTION NMR' 
_exptl.crystals_number   ? 
# 
_exptl_crystal.id                    1 
_exptl_crystal.density_meas          ? 
_exptl_crystal.density_Matthews      ? 
_exptl_crystal.density_percent_sol   ? 
_exptl_crystal.description           ? 
# 
_diffrn.id                     1 
_diffrn.ambient_temp           ? 
_diffrn.ambient_temp_details   ? 
_diffrn.crystal_id             1 
# 
_diffrn_radiation.diffrn_id                        1 
_diffrn_radiation.wavelength_id                    1 
_diffrn_radiation.pdbx_monochromatic_or_laue_m_l   M 
_diffrn_radiation.monochromator                    ? 
_diffrn_radiation.pdbx_diffrn_protocol             'SINGLE WAVELENGTH' 
_diffrn_radiation.pdbx_scattering_type             ? 
# 
_diffrn_radiation_wavelength.id           1 
_diffrn_radiation_wavelength.wavelength   . 
_diffrn_radiation_wavelength.wt           1.0 
# 
_struct.entry_id                  1JXC 
_struct.title                     'Minimized NMR structure of ATT, an Arabidopsis trypsin/chymotrypsin inhibitor' 
_struct.pdbx_model_details        ? 
_struct.pdbx_CASP_flag            ? 
_struct.pdbx_model_type_details   'minimized average' 
# 
_struct_keywords.entry_id        1JXC 
_struct_keywords.pdbx_keywords   'HYDROLASE INHIBITOR' 
_struct_keywords.text            
;ATT, trypsin inhibitor, chymotrypsin inhibitor, Structural Genomics, Protein Structure Initiative, Center for Eukaryotic Structural Genomics, CESG, HYDROLASE INHIBITOR
;
# 
_struct_asym.id                            A 
_struct_asym.pdbx_blank_PDB_chainid_flag   N 
_struct_asym.pdbx_modified                 N 
_struct_asym.entity_id                     1 
_struct_asym.details                       ? 
# 
_struct_ref.id                         1 
_struct_ref.db_name                    UNP 
_struct_ref.db_code                    ITI2_ARATH 
_struct_ref.entity_id                  1 
_struct_ref.pdbx_seq_one_letter_code   VPEIEAQGNECLKEYGGDVGFGFCAPRIFPTICYTRCRENKGAKGGRCRWGQGSNVKCLCDFCGDTPQ 
_struct_ref.pdbx_align_begin           22 
_struct_ref.pdbx_db_accession          Q42328 
_struct_ref.pdbx_db_isoform            ? 
# 
_struct_ref_seq.align_id                      1 
_struct_ref_seq.ref_id                        1 
_struct_ref_seq.pdbx_PDB_id_code              1JXC 
_struct_ref_seq.pdbx_strand_id                A 
_struct_ref_seq.seq_align_beg                 1 
_struct_ref_seq.pdbx_seq_align_beg_ins_code   ? 
_struct_ref_seq.seq_align_end                 68 
_struct_ref_seq.pdbx_seq_align_end_ins_code   ? 
_struct_ref_seq.pdbx_db_accession             Q42328 
_struct_ref_seq.db_align_beg                  22 
_struct_ref_seq.pdbx_db_align_beg_ins_code    ? 
_struct_ref_seq.db_align_end                  89 
_struct_ref_seq.pdbx_db_align_end_ins_code    ? 
_struct_ref_seq.pdbx_auth_seq_align_beg       1 
_struct_ref_seq.pdbx_auth_seq_align_end       68 
# 
_struct_ref_seq_dif.align_id                     1 
_struct_ref_seq_dif.pdbx_pdb_id_code             1JXC 
_struct_ref_seq_dif.mon_id                       CYS 
_struct_ref_seq_dif.pdbx_pdb_strand_id           A 
_struct_ref_seq_dif.seq_num                      1 
_struct_ref_seq_dif.pdbx_pdb_ins_code            ? 
_struct_ref_seq_dif.pdbx_seq_db_name             UNP 
_struct_ref_seq_dif.pdbx_seq_db_accession_code   Q42328 
_struct_ref_seq_dif.db_mon_id                    VAL 
_struct_ref_seq_dif.pdbx_seq_db_seq_num          22 
_struct_ref_seq_dif.details                      'SEE REMARK 999' 
_struct_ref_seq_dif.pdbx_auth_seq_num            1 
_struct_ref_seq_dif.pdbx_ordinal                 1 
# 
_pdbx_struct_assembly.id                   1 
_pdbx_struct_assembly.details              author_defined_assembly 
_pdbx_struct_assembly.method_details       ? 
_pdbx_struct_assembly.oligomeric_details   monomeric 
_pdbx_struct_assembly.oligomeric_count     1 
# 
_pdbx_struct_assembly_gen.assembly_id       1 
_pdbx_struct_assembly_gen.oper_expression   1 
_pdbx_struct_assembly_gen.asym_id_list      A 
# 
_pdbx_struct_oper_list.id                   1 
_pdbx_struct_oper_list.type                 'identity operation' 
_pdbx_struct_oper_list.name                 1_555 
_pdbx_struct_oper_list.symmetry_operation   x,y,z 
_pdbx_struct_oper_list.matrix[1][1]         1.0000000000 
_pdbx_struct_oper_list.matrix[1][2]         0.0000000000 
_pdbx_struct_oper_list.matrix[1][3]         0.0000000000 
_pdbx_struct_oper_list.vector[1]            0.0000000000 
_pdbx_struct_oper_list.matrix[2][1]         0.0000000000 
_pdbx_struct_oper_list.matrix[2][2]         1.0000000000 
_pdbx_struct_oper_list.matrix[2][3]         0.0000000000 
_pdbx_struct_oper_list.vector[2]            0.0000000000 
_pdbx_struct_oper_list.matrix[3][1]         0.0000000000 
_pdbx_struct_oper_list.matrix[3][2]         0.0000000000 
_pdbx_struct_oper_list.matrix[3][3]         1.0000000000 
_pdbx_struct_oper_list.vector[3]            0.0000000000 
# 
_struct_biol.id   1 
# 
_struct_conf.conf_type_id            HELX_P 
_struct_conf.id                      HELX_P1 
_struct_conf.pdbx_PDB_helix_id       1 
_struct_conf.beg_label_comp_id       THR 
_struct_conf.beg_label_asym_id       A 
_struct_conf.beg_label_seq_id        31 
_struct_conf.pdbx_beg_PDB_ins_code   ? 
_struct_conf.end_label_comp_id       LYS 
_struct_conf.end_label_asym_id       A 
_struct_conf.end_label_seq_id        41 
_struct_conf.pdbx_end_PDB_ins_code   ? 
_struct_conf.beg_auth_comp_id        THR 
_struct_conf.beg_auth_asym_id        A 
_struct_conf.beg_auth_seq_id         31 
_struct_conf.end_auth_comp_id        LYS 
_struct_conf.end_auth_asym_id        A 
_struct_conf.end_auth_seq_id         41 
_struct_conf.pdbx_PDB_helix_class    1 
_struct_conf.details                 ? 
_struct_conf.pdbx_PDB_helix_length   11 
# 
_struct_conf_type.id          HELX_P 
_struct_conf_type.criteria    ? 
_struct_conf_type.reference   ? 
# 
loop_
_struct_conn.id 
_struct_conn.conn_type_id 
_struct_conn.pdbx_leaving_atom_flag 
_struct_conn.pdbx_PDB_id 
_struct_conn.ptnr1_label_asym_id 
_struct_conn.ptnr1_label_comp_id 
_struct_conn.ptnr1_label_seq_id 
_struct_conn.ptnr1_label_atom_id 
_struct_conn.pdbx_ptnr1_label_alt_id 
_struct_conn.pdbx_ptnr1_PDB_ins_code 
_struct_conn.pdbx_ptnr1_standard_comp_id 
_struct_conn.ptnr1_symmetry 
_struct_conn.ptnr2_label_asym_id 
_struct_conn.ptnr2_label_comp_id 
_struct_conn.ptnr2_label_seq_id 
_struct_conn.ptnr2_label_atom_id 
_struct_conn.pdbx_ptnr2_label_alt_id 
_struct_conn.pdbx_ptnr2_PDB_ins_code 
_struct_conn.ptnr1_auth_asym_id 
_struct_conn.ptnr1_auth_comp_id 
_struct_conn.ptnr1_auth_seq_id 
_struct_conn.ptnr2_auth_asym_id 
_struct_conn.ptnr2_auth_comp_id 
_struct_conn.ptnr2_auth_seq_id 
_struct_conn.ptnr2_symmetry 
_struct_conn.pdbx_ptnr3_label_atom_id 
_struct_conn.pdbx_ptnr3_label_seq_id 
_struct_conn.pdbx_ptnr3_label_comp_id 
_struct_conn.pdbx_ptnr3_label_asym_id 
_struct_conn.pdbx_ptnr3_label_alt_id 
_struct_conn.pdbx_ptnr3_PDB_ins_code 
_struct_conn.details 
_struct_conn.pdbx_dist_value 
_struct_conn.pdbx_value_order 
_struct_conn.pdbx_role 
disulf1 disulf ? ? A CYS 11 SG ? ? ? 1_555 A CYS 63 SG ? ? A CYS 11 A CYS 63 1_555 ? ? ? ? ? ? ? 2.113 ? ? 
disulf2 disulf ? ? A CYS 24 SG ? ? ? 1_555 A CYS 48 SG ? ? A CYS 24 A CYS 48 1_555 ? ? ? ? ? ? ? 2.022 ? ? 
disulf3 disulf ? ? A CYS 33 SG ? ? ? 1_555 A CYS 58 SG ? ? A CYS 33 A CYS 58 1_555 ? ? ? ? ? ? ? 1.969 ? ? 
disulf4 disulf ? ? A CYS 37 SG ? ? ? 1_555 A CYS 60 SG ? ? A CYS 37 A CYS 60 1_555 ? ? ? ? ? ? ? 2.104 ? ? 
# 
_struct_conn_type.id          disulf 
_struct_conn_type.criteria    ? 
_struct_conn_type.reference   ? 
# 
loop_
_pdbx_modification_feature.ordinal 
_pdbx_modification_feature.label_comp_id 
_pdbx_modification_feature.label_asym_id 
_pdbx_modification_feature.label_seq_id 
_pdbx_modification_feature.label_alt_id 
_pdbx_modification_feature.modified_residue_label_comp_id 
_pdbx_modification_feature.modified_residue_label_asym_id 
_pdbx_modification_feature.modified_residue_label_seq_id 
_pdbx_modification_feature.modified_residue_label_alt_id 
_pdbx_modification_feature.auth_comp_id 
_pdbx_modification_feature.auth_asym_id 
_pdbx_modification_feature.auth_seq_id 
_pdbx_modification_feature.PDB_ins_code 
_pdbx_modification_feature.symmetry 
_pdbx_modification_feature.modified_residue_auth_comp_id 
_pdbx_modification_feature.modified_residue_auth_asym_id 
_pdbx_modification_feature.modified_residue_auth_seq_id 
_pdbx_modification_feature.modified_residue_PDB_ins_code 
_pdbx_modification_feature.modified_residue_symmetry 
_pdbx_modification_feature.comp_id_linking_atom 
_pdbx_modification_feature.modified_residue_id_linking_atom 
_pdbx_modification_feature.modified_residue_id 
_pdbx_modification_feature.ref_pcm_id 
_pdbx_modification_feature.ref_comp_id 
_pdbx_modification_feature.type 
_pdbx_modification_feature.category 
1 CYS A 11 ? CYS A 63 ? CYS A 11 ? 1_555 CYS A 63 ? 1_555 SG SG . . . None 'Disulfide bridge' 
2 CYS A 24 ? CYS A 48 ? CYS A 24 ? 1_555 CYS A 48 ? 1_555 SG SG . . . None 'Disulfide bridge' 
3 CYS A 33 ? CYS A 58 ? CYS A 33 ? 1_555 CYS A 58 ? 1_555 SG SG . . . None 'Disulfide bridge' 
4 CYS A 37 ? CYS A 60 ? CYS A 37 ? 1_555 CYS A 60 ? 1_555 SG SG . . . None 'Disulfide bridge' 
# 
_struct_sheet.id               A 
_struct_sheet.type             ? 
_struct_sheet.number_strands   2 
_struct_sheet.details          ? 
# 
_struct_sheet_order.sheet_id     A 
_struct_sheet_order.range_id_1   1 
_struct_sheet_order.range_id_2   2 
_struct_sheet_order.offset       ? 
_struct_sheet_order.sense        anti-parallel 
# 
loop_
_struct_sheet_range.sheet_id 
_struct_sheet_range.id 
_struct_sheet_range.beg_label_comp_id 
_struct_sheet_range.beg_label_asym_id 
_struct_sheet_range.beg_label_seq_id 
_struct_sheet_range.pdbx_beg_PDB_ins_code 
_struct_sheet_range.end_label_comp_id 
_struct_sheet_range.end_label_asym_id 
_struct_sheet_range.end_label_seq_id 
_struct_sheet_range.pdbx_end_PDB_ins_code 
_struct_sheet_range.beg_auth_comp_id 
_struct_sheet_range.beg_auth_asym_id 
_struct_sheet_range.beg_auth_seq_id 
_struct_sheet_range.end_auth_comp_id 
_struct_sheet_range.end_auth_asym_id 
_struct_sheet_range.end_auth_seq_id 
A 1 GLY A 45 ? CYS A 48 ? GLY A 45 CYS A 48 
A 2 CYS A 58 ? ASP A 61 ? CYS A 58 ASP A 61 
# 
_pdbx_struct_sheet_hbond.sheet_id                A 
_pdbx_struct_sheet_hbond.range_id_1              1 
_pdbx_struct_sheet_hbond.range_id_2              2 
_pdbx_struct_sheet_hbond.range_1_label_atom_id   N 
_pdbx_struct_sheet_hbond.range_1_label_comp_id   ARG 
_pdbx_struct_sheet_hbond.range_1_label_asym_id   A 
_pdbx_struct_sheet_hbond.range_1_label_seq_id    47 
_pdbx_struct_sheet_hbond.range_1_PDB_ins_code    ? 
_pdbx_struct_sheet_hbond.range_1_auth_atom_id    N 
_pdbx_struct_sheet_hbond.range_1_auth_comp_id    ARG 
_pdbx_struct_sheet_hbond.range_1_auth_asym_id    A 
_pdbx_struct_sheet_hbond.range_1_auth_seq_id     47 
_pdbx_struct_sheet_hbond.range_2_label_atom_id   O 
_pdbx_struct_sheet_hbond.range_2_label_comp_id   LEU 
_pdbx_struct_sheet_hbond.range_2_label_asym_id   A 
_pdbx_struct_sheet_hbond.range_2_label_seq_id    59 
_pdbx_struct_sheet_hbond.range_2_PDB_ins_code    ? 
_pdbx_struct_sheet_hbond.range_2_auth_atom_id    O 
_pdbx_struct_sheet_hbond.range_2_auth_comp_id    LEU 
_pdbx_struct_sheet_hbond.range_2_auth_asym_id    A 
_pdbx_struct_sheet_hbond.range_2_auth_seq_id     59 
# 
_pdbx_entry_details.entry_id                   1JXC 
_pdbx_entry_details.compound_details           ? 
_pdbx_entry_details.source_details             ? 
_pdbx_entry_details.nonpolymer_details         ? 
_pdbx_entry_details.sequence_details           ? 
_pdbx_entry_details.has_ligand_of_interest     ? 
_pdbx_entry_details.has_protein_modification   Y 
# 
loop_
_pdbx_validate_torsion.id 
_pdbx_validate_torsion.PDB_model_num 
_pdbx_validate_torsion.auth_comp_id 
_pdbx_validate_torsion.auth_asym_id 
_pdbx_validate_torsion.auth_seq_id 
_pdbx_validate_torsion.PDB_ins_code 
_pdbx_validate_torsion.label_alt_id 
_pdbx_validate_torsion.phi 
_pdbx_validate_torsion.psi 
1  1 PRO A 2  ? ? -74.96  -169.31 
2  1 ILE A 4  ? ? -69.12  60.93   
3  1 GLN A 7  ? ? 61.04   113.09  
4  1 ASN A 9  ? ? -162.12 52.66   
5  1 GLU A 10 ? ? -108.59 -67.86  
6  1 TYR A 15 ? ? 178.55  119.49  
7  1 ASP A 18 ? ? -153.11 28.94   
8  1 CYS A 24 ? ? -69.34  -159.94 
9  1 ALA A 25 ? ? 81.20   120.60  
10 1 ARG A 27 ? ? -140.40 -48.43  
11 1 LYS A 41 ? ? 60.68   -100.27 
12 1 ALA A 43 ? ? -179.26 118.16  
13 1 TRP A 50 ? ? -43.79  -95.12  
14 1 GLN A 52 ? ? 153.70  88.54   
15 1 SER A 54 ? ? 173.74  39.44   
16 1 VAL A 56 ? ? -103.25 -168.29 
17 1 CYS A 63 ? ? -57.21  -76.97  
# 
_pdbx_SG_project.id                    1 
_pdbx_SG_project.project_name          'PSI, Protein Structure Initiative' 
_pdbx_SG_project.full_name_of_center   'Center for Eukaryotic Structural Genomics' 
_pdbx_SG_project.initial_of_center     CESG 
# 
_pdbx_nmr_ensemble.entry_id                             1JXC 
_pdbx_nmr_ensemble.conformers_calculated_total_number   ? 
_pdbx_nmr_ensemble.conformers_submitted_total_number    1 
_pdbx_nmr_ensemble.conformer_selection_criteria         ? 
# 
_pdbx_nmr_representative.entry_id             1JXC 
_pdbx_nmr_representative.conformer_id         ? 
_pdbx_nmr_representative.selection_criteria   'minimized average structure' 
# 
loop_
_pdbx_nmr_sample_details.solution_id 
_pdbx_nmr_sample_details.contents 
_pdbx_nmr_sample_details.solvent_system 
1 
;1mM 15N 13C ATT 
50 mM sodium perdeuterated acetate 
0.1 mM DSS
;
'90% H2O/10% D2O' 
2 
;1mM 15N  ATT 
50 mM sodium perdeuterated acetate 
0.1 mM DSS
;
'90% H2O/10% D2O' 
3 
;1mM ATT 
50 mM sodium perdeuterated acetate 
0.1 mM DSS
;
'90% H2O/10% D2O' 
4 
;1mM ATT 
50 mM sodium perdeuterated acetate 
0.1 mM DSS
;
'99.9% D2O'       
# 
_pdbx_nmr_exptl_sample_conditions.conditions_id       1 
_pdbx_nmr_exptl_sample_conditions.temperature         298 
_pdbx_nmr_exptl_sample_conditions.pressure            1 
_pdbx_nmr_exptl_sample_conditions.pH                  5.0 
_pdbx_nmr_exptl_sample_conditions.ionic_strength      ? 
_pdbx_nmr_exptl_sample_conditions.pressure_units      atm 
_pdbx_nmr_exptl_sample_conditions.temperature_units   K 
# 
loop_
_pdbx_nmr_exptl.experiment_id 
_pdbx_nmr_exptl.solution_id 
_pdbx_nmr_exptl.conditions_id 
_pdbx_nmr_exptl.type 
1 1 1 HNCA                   
2 1 1 'HN(CO)CA'             
3 1 1 HNCACB                 
4 1 1 'C(CO)NH SE'           
5 1 1 3D_15N-separated_NOESY 
6 1 1 3D_13C-separated_NOESY 
# 
_pdbx_nmr_refine.entry_id           1JXC 
_pdbx_nmr_refine.method             'torsion angle dynamics' 
_pdbx_nmr_refine.details            ? 
_pdbx_nmr_refine.software_ordinal   1 
# 
loop_
_pdbx_nmr_software.name 
_pdbx_nmr_software.version 
_pdbx_nmr_software.classification 
_pdbx_nmr_software.authors 
_pdbx_nmr_software.ordinal 
DYANA   1.5 'structure solution' ? 1 
XwinNMR ?   collection           ? 2 
Felix   ?   processing           ? 3 
Sparky  ?   'data analysis'      ? 4 
XEASY   ?   'data analysis'      ? 5 
DYANA   1.5 refinement           ? 6 
# 
loop_
_chem_comp_atom.comp_id 
_chem_comp_atom.atom_id 
_chem_comp_atom.type_symbol 
_chem_comp_atom.pdbx_aromatic_flag 
_chem_comp_atom.pdbx_stereo_config 
_chem_comp_atom.pdbx_ordinal 
ALA N    N N N 1   
ALA CA   C N S 2   
ALA C    C N N 3   
ALA O    O N N 4   
ALA CB   C N N 5   
ALA OXT  O N N 6   
ALA H    H N N 7   
ALA H2   H N N 8   
ALA HA   H N N 9   
ALA HB1  H N N 10  
ALA HB2  H N N 11  
ALA HB3  H N N 12  
ALA HXT  H N N 13  
ARG N    N N N 14  
ARG CA   C N S 15  
ARG C    C N N 16  
ARG O    O N N 17  
ARG CB   C N N 18  
ARG CG   C N N 19  
ARG CD   C N N 20  
ARG NE   N N N 21  
ARG CZ   C N N 22  
ARG NH1  N N N 23  
ARG NH2  N N N 24  
ARG OXT  O N N 25  
ARG H    H N N 26  
ARG H2   H N N 27  
ARG HA   H N N 28  
ARG HB2  H N N 29  
ARG HB3  H N N 30  
ARG HG2  H N N 31  
ARG HG3  H N N 32  
ARG HD2  H N N 33  
ARG HD3  H N N 34  
ARG HE   H N N 35  
ARG HH11 H N N 36  
ARG HH12 H N N 37  
ARG HH21 H N N 38  
ARG HH22 H N N 39  
ARG HXT  H N N 40  
ASN N    N N N 41  
ASN CA   C N S 42  
ASN C    C N N 43  
ASN O    O N N 44  
ASN CB   C N N 45  
ASN CG   C N N 46  
ASN OD1  O N N 47  
ASN ND2  N N N 48  
ASN OXT  O N N 49  
ASN H    H N N 50  
ASN H2   H N N 51  
ASN HA   H N N 52  
ASN HB2  H N N 53  
ASN HB3  H N N 54  
ASN HD21 H N N 55  
ASN HD22 H N N 56  
ASN HXT  H N N 57  
ASP N    N N N 58  
ASP CA   C N S 59  
ASP C    C N N 60  
ASP O    O N N 61  
ASP CB   C N N 62  
ASP CG   C N N 63  
ASP OD1  O N N 64  
ASP OD2  O N N 65  
ASP OXT  O N N 66  
ASP H    H N N 67  
ASP H2   H N N 68  
ASP HA   H N N 69  
ASP HB2  H N N 70  
ASP HB3  H N N 71  
ASP HD2  H N N 72  
ASP HXT  H N N 73  
CYS N    N N N 74  
CYS CA   C N R 75  
CYS C    C N N 76  
CYS O    O N N 77  
CYS CB   C N N 78  
CYS SG   S N N 79  
CYS OXT  O N N 80  
CYS H    H N N 81  
CYS H2   H N N 82  
CYS HA   H N N 83  
CYS HB2  H N N 84  
CYS HB3  H N N 85  
CYS HG   H N N 86  
CYS HXT  H N N 87  
GLN N    N N N 88  
GLN CA   C N S 89  
GLN C    C N N 90  
GLN O    O N N 91  
GLN CB   C N N 92  
GLN CG   C N N 93  
GLN CD   C N N 94  
GLN OE1  O N N 95  
GLN NE2  N N N 96  
GLN OXT  O N N 97  
GLN H    H N N 98  
GLN H2   H N N 99  
GLN HA   H N N 100 
GLN HB2  H N N 101 
GLN HB3  H N N 102 
GLN HG2  H N N 103 
GLN HG3  H N N 104 
GLN HE21 H N N 105 
GLN HE22 H N N 106 
GLN HXT  H N N 107 
GLU N    N N N 108 
GLU CA   C N S 109 
GLU C    C N N 110 
GLU O    O N N 111 
GLU CB   C N N 112 
GLU CG   C N N 113 
GLU CD   C N N 114 
GLU OE1  O N N 115 
GLU OE2  O N N 116 
GLU OXT  O N N 117 
GLU H    H N N 118 
GLU H2   H N N 119 
GLU HA   H N N 120 
GLU HB2  H N N 121 
GLU HB3  H N N 122 
GLU HG2  H N N 123 
GLU HG3  H N N 124 
GLU HE2  H N N 125 
GLU HXT  H N N 126 
GLY N    N N N 127 
GLY CA   C N N 128 
GLY C    C N N 129 
GLY O    O N N 130 
GLY OXT  O N N 131 
GLY H    H N N 132 
GLY H2   H N N 133 
GLY HA2  H N N 134 
GLY HA3  H N N 135 
GLY HXT  H N N 136 
ILE N    N N N 137 
ILE CA   C N S 138 
ILE C    C N N 139 
ILE O    O N N 140 
ILE CB   C N S 141 
ILE CG1  C N N 142 
ILE CG2  C N N 143 
ILE CD1  C N N 144 
ILE OXT  O N N 145 
ILE H    H N N 146 
ILE H2   H N N 147 
ILE HA   H N N 148 
ILE HB   H N N 149 
ILE HG12 H N N 150 
ILE HG13 H N N 151 
ILE HG21 H N N 152 
ILE HG22 H N N 153 
ILE HG23 H N N 154 
ILE HD11 H N N 155 
ILE HD12 H N N 156 
ILE HD13 H N N 157 
ILE HXT  H N N 158 
LEU N    N N N 159 
LEU CA   C N S 160 
LEU C    C N N 161 
LEU O    O N N 162 
LEU CB   C N N 163 
LEU CG   C N N 164 
LEU CD1  C N N 165 
LEU CD2  C N N 166 
LEU OXT  O N N 167 
LEU H    H N N 168 
LEU H2   H N N 169 
LEU HA   H N N 170 
LEU HB2  H N N 171 
LEU HB3  H N N 172 
LEU HG   H N N 173 
LEU HD11 H N N 174 
LEU HD12 H N N 175 
LEU HD13 H N N 176 
LEU HD21 H N N 177 
LEU HD22 H N N 178 
LEU HD23 H N N 179 
LEU HXT  H N N 180 
LYS N    N N N 181 
LYS CA   C N S 182 
LYS C    C N N 183 
LYS O    O N N 184 
LYS CB   C N N 185 
LYS CG   C N N 186 
LYS CD   C N N 187 
LYS CE   C N N 188 
LYS NZ   N N N 189 
LYS OXT  O N N 190 
LYS H    H N N 191 
LYS H2   H N N 192 
LYS HA   H N N 193 
LYS HB2  H N N 194 
LYS HB3  H N N 195 
LYS HG2  H N N 196 
LYS HG3  H N N 197 
LYS HD2  H N N 198 
LYS HD3  H N N 199 
LYS HE2  H N N 200 
LYS HE3  H N N 201 
LYS HZ1  H N N 202 
LYS HZ2  H N N 203 
LYS HZ3  H N N 204 
LYS HXT  H N N 205 
PHE N    N N N 206 
PHE CA   C N S 207 
PHE C    C N N 208 
PHE O    O N N 209 
PHE CB   C N N 210 
PHE CG   C Y N 211 
PHE CD1  C Y N 212 
PHE CD2  C Y N 213 
PHE CE1  C Y N 214 
PHE CE2  C Y N 215 
PHE CZ   C Y N 216 
PHE OXT  O N N 217 
PHE H    H N N 218 
PHE H2   H N N 219 
PHE HA   H N N 220 
PHE HB2  H N N 221 
PHE HB3  H N N 222 
PHE HD1  H N N 223 
PHE HD2  H N N 224 
PHE HE1  H N N 225 
PHE HE2  H N N 226 
PHE HZ   H N N 227 
PHE HXT  H N N 228 
PRO N    N N N 229 
PRO CA   C N S 230 
PRO C    C N N 231 
PRO O    O N N 232 
PRO CB   C N N 233 
PRO CG   C N N 234 
PRO CD   C N N 235 
PRO OXT  O N N 236 
PRO H    H N N 237 
PRO HA   H N N 238 
PRO HB2  H N N 239 
PRO HB3  H N N 240 
PRO HG2  H N N 241 
PRO HG3  H N N 242 
PRO HD2  H N N 243 
PRO HD3  H N N 244 
PRO HXT  H N N 245 
SER N    N N N 246 
SER CA   C N S 247 
SER C    C N N 248 
SER O    O N N 249 
SER CB   C N N 250 
SER OG   O N N 251 
SER OXT  O N N 252 
SER H    H N N 253 
SER H2   H N N 254 
SER HA   H N N 255 
SER HB2  H N N 256 
SER HB3  H N N 257 
SER HG   H N N 258 
SER HXT  H N N 259 
THR N    N N N 260 
THR CA   C N S 261 
THR C    C N N 262 
THR O    O N N 263 
THR CB   C N R 264 
THR OG1  O N N 265 
THR CG2  C N N 266 
THR OXT  O N N 267 
THR H    H N N 268 
THR H2   H N N 269 
THR HA   H N N 270 
THR HB   H N N 271 
THR HG1  H N N 272 
THR HG21 H N N 273 
THR HG22 H N N 274 
THR HG23 H N N 275 
THR HXT  H N N 276 
TRP N    N N N 277 
TRP CA   C N S 278 
TRP C    C N N 279 
TRP O    O N N 280 
TRP CB   C N N 281 
TRP CG   C Y N 282 
TRP CD1  C Y N 283 
TRP CD2  C Y N 284 
TRP NE1  N Y N 285 
TRP CE2  C Y N 286 
TRP CE3  C Y N 287 
TRP CZ2  C Y N 288 
TRP CZ3  C Y N 289 
TRP CH2  C Y N 290 
TRP OXT  O N N 291 
TRP H    H N N 292 
TRP H2   H N N 293 
TRP HA   H N N 294 
TRP HB2  H N N 295 
TRP HB3  H N N 296 
TRP HD1  H N N 297 
TRP HE1  H N N 298 
TRP HE3  H N N 299 
TRP HZ2  H N N 300 
TRP HZ3  H N N 301 
TRP HH2  H N N 302 
TRP HXT  H N N 303 
TYR N    N N N 304 
TYR CA   C N S 305 
TYR C    C N N 306 
TYR O    O N N 307 
TYR CB   C N N 308 
TYR CG   C Y N 309 
TYR CD1  C Y N 310 
TYR CD2  C Y N 311 
TYR CE1  C Y N 312 
TYR CE2  C Y N 313 
TYR CZ   C Y N 314 
TYR OH   O N N 315 
TYR OXT  O N N 316 
TYR H    H N N 317 
TYR H2   H N N 318 
TYR HA   H N N 319 
TYR HB2  H N N 320 
TYR HB3  H N N 321 
TYR HD1  H N N 322 
TYR HD2  H N N 323 
TYR HE1  H N N 324 
TYR HE2  H N N 325 
TYR HH   H N N 326 
TYR HXT  H N N 327 
VAL N    N N N 328 
VAL CA   C N S 329 
VAL C    C N N 330 
VAL O    O N N 331 
VAL CB   C N N 332 
VAL CG1  C N N 333 
VAL CG2  C N N 334 
VAL OXT  O N N 335 
VAL H    H N N 336 
VAL H2   H N N 337 
VAL HA   H N N 338 
VAL HB   H N N 339 
VAL HG11 H N N 340 
VAL HG12 H N N 341 
VAL HG13 H N N 342 
VAL HG21 H N N 343 
VAL HG22 H N N 344 
VAL HG23 H N N 345 
VAL HXT  H N N 346 
# 
loop_
_chem_comp_bond.comp_id 
_chem_comp_bond.atom_id_1 
_chem_comp_bond.atom_id_2 
_chem_comp_bond.value_order 
_chem_comp_bond.pdbx_aromatic_flag 
_chem_comp_bond.pdbx_stereo_config 
_chem_comp_bond.pdbx_ordinal 
ALA N   CA   sing N N 1   
ALA N   H    sing N N 2   
ALA N   H2   sing N N 3   
ALA CA  C    sing N N 4   
ALA CA  CB   sing N N 5   
ALA CA  HA   sing N N 6   
ALA C   O    doub N N 7   
ALA C   OXT  sing N N 8   
ALA CB  HB1  sing N N 9   
ALA CB  HB2  sing N N 10  
ALA CB  HB3  sing N N 11  
ALA OXT HXT  sing N N 12  
ARG N   CA   sing N N 13  
ARG N   H    sing N N 14  
ARG N   H2   sing N N 15  
ARG CA  C    sing N N 16  
ARG CA  CB   sing N N 17  
ARG CA  HA   sing N N 18  
ARG C   O    doub N N 19  
ARG C   OXT  sing N N 20  
ARG CB  CG   sing N N 21  
ARG CB  HB2  sing N N 22  
ARG CB  HB3  sing N N 23  
ARG CG  CD   sing N N 24  
ARG CG  HG2  sing N N 25  
ARG CG  HG3  sing N N 26  
ARG CD  NE   sing N N 27  
ARG CD  HD2  sing N N 28  
ARG CD  HD3  sing N N 29  
ARG NE  CZ   sing N N 30  
ARG NE  HE   sing N N 31  
ARG CZ  NH1  sing N N 32  
ARG CZ  NH2  doub N N 33  
ARG NH1 HH11 sing N N 34  
ARG NH1 HH12 sing N N 35  
ARG NH2 HH21 sing N N 36  
ARG NH2 HH22 sing N N 37  
ARG OXT HXT  sing N N 38  
ASN N   CA   sing N N 39  
ASN N   H    sing N N 40  
ASN N   H2   sing N N 41  
ASN CA  C    sing N N 42  
ASN CA  CB   sing N N 43  
ASN CA  HA   sing N N 44  
ASN C   O    doub N N 45  
ASN C   OXT  sing N N 46  
ASN CB  CG   sing N N 47  
ASN CB  HB2  sing N N 48  
ASN CB  HB3  sing N N 49  
ASN CG  OD1  doub N N 50  
ASN CG  ND2  sing N N 51  
ASN ND2 HD21 sing N N 52  
ASN ND2 HD22 sing N N 53  
ASN OXT HXT  sing N N 54  
ASP N   CA   sing N N 55  
ASP N   H    sing N N 56  
ASP N   H2   sing N N 57  
ASP CA  C    sing N N 58  
ASP CA  CB   sing N N 59  
ASP CA  HA   sing N N 60  
ASP C   O    doub N N 61  
ASP C   OXT  sing N N 62  
ASP CB  CG   sing N N 63  
ASP CB  HB2  sing N N 64  
ASP CB  HB3  sing N N 65  
ASP CG  OD1  doub N N 66  
ASP CG  OD2  sing N N 67  
ASP OD2 HD2  sing N N 68  
ASP OXT HXT  sing N N 69  
CYS N   CA   sing N N 70  
CYS N   H    sing N N 71  
CYS N   H2   sing N N 72  
CYS CA  C    sing N N 73  
CYS CA  CB   sing N N 74  
CYS CA  HA   sing N N 75  
CYS C   O    doub N N 76  
CYS C   OXT  sing N N 77  
CYS CB  SG   sing N N 78  
CYS CB  HB2  sing N N 79  
CYS CB  HB3  sing N N 80  
CYS SG  HG   sing N N 81  
CYS OXT HXT  sing N N 82  
GLN N   CA   sing N N 83  
GLN N   H    sing N N 84  
GLN N   H2   sing N N 85  
GLN CA  C    sing N N 86  
GLN CA  CB   sing N N 87  
GLN CA  HA   sing N N 88  
GLN C   O    doub N N 89  
GLN C   OXT  sing N N 90  
GLN CB  CG   sing N N 91  
GLN CB  HB2  sing N N 92  
GLN CB  HB3  sing N N 93  
GLN CG  CD   sing N N 94  
GLN CG  HG2  sing N N 95  
GLN CG  HG3  sing N N 96  
GLN CD  OE1  doub N N 97  
GLN CD  NE2  sing N N 98  
GLN NE2 HE21 sing N N 99  
GLN NE2 HE22 sing N N 100 
GLN OXT HXT  sing N N 101 
GLU N   CA   sing N N 102 
GLU N   H    sing N N 103 
GLU N   H2   sing N N 104 
GLU CA  C    sing N N 105 
GLU CA  CB   sing N N 106 
GLU CA  HA   sing N N 107 
GLU C   O    doub N N 108 
GLU C   OXT  sing N N 109 
GLU CB  CG   sing N N 110 
GLU CB  HB2  sing N N 111 
GLU CB  HB3  sing N N 112 
GLU CG  CD   sing N N 113 
GLU CG  HG2  sing N N 114 
GLU CG  HG3  sing N N 115 
GLU CD  OE1  doub N N 116 
GLU CD  OE2  sing N N 117 
GLU OE2 HE2  sing N N 118 
GLU OXT HXT  sing N N 119 
GLY N   CA   sing N N 120 
GLY N   H    sing N N 121 
GLY N   H2   sing N N 122 
GLY CA  C    sing N N 123 
GLY CA  HA2  sing N N 124 
GLY CA  HA3  sing N N 125 
GLY C   O    doub N N 126 
GLY C   OXT  sing N N 127 
GLY OXT HXT  sing N N 128 
ILE N   CA   sing N N 129 
ILE N   H    sing N N 130 
ILE N   H2   sing N N 131 
ILE CA  C    sing N N 132 
ILE CA  CB   sing N N 133 
ILE CA  HA   sing N N 134 
ILE C   O    doub N N 135 
ILE C   OXT  sing N N 136 
ILE CB  CG1  sing N N 137 
ILE CB  CG2  sing N N 138 
ILE CB  HB   sing N N 139 
ILE CG1 CD1  sing N N 140 
ILE CG1 HG12 sing N N 141 
ILE CG1 HG13 sing N N 142 
ILE CG2 HG21 sing N N 143 
ILE CG2 HG22 sing N N 144 
ILE CG2 HG23 sing N N 145 
ILE CD1 HD11 sing N N 146 
ILE CD1 HD12 sing N N 147 
ILE CD1 HD13 sing N N 148 
ILE OXT HXT  sing N N 149 
LEU N   CA   sing N N 150 
LEU N   H    sing N N 151 
LEU N   H2   sing N N 152 
LEU CA  C    sing N N 153 
LEU CA  CB   sing N N 154 
LEU CA  HA   sing N N 155 
LEU C   O    doub N N 156 
LEU C   OXT  sing N N 157 
LEU CB  CG   sing N N 158 
LEU CB  HB2  sing N N 159 
LEU CB  HB3  sing N N 160 
LEU CG  CD1  sing N N 161 
LEU CG  CD2  sing N N 162 
LEU CG  HG   sing N N 163 
LEU CD1 HD11 sing N N 164 
LEU CD1 HD12 sing N N 165 
LEU CD1 HD13 sing N N 166 
LEU CD2 HD21 sing N N 167 
LEU CD2 HD22 sing N N 168 
LEU CD2 HD23 sing N N 169 
LEU OXT HXT  sing N N 170 
LYS N   CA   sing N N 171 
LYS N   H    sing N N 172 
LYS N   H2   sing N N 173 
LYS CA  C    sing N N 174 
LYS CA  CB   sing N N 175 
LYS CA  HA   sing N N 176 
LYS C   O    doub N N 177 
LYS C   OXT  sing N N 178 
LYS CB  CG   sing N N 179 
LYS CB  HB2  sing N N 180 
LYS CB  HB3  sing N N 181 
LYS CG  CD   sing N N 182 
LYS CG  HG2  sing N N 183 
LYS CG  HG3  sing N N 184 
LYS CD  CE   sing N N 185 
LYS CD  HD2  sing N N 186 
LYS CD  HD3  sing N N 187 
LYS CE  NZ   sing N N 188 
LYS CE  HE2  sing N N 189 
LYS CE  HE3  sing N N 190 
LYS NZ  HZ1  sing N N 191 
LYS NZ  HZ2  sing N N 192 
LYS NZ  HZ3  sing N N 193 
LYS OXT HXT  sing N N 194 
PHE N   CA   sing N N 195 
PHE N   H    sing N N 196 
PHE N   H2   sing N N 197 
PHE CA  C    sing N N 198 
PHE CA  CB   sing N N 199 
PHE CA  HA   sing N N 200 
PHE C   O    doub N N 201 
PHE C   OXT  sing N N 202 
PHE CB  CG   sing N N 203 
PHE CB  HB2  sing N N 204 
PHE CB  HB3  sing N N 205 
PHE CG  CD1  doub Y N 206 
PHE CG  CD2  sing Y N 207 
PHE CD1 CE1  sing Y N 208 
PHE CD1 HD1  sing N N 209 
PHE CD2 CE2  doub Y N 210 
PHE CD2 HD2  sing N N 211 
PHE CE1 CZ   doub Y N 212 
PHE CE1 HE1  sing N N 213 
PHE CE2 CZ   sing Y N 214 
PHE CE2 HE2  sing N N 215 
PHE CZ  HZ   sing N N 216 
PHE OXT HXT  sing N N 217 
PRO N   CA   sing N N 218 
PRO N   CD   sing N N 219 
PRO N   H    sing N N 220 
PRO CA  C    sing N N 221 
PRO CA  CB   sing N N 222 
PRO CA  HA   sing N N 223 
PRO C   O    doub N N 224 
PRO C   OXT  sing N N 225 
PRO CB  CG   sing N N 226 
PRO CB  HB2  sing N N 227 
PRO CB  HB3  sing N N 228 
PRO CG  CD   sing N N 229 
PRO CG  HG2  sing N N 230 
PRO CG  HG3  sing N N 231 
PRO CD  HD2  sing N N 232 
PRO CD  HD3  sing N N 233 
PRO OXT HXT  sing N N 234 
SER N   CA   sing N N 235 
SER N   H    sing N N 236 
SER N   H2   sing N N 237 
SER CA  C    sing N N 238 
SER CA  CB   sing N N 239 
SER CA  HA   sing N N 240 
SER C   O    doub N N 241 
SER C   OXT  sing N N 242 
SER CB  OG   sing N N 243 
SER CB  HB2  sing N N 244 
SER CB  HB3  sing N N 245 
SER OG  HG   sing N N 246 
SER OXT HXT  sing N N 247 
THR N   CA   sing N N 248 
THR N   H    sing N N 249 
THR N   H2   sing N N 250 
THR CA  C    sing N N 251 
THR CA  CB   sing N N 252 
THR CA  HA   sing N N 253 
THR C   O    doub N N 254 
THR C   OXT  sing N N 255 
THR CB  OG1  sing N N 256 
THR CB  CG2  sing N N 257 
THR CB  HB   sing N N 258 
THR OG1 HG1  sing N N 259 
THR CG2 HG21 sing N N 260 
THR CG2 HG22 sing N N 261 
THR CG2 HG23 sing N N 262 
THR OXT HXT  sing N N 263 
TRP N   CA   sing N N 264 
TRP N   H    sing N N 265 
TRP N   H2   sing N N 266 
TRP CA  C    sing N N 267 
TRP CA  CB   sing N N 268 
TRP CA  HA   sing N N 269 
TRP C   O    doub N N 270 
TRP C   OXT  sing N N 271 
TRP CB  CG   sing N N 272 
TRP CB  HB2  sing N N 273 
TRP CB  HB3  sing N N 274 
TRP CG  CD1  doub Y N 275 
TRP CG  CD2  sing Y N 276 
TRP CD1 NE1  sing Y N 277 
TRP CD1 HD1  sing N N 278 
TRP CD2 CE2  doub Y N 279 
TRP CD2 CE3  sing Y N 280 
TRP NE1 CE2  sing Y N 281 
TRP NE1 HE1  sing N N 282 
TRP CE2 CZ2  sing Y N 283 
TRP CE3 CZ3  doub Y N 284 
TRP CE3 HE3  sing N N 285 
TRP CZ2 CH2  doub Y N 286 
TRP CZ2 HZ2  sing N N 287 
TRP CZ3 CH2  sing Y N 288 
TRP CZ3 HZ3  sing N N 289 
TRP CH2 HH2  sing N N 290 
TRP OXT HXT  sing N N 291 
TYR N   CA   sing N N 292 
TYR N   H    sing N N 293 
TYR N   H2   sing N N 294 
TYR CA  C    sing N N 295 
TYR CA  CB   sing N N 296 
TYR CA  HA   sing N N 297 
TYR C   O    doub N N 298 
TYR C   OXT  sing N N 299 
TYR CB  CG   sing N N 300 
TYR CB  HB2  sing N N 301 
TYR CB  HB3  sing N N 302 
TYR CG  CD1  doub Y N 303 
TYR CG  CD2  sing Y N 304 
TYR CD1 CE1  sing Y N 305 
TYR CD1 HD1  sing N N 306 
TYR CD2 CE2  doub Y N 307 
TYR CD2 HD2  sing N N 308 
TYR CE1 CZ   doub Y N 309 
TYR CE1 HE1  sing N N 310 
TYR CE2 CZ   sing Y N 311 
TYR CE2 HE2  sing N N 312 
TYR CZ  OH   sing N N 313 
TYR OH  HH   sing N N 314 
TYR OXT HXT  sing N N 315 
VAL N   CA   sing N N 316 
VAL N   H    sing N N 317 
VAL N   H2   sing N N 318 
VAL CA  C    sing N N 319 
VAL CA  CB   sing N N 320 
VAL CA  HA   sing N N 321 
VAL C   O    doub N N 322 
VAL C   OXT  sing N N 323 
VAL CB  CG1  sing N N 324 
VAL CB  CG2  sing N N 325 
VAL CB  HB   sing N N 326 
VAL CG1 HG11 sing N N 327 
VAL CG1 HG12 sing N N 328 
VAL CG1 HG13 sing N N 329 
VAL CG2 HG21 sing N N 330 
VAL CG2 HG22 sing N N 331 
VAL CG2 HG23 sing N N 332 
VAL OXT HXT  sing N N 333 
# 
loop_
_pdbx_nmr_spectrometer.spectrometer_id 
_pdbx_nmr_spectrometer.type 
_pdbx_nmr_spectrometer.manufacturer 
_pdbx_nmr_spectrometer.model 
_pdbx_nmr_spectrometer.field_strength 
1 ? Bruker DMX 500 
2 ? Bruker DMX 600 
3 ? Bruker DMX 750 
# 
_atom_sites.entry_id                    1JXC 
_atom_sites.fract_transf_matrix[1][1]   1.000000 
_atom_sites.fract_transf_matrix[1][2]   0.000000 
_atom_sites.fract_transf_matrix[1][3]   0.000000 
_atom_sites.fract_transf_matrix[2][1]   0.000000 
_atom_sites.fract_transf_matrix[2][2]   1.000000 
_atom_sites.fract_transf_matrix[2][3]   0.000000 
_atom_sites.fract_transf_matrix[3][1]   0.000000 
_atom_sites.fract_transf_matrix[3][2]   0.000000 
_atom_sites.fract_transf_matrix[3][3]   1.000000 
_atom_sites.fract_transf_vector[1]      0.00000 
_atom_sites.fract_transf_vector[2]      0.00000 
_atom_sites.fract_transf_vector[3]      0.00000 
# 
loop_
_atom_type.symbol 
C 
H 
N 
O 
S 
# 
loop_
_atom_site.group_PDB 
_atom_site.id 
_atom_site.type_symbol 
_atom_site.label_atom_id 
_atom_site.label_alt_id 
_atom_site.label_comp_id 
_atom_site.label_asym_id 
_atom_site.label_entity_id 
_atom_site.label_seq_id 
_atom_site.pdbx_PDB_ins_code 
_atom_site.Cartn_x 
_atom_site.Cartn_y 
_atom_site.Cartn_z 
_atom_site.occupancy 
_atom_site.B_iso_or_equiv 
_atom_site.pdbx_formal_charge 
_atom_site.auth_seq_id 
_atom_site.auth_comp_id 
_atom_site.auth_asym_id 
_atom_site.auth_atom_id 
_atom_site.pdbx_PDB_model_num 
ATOM 1   N N    . CYS A 1 1  ? 16.826  -5.338  -26.560 1.00 0.00 ? 1  CYS A N    1 
ATOM 2   C CA   . CYS A 1 1  ? 16.722  -5.207  -25.117 1.00 0.00 ? 1  CYS A CA   1 
ATOM 3   C C    . CYS A 1 1  ? 15.495  -5.993  -24.650 1.00 0.00 ? 1  CYS A C    1 
ATOM 4   O O    . CYS A 1 1  ? 14.594  -6.270  -25.440 1.00 0.00 ? 1  CYS A O    1 
ATOM 5   C CB   . CYS A 1 1  ? 16.659  -3.740  -24.684 1.00 0.00 ? 1  CYS A CB   1 
ATOM 6   S SG   . CYS A 1 1  ? 17.787  -2.735  -25.717 1.00 0.00 ? 1  CYS A SG   1 
ATOM 7   H H1   . CYS A 1 1  ? 16.519  -4.541  -27.080 1.00 0.00 ? 1  CYS A H1   1 
ATOM 8   H HA   . CYS A 1 1  ? 17.635  -5.630  -24.697 1.00 0.00 ? 1  CYS A HA   1 
ATOM 9   H HB2  . CYS A 1 1  ? 15.638  -3.370  -24.779 1.00 0.00 ? 1  CYS A HB2  1 
ATOM 10  H HB3  . CYS A 1 1  ? 16.935  -3.650  -23.634 1.00 0.00 ? 1  CYS A HB3  1 
ATOM 11  H HG   . CYS A 1 1  ? 16.846  -1.937  -26.213 1.00 0.00 ? 1  CYS A HG   1 
ATOM 12  N N    . PRO A 1 2  ? 15.501  -6.340  -23.335 1.00 0.00 ? 2  PRO A N    1 
ATOM 13  C CA   . PRO A 1 2  ? 14.399  -7.089  -22.754 1.00 0.00 ? 2  PRO A CA   1 
ATOM 14  C C    . PRO A 1 2  ? 13.175  -6.193  -22.549 1.00 0.00 ? 2  PRO A C    1 
ATOM 15  O O    . PRO A 1 2  ? 13.138  -5.065  -23.037 1.00 0.00 ? 2  PRO A O    1 
ATOM 16  C CB   . PRO A 1 2  ? 14.948  -7.651  -21.453 1.00 0.00 ? 2  PRO A CB   1 
ATOM 17  C CG   . PRO A 1 2  ? 16.178  -6.819  -21.126 1.00 0.00 ? 2  PRO A CG   1 
ATOM 18  C CD   . PRO A 1 2  ? 16.551  -6.029  -22.370 1.00 0.00 ? 2  PRO A CD   1 
ATOM 19  H HA   . PRO A 1 2  ? 14.105  -7.814  -23.377 1.00 0.00 ? 2  PRO A HA   1 
ATOM 20  H HB2  . PRO A 1 2  ? 14.209  -7.584  -20.656 1.00 0.00 ? 2  PRO A HB2  1 
ATOM 21  H HB3  . PRO A 1 2  ? 15.206  -8.705  -21.562 1.00 0.00 ? 2  PRO A HB3  1 
ATOM 22  H HG2  . PRO A 1 2  ? 15.973  -6.146  -20.294 1.00 0.00 ? 2  PRO A HG2  1 
ATOM 23  H HG3  . PRO A 1 2  ? 17.003  -7.463  -20.820 1.00 0.00 ? 2  PRO A HG3  1 
ATOM 24  H HD2  . PRO A 1 2  ? 16.594  -4.960  -22.162 1.00 0.00 ? 2  PRO A HD2  1 
ATOM 25  H HD3  . PRO A 1 2  ? 17.532  -6.322  -22.745 1.00 0.00 ? 2  PRO A HD3  1 
ATOM 26  N N    . GLU A 1 3  ? 12.204  -6.730  -21.824 1.00 0.00 ? 3  GLU A N    1 
ATOM 27  C CA   . GLU A 1 3  ? 10.982  -5.993  -21.548 1.00 0.00 ? 3  GLU A CA   1 
ATOM 28  C C    . GLU A 1 3  ? 10.562  -6.190  -20.090 1.00 0.00 ? 3  GLU A C    1 
ATOM 29  O O    . GLU A 1 3  ? 9.871   -7.154  -19.764 1.00 0.00 ? 3  GLU A O    1 
ATOM 30  C CB   . GLU A 1 3  ? 9.863   -6.412  -22.502 1.00 0.00 ? 3  GLU A CB   1 
ATOM 31  C CG   . GLU A 1 3  ? 10.412  -6.698  -23.902 1.00 0.00 ? 3  GLU A CG   1 
ATOM 32  C CD   . GLU A 1 3  ? 9.337   -7.315  -24.798 1.00 0.00 ? 3  GLU A CD   1 
ATOM 33  O OE1  . GLU A 1 3  ? 9.551   -8.395  -25.370 1.00 0.00 ? 3  GLU A OE1  1 
ATOM 34  O OE2  . GLU A 1 3  ? 8.246   -6.633  -24.890 1.00 0.00 ? 3  GLU A OE2  1 
ATOM 35  H H    . GLU A 1 3  ? 12.243  -7.648  -21.430 1.00 0.00 ? 3  GLU A H    1 
ATOM 36  H HA   . GLU A 1 3  ? 11.229  -4.947  -21.725 1.00 0.00 ? 3  GLU A HA   1 
ATOM 37  H HB2  . GLU A 1 3  ? 9.363   -7.300  -22.116 1.00 0.00 ? 3  GLU A HB2  1 
ATOM 38  H HB3  . GLU A 1 3  ? 9.112   -5.624  -22.557 1.00 0.00 ? 3  GLU A HB3  1 
ATOM 39  H HG2  . GLU A 1 3  ? 10.777  -5.774  -24.349 1.00 0.00 ? 3  GLU A HG2  1 
ATOM 40  H HG3  . GLU A 1 3  ? 11.264  -7.375  -23.830 1.00 0.00 ? 3  GLU A HG3  1 
ATOM 41  H HE2  . GLU A 1 3  ? 8.352   -5.755  -24.422 1.00 0.00 ? 3  GLU A HE2  1 
ATOM 42  N N    . ILE A 1 4  ? 10.996  -5.261  -19.253 1.00 0.00 ? 4  ILE A N    1 
ATOM 43  C CA   . ILE A 1 4  ? 10.674  -5.319  -17.836 1.00 0.00 ? 4  ILE A CA   1 
ATOM 44  C C    . ILE A 1 4  ? 9.180   -5.050  -17.646 1.00 0.00 ? 4  ILE A C    1 
ATOM 45  O O    . ILE A 1 4  ? 8.799   -4.087  -16.983 1.00 0.00 ? 4  ILE A O    1 
ATOM 46  C CB   . ILE A 1 4  ? 11.576  -4.373  -17.042 1.00 0.00 ? 4  ILE A CB   1 
ATOM 47  C CG1  . ILE A 1 4  ? 11.539  -2.960  -17.628 1.00 0.00 ? 4  ILE A CG1  1 
ATOM 48  C CG2  . ILE A 1 4  ? 13.002  -4.919  -16.953 1.00 0.00 ? 4  ILE A CG2  1 
ATOM 49  C CD1  . ILE A 1 4  ? 11.124  -1.937  -16.567 1.00 0.00 ? 4  ILE A CD1  1 
ATOM 50  H H    . ILE A 1 4  ? 11.558  -4.479  -19.526 1.00 0.00 ? 4  ILE A H    1 
ATOM 51  H HA   . ILE A 1 4  ? 10.889  -6.332  -17.495 1.00 0.00 ? 4  ILE A HA   1 
ATOM 52  H HB   . ILE A 1 4  ? 11.192  -4.310  -16.024 1.00 0.00 ? 4  ILE A HB   1 
ATOM 53  H HG12 . ILE A 1 4  ? 12.521  -2.701  -18.023 1.00 0.00 ? 4  ILE A HG12 1 
ATOM 54  H HG13 . ILE A 1 4  ? 10.840  -2.927  -18.463 1.00 0.00 ? 4  ILE A HG13 1 
ATOM 55  H HG21 . ILE A 1 4  ? 12.980  -5.925  -16.530 1.00 0.00 ? 4  ILE A HG21 1 
ATOM 56  H HG22 . ILE A 1 4  ? 13.440  -4.954  -17.950 1.00 0.00 ? 4  ILE A HG22 1 
ATOM 57  H HG23 . ILE A 1 4  ? 13.601  -4.270  -16.316 1.00 0.00 ? 4  ILE A HG23 1 
ATOM 58  H HD11 . ILE A 1 4  ? 10.538  -2.433  -15.794 1.00 0.00 ? 4  ILE A HD11 1 
ATOM 59  H HD12 . ILE A 1 4  ? 12.016  -1.496  -16.121 1.00 0.00 ? 4  ILE A HD12 1 
ATOM 60  H HD13 . ILE A 1 4  ? 10.525  -1.154  -17.033 1.00 0.00 ? 4  ILE A HD13 1 
ATOM 61  N N    . GLU A 1 5  ? 8.374   -5.918  -18.241 1.00 0.00 ? 5  GLU A N    1 
ATOM 62  C CA   . GLU A 1 5  ? 6.930   -5.786  -18.144 1.00 0.00 ? 5  GLU A CA   1 
ATOM 63  C C    . GLU A 1 5  ? 6.470   -6.028  -16.706 1.00 0.00 ? 5  GLU A C    1 
ATOM 64  O O    . GLU A 1 5  ? 6.481   -7.162  -16.229 1.00 0.00 ? 5  GLU A O    1 
ATOM 65  C CB   . GLU A 1 5  ? 6.227   -6.739  -19.113 1.00 0.00 ? 5  GLU A CB   1 
ATOM 66  C CG   . GLU A 1 5  ? 5.366   -5.965  -20.115 1.00 0.00 ? 5  GLU A CG   1 
ATOM 67  C CD   . GLU A 1 5  ? 4.796   -6.900  -21.184 1.00 0.00 ? 5  GLU A CD   1 
ATOM 68  O OE1  . GLU A 1 5  ? 4.893   -8.128  -21.048 1.00 0.00 ? 5  GLU A OE1  1 
ATOM 69  O OE2  . GLU A 1 5  ? 4.235   -6.308  -22.182 1.00 0.00 ? 5  GLU A OE2  1 
ATOM 70  H H    . GLU A 1 5  ? 8.693   -6.699  -18.778 1.00 0.00 ? 5  GLU A H    1 
ATOM 71  H HA   . GLU A 1 5  ? 6.714   -4.758  -18.434 1.00 0.00 ? 5  GLU A HA   1 
ATOM 72  H HB2  . GLU A 1 5  ? 6.969   -7.332  -19.648 1.00 0.00 ? 5  GLU A HB2  1 
ATOM 73  H HB3  . GLU A 1 5  ? 5.603   -7.436  -18.555 1.00 0.00 ? 5  GLU A HB3  1 
ATOM 74  H HG2  . GLU A 1 5  ? 4.552   -5.466  -19.590 1.00 0.00 ? 5  GLU A HG2  1 
ATOM 75  H HG3  . GLU A 1 5  ? 5.965   -5.187  -20.589 1.00 0.00 ? 5  GLU A HG3  1 
ATOM 76  H HE2  . GLU A 1 5  ? 3.710   -5.519  -21.862 1.00 0.00 ? 5  GLU A HE2  1 
ATOM 77  N N    . ALA A 1 6  ? 6.075   -4.944  -16.054 1.00 0.00 ? 6  ALA A N    1 
ATOM 78  C CA   . ALA A 1 6  ? 5.612   -5.024  -14.679 1.00 0.00 ? 6  ALA A CA   1 
ATOM 79  C C    . ALA A 1 6  ? 4.263   -4.312  -14.558 1.00 0.00 ? 6  ALA A C    1 
ATOM 80  O O    . ALA A 1 6  ? 4.130   -3.155  -14.955 1.00 0.00 ? 6  ALA A O    1 
ATOM 81  C CB   . ALA A 1 6  ? 6.671   -4.431  -13.747 1.00 0.00 ? 6  ALA A CB   1 
ATOM 82  H H    . ALA A 1 6  ? 6.069   -4.025  -16.449 1.00 0.00 ? 6  ALA A H    1 
ATOM 83  H HA   . ALA A 1 6  ? 5.480   -6.078  -14.435 1.00 0.00 ? 6  ALA A HA   1 
ATOM 84  H HB1  . ALA A 1 6  ? 6.373   -4.591  -12.711 1.00 0.00 ? 6  ALA A HB1  1 
ATOM 85  H HB2  . ALA A 1 6  ? 7.629   -4.918  -13.930 1.00 0.00 ? 6  ALA A HB2  1 
ATOM 86  H HB3  . ALA A 1 6  ? 6.765   -3.362  -13.938 1.00 0.00 ? 6  ALA A HB3  1 
ATOM 87  N N    . GLN A 1 7  ? 3.297   -5.032  -14.008 1.00 0.00 ? 7  GLN A N    1 
ATOM 88  C CA   . GLN A 1 7  ? 1.963   -4.483  -13.828 1.00 0.00 ? 7  GLN A CA   1 
ATOM 89  C C    . GLN A 1 7  ? 1.357   -4.111  -15.182 1.00 0.00 ? 7  GLN A C    1 
ATOM 90  O O    . GLN A 1 7  ? 1.833   -3.194  -15.850 1.00 0.00 ? 7  GLN A O    1 
ATOM 91  C CB   . GLN A 1 7  ? 1.990   -3.276  -12.888 1.00 0.00 ? 7  GLN A CB   1 
ATOM 92  C CG   . GLN A 1 7  ? 0.861   -2.298  -13.220 1.00 0.00 ? 7  GLN A CG   1 
ATOM 93  C CD   . GLN A 1 7  ? 1.328   -1.242  -14.225 1.00 0.00 ? 7  GLN A CD   1 
ATOM 94  O OE1  . GLN A 1 7  ? 2.450   -0.765  -14.186 1.00 0.00 ? 7  GLN A OE1  1 
ATOM 95  N NE2  . GLN A 1 7  ? 0.408   -0.906  -15.123 1.00 0.00 ? 7  GLN A NE2  1 
ATOM 96  H H    . GLN A 1 7  ? 3.413   -5.973  -13.687 1.00 0.00 ? 7  GLN A H    1 
ATOM 97  H HA   . GLN A 1 7  ? 1.381   -5.282  -13.368 1.00 0.00 ? 7  GLN A HA   1 
ATOM 98  H HB2  . GLN A 1 7  ? 1.892   -3.612  -11.857 1.00 0.00 ? 7  GLN A HB2  1 
ATOM 99  H HB3  . GLN A 1 7  ? 2.951   -2.769  -12.969 1.00 0.00 ? 7  GLN A HB3  1 
ATOM 100 H HG2  . GLN A 1 7  ? 0.011   -2.844  -13.630 1.00 0.00 ? 7  GLN A HG2  1 
ATOM 101 H HG3  . GLN A 1 7  ? 0.518   -1.810  -12.308 1.00 0.00 ? 7  GLN A HG3  1 
ATOM 102 H HE21 . GLN A 1 7  ? -0.495  -1.337  -15.100 1.00 0.00 ? 7  GLN A HE21 1 
ATOM 103 H HE22 . GLN A 1 7  ? 0.617   -0.223  -15.823 1.00 0.00 ? 7  GLN A HE22 1 
ATOM 104 N N    . GLY A 1 8  ? 0.314   -4.841  -15.548 1.00 0.00 ? 8  GLY A N    1 
ATOM 105 C CA   . GLY A 1 8  ? -0.364  -4.599  -16.810 1.00 0.00 ? 8  GLY A CA   1 
ATOM 106 C C    . GLY A 1 8  ? -1.719  -3.923  -16.584 1.00 0.00 ? 8  GLY A C    1 
ATOM 107 O O    . GLY A 1 8  ? -2.233  -3.245  -17.472 1.00 0.00 ? 8  GLY A O    1 
ATOM 108 H H    . GLY A 1 8  ? -0.068  -5.585  -15.000 1.00 0.00 ? 8  GLY A H    1 
ATOM 109 H HA2  . GLY A 1 8  ? 0.259   -3.971  -17.447 1.00 0.00 ? 8  GLY A HA2  1 
ATOM 110 H HA3  . GLY A 1 8  ? -0.509  -5.543  -17.337 1.00 0.00 ? 8  GLY A HA3  1 
ATOM 111 N N    . ASN A 1 9  ? -2.256  -4.130  -15.392 1.00 0.00 ? 9  ASN A N    1 
ATOM 112 C CA   . ASN A 1 9  ? -3.540  -3.549  -15.038 1.00 0.00 ? 9  ASN A CA   1 
ATOM 113 C C    . ASN A 1 9  ? -3.702  -3.567  -13.517 1.00 0.00 ? 9  ASN A C    1 
ATOM 114 O O    . ASN A 1 9  ? -4.703  -4.062  -13.001 1.00 0.00 ? 9  ASN A O    1 
ATOM 115 C CB   . ASN A 1 9  ? -4.694  -4.350  -15.646 1.00 0.00 ? 9  ASN A CB   1 
ATOM 116 C CG   . ASN A 1 9  ? -5.031  -3.845  -17.050 1.00 0.00 ? 9  ASN A CG   1 
ATOM 117 O OD1  . ASN A 1 9  ? -4.786  -2.703  -17.403 1.00 0.00 ? 9  ASN A OD1  1 
ATOM 118 N ND2  . ASN A 1 9  ? -5.605  -4.758  -17.829 1.00 0.00 ? 9  ASN A ND2  1 
ATOM 119 H H    . ASN A 1 9  ? -1.831  -4.683  -14.675 1.00 0.00 ? 9  ASN A H    1 
ATOM 120 H HA   . ASN A 1 9  ? -3.518  -2.537  -15.443 1.00 0.00 ? 9  ASN A HA   1 
ATOM 121 H HB2  . ASN A 1 9  ? -4.425  -5.405  -15.689 1.00 0.00 ? 9  ASN A HB2  1 
ATOM 122 H HB3  . ASN A 1 9  ? -5.573  -4.271  -15.006 1.00 0.00 ? 9  ASN A HB3  1 
ATOM 123 H HD21 . ASN A 1 9  ? -5.778  -5.677  -17.478 1.00 0.00 ? 9  ASN A HD21 1 
ATOM 124 H HD22 . ASN A 1 9  ? -5.863  -4.524  -18.767 1.00 0.00 ? 9  ASN A HD22 1 
ATOM 125 N N    . GLU A 1 10 ? -2.701  -3.023  -12.841 1.00 0.00 ? 10 GLU A N    1 
ATOM 126 C CA   . GLU A 1 10 ? -2.720  -2.971  -11.388 1.00 0.00 ? 10 GLU A CA   1 
ATOM 127 C C    . GLU A 1 10 ? -2.942  -1.534  -10.912 1.00 0.00 ? 10 GLU A C    1 
ATOM 128 O O    . GLU A 1 10 ? -3.987  -1.219  -10.345 1.00 0.00 ? 10 GLU A O    1 
ATOM 129 C CB   . GLU A 1 10 ? -1.431  -3.550  -10.803 1.00 0.00 ? 10 GLU A CB   1 
ATOM 130 C CG   . GLU A 1 10 ? -1.210  -4.988  -11.277 1.00 0.00 ? 10 GLU A CG   1 
ATOM 131 C CD   . GLU A 1 10 ? -1.378  -5.978  -10.122 1.00 0.00 ? 10 GLU A CD   1 
ATOM 132 O OE1  . GLU A 1 10 ? -1.874  -5.601  -9.050  1.00 0.00 ? 10 GLU A OE1  1 
ATOM 133 O OE2  . GLU A 1 10 ? -0.972  -7.177  -10.368 1.00 0.00 ? 10 GLU A OE2  1 
ATOM 134 H H    . GLU A 1 10 ? -1.890  -2.623  -13.268 1.00 0.00 ? 10 GLU A H    1 
ATOM 135 H HA   . GLU A 1 10 ? -3.562  -3.595  -11.087 1.00 0.00 ? 10 GLU A HA   1 
ATOM 136 H HB2  . GLU A 1 10 ? -0.583  -2.933  -11.098 1.00 0.00 ? 10 GLU A HB2  1 
ATOM 137 H HB3  . GLU A 1 10 ? -1.479  -3.525  -9.714  1.00 0.00 ? 10 GLU A HB3  1 
ATOM 138 H HG2  . GLU A 1 10 ? -1.920  -5.226  -12.069 1.00 0.00 ? 10 GLU A HG2  1 
ATOM 139 H HG3  . GLU A 1 10 ? -0.211  -5.086  -11.702 1.00 0.00 ? 10 GLU A HG3  1 
ATOM 140 H HE2  . GLU A 1 10 ? -1.092  -7.752  -9.560  1.00 0.00 ? 10 GLU A HE2  1 
ATOM 141 N N    . CYS A 1 11 ? -1.941  -0.701  -11.160 1.00 0.00 ? 11 CYS A N    1 
ATOM 142 C CA   . CYS A 1 11 ? -2.015  0.695   -10.763 1.00 0.00 ? 11 CYS A CA   1 
ATOM 143 C C    . CYS A 1 11 ? -1.801  0.777   -9.250  1.00 0.00 ? 11 CYS A C    1 
ATOM 144 O O    . CYS A 1 11 ? -2.307  1.686   -8.595  1.00 0.00 ? 11 CYS A O    1 
ATOM 145 C CB   . CYS A 1 11 ? -3.338  1.335   -11.188 1.00 0.00 ? 11 CYS A CB   1 
ATOM 146 S SG   . CYS A 1 11 ? -3.261  3.141   -11.470 1.00 0.00 ? 11 CYS A SG   1 
ATOM 147 H H    . CYS A 1 11 ? -1.095  -0.966  -11.622 1.00 0.00 ? 11 CYS A H    1 
ATOM 148 H HA   . CYS A 1 11 ? -1.218  1.214   -11.294 1.00 0.00 ? 11 CYS A HA   1 
ATOM 149 H HB2  . CYS A 1 11 ? -3.682  0.853   -12.102 1.00 0.00 ? 11 CYS A HB2  1 
ATOM 150 H HB3  . CYS A 1 11 ? -4.085  1.133   -10.420 1.00 0.00 ? 11 CYS A HB3  1 
ATOM 151 N N    . LEU A 1 12 ? -1.050  -0.189  -8.738  1.00 0.00 ? 12 LEU A N    1 
ATOM 152 C CA   . LEU A 1 12 ? -0.763  -0.237  -7.314  1.00 0.00 ? 12 LEU A CA   1 
ATOM 153 C C    . LEU A 1 12 ? 0.748   -0.366  -7.107  1.00 0.00 ? 12 LEU A C    1 
ATOM 154 O O    . LEU A 1 12 ? 1.425   -1.058  -7.866  1.00 0.00 ? 12 LEU A O    1 
ATOM 155 C CB   . LEU A 1 12 ? -1.573  -1.348  -6.643  1.00 0.00 ? 12 LEU A CB   1 
ATOM 156 C CG   . LEU A 1 12 ? -2.980  -0.966  -6.182  1.00 0.00 ? 12 LEU A CG   1 
ATOM 157 C CD1  . LEU A 1 12 ? -2.927  0.056   -5.044  1.00 0.00 ? 12 LEU A CD1  1 
ATOM 158 C CD2  . LEU A 1 12 ? -3.827  -0.472  -7.357  1.00 0.00 ? 12 LEU A CD2  1 
ATOM 159 H H    . LEU A 1 12 ? -0.641  -0.925  -9.278  1.00 0.00 ? 12 LEU A H    1 
ATOM 160 H HA   . LEU A 1 12 ? -1.092  0.707   -6.883  1.00 0.00 ? 12 LEU A HA   1 
ATOM 161 H HB2  . LEU A 1 12 ? -1.654  -2.183  -7.338  1.00 0.00 ? 12 LEU A HB2  1 
ATOM 162 H HB3  . LEU A 1 12 ? -1.013  -1.705  -5.779  1.00 0.00 ? 12 LEU A HB3  1 
ATOM 163 H HG   . LEU A 1 12 ? -3.466  -1.861  -5.789  1.00 0.00 ? 12 LEU A HG   1 
ATOM 164 H HD11 . LEU A 1 12 ? -2.544  -0.424  -4.143  1.00 0.00 ? 12 LEU A HD11 1 
ATOM 165 H HD12 . LEU A 1 12 ? -2.270  0.878   -5.326  1.00 0.00 ? 12 LEU A HD12 1 
ATOM 166 H HD13 . LEU A 1 12 ? -3.930  0.439   -4.853  1.00 0.00 ? 12 LEU A HD13 1 
ATOM 167 H HD21 . LEU A 1 12 ? -3.909  0.614   -7.314  1.00 0.00 ? 12 LEU A HD21 1 
ATOM 168 H HD22 . LEU A 1 12 ? -3.354  -0.765  -8.294  1.00 0.00 ? 12 LEU A HD22 1 
ATOM 169 H HD23 . LEU A 1 12 ? -4.822  -0.914  -7.299  1.00 0.00 ? 12 LEU A HD23 1 
ATOM 170 N N    . LYS A 1 13 ? 1.231   0.312   -6.076  1.00 0.00 ? 13 LYS A N    1 
ATOM 171 C CA   . LYS A 1 13 ? 2.649   0.281   -5.760  1.00 0.00 ? 13 LYS A CA   1 
ATOM 172 C C    . LYS A 1 13 ? 2.843   -0.307  -4.361  1.00 0.00 ? 13 LYS A C    1 
ATOM 173 O O    . LYS A 1 13 ? 1.954   -0.215  -3.516  1.00 0.00 ? 13 LYS A O    1 
ATOM 174 C CB   . LYS A 1 13 ? 3.266   1.671   -5.933  1.00 0.00 ? 13 LYS A CB   1 
ATOM 175 C CG   . LYS A 1 13 ? 4.364   1.655   -6.997  1.00 0.00 ? 13 LYS A CG   1 
ATOM 176 C CD   . LYS A 1 13 ? 4.879   3.068   -7.276  1.00 0.00 ? 13 LYS A CD   1 
ATOM 177 C CE   . LYS A 1 13 ? 4.057   3.746   -8.373  1.00 0.00 ? 13 LYS A CE   1 
ATOM 178 N NZ   . LYS A 1 13 ? 4.944   4.429   -9.339  1.00 0.00 ? 13 LYS A NZ   1 
ATOM 179 H H    . LYS A 1 13 ? 0.673   0.872   -5.464  1.00 0.00 ? 13 LYS A H    1 
ATOM 180 H HA   . LYS A 1 13 ? 3.131   -0.377  -6.483  1.00 0.00 ? 13 LYS A HA   1 
ATOM 181 H HB2  . LYS A 1 13 ? 2.492   2.385   -6.214  1.00 0.00 ? 13 LYS A HB2  1 
ATOM 182 H HB3  . LYS A 1 13 ? 3.680   2.010   -4.983  1.00 0.00 ? 13 LYS A HB3  1 
ATOM 183 H HG2  . LYS A 1 13 ? 5.189   1.022   -6.665  1.00 0.00 ? 13 LYS A HG2  1 
ATOM 184 H HG3  . LYS A 1 13 ? 3.977   1.217   -7.918  1.00 0.00 ? 13 LYS A HG3  1 
ATOM 185 H HD2  . LYS A 1 13 ? 4.834   3.662   -6.362  1.00 0.00 ? 13 LYS A HD2  1 
ATOM 186 H HD3  . LYS A 1 13 ? 5.926   3.026   -7.575  1.00 0.00 ? 13 LYS A HD3  1 
ATOM 187 H HE2  . LYS A 1 13 ? 3.448   3.004   -8.890  1.00 0.00 ? 13 LYS A HE2  1 
ATOM 188 H HE3  . LYS A 1 13 ? 3.369   4.466   -7.929  1.00 0.00 ? 13 LYS A HE3  1 
ATOM 189 H HZ1  . LYS A 1 13 ? 4.513   5.260   -9.731  1.00 0.00 ? 13 LYS A HZ1  1 
ATOM 190 H HZ3  . LYS A 1 13 ? 5.190   3.831   -10.120 1.00 0.00 ? 13 LYS A HZ3  1 
ATOM 191 N N    . GLU A 1 14 ? 4.010   -0.901  -4.161  1.00 0.00 ? 14 GLU A N    1 
ATOM 192 C CA   . GLU A 1 14 ? 4.332   -1.506  -2.879  1.00 0.00 ? 14 GLU A CA   1 
ATOM 193 C C    . GLU A 1 14 ? 5.227   -0.572  -2.062  1.00 0.00 ? 14 GLU A C    1 
ATOM 194 O O    . GLU A 1 14 ? 6.030   0.172   -2.622  1.00 0.00 ? 14 GLU A O    1 
ATOM 195 C CB   . GLU A 1 14 ? 4.991   -2.873  -3.068  1.00 0.00 ? 14 GLU A CB   1 
ATOM 196 C CG   . GLU A 1 14 ? 6.517   -2.752  -3.057  1.00 0.00 ? 14 GLU A CG   1 
ATOM 197 C CD   . GLU A 1 14 ? 7.160   -3.849  -3.908  1.00 0.00 ? 14 GLU A CD   1 
ATOM 198 O OE1  . GLU A 1 14 ? 6.500   -4.415  -4.792  1.00 0.00 ? 14 GLU A OE1  1 
ATOM 199 O OE2  . GLU A 1 14 ? 8.391   -4.108  -3.624  1.00 0.00 ? 14 GLU A OE2  1 
ATOM 200 H H    . GLU A 1 14 ? 4.727   -0.973  -4.854  1.00 0.00 ? 14 GLU A H    1 
ATOM 201 H HA   . GLU A 1 14 ? 3.375   -1.638  -2.373  1.00 0.00 ? 14 GLU A HA   1 
ATOM 202 H HB2  . GLU A 1 14 ? 4.671   -3.548  -2.275  1.00 0.00 ? 14 GLU A HB2  1 
ATOM 203 H HB3  . GLU A 1 14 ? 4.665   -3.312  -4.011  1.00 0.00 ? 14 GLU A HB3  1 
ATOM 204 H HG2  . GLU A 1 14 ? 6.809   -1.773  -3.437  1.00 0.00 ? 14 GLU A HG2  1 
ATOM 205 H HG3  . GLU A 1 14 ? 6.883   -2.819  -2.033  1.00 0.00 ? 14 GLU A HG3  1 
ATOM 206 H HE2  . GLU A 1 14 ? 8.713   -4.881  -4.169  1.00 0.00 ? 14 GLU A HE2  1 
ATOM 207 N N    . TYR A 1 15 ? 5.059   -0.643  -0.749  1.00 0.00 ? 15 TYR A N    1 
ATOM 208 C CA   . TYR A 1 15 ? 5.842   0.186   0.151   1.00 0.00 ? 15 TYR A CA   1 
ATOM 209 C C    . TYR A 1 15 ? 5.440   -0.054  1.608   1.00 0.00 ? 15 TYR A C    1 
ATOM 210 O O    . TYR A 1 15 ? 4.289   0.166   1.981   1.00 0.00 ? 15 TYR A O    1 
ATOM 211 C CB   . TYR A 1 15 ? 5.521   1.634   -0.223  1.00 0.00 ? 15 TYR A CB   1 
ATOM 212 C CG   . TYR A 1 15 ? 6.714   2.585   -0.112  1.00 0.00 ? 15 TYR A CG   1 
ATOM 213 C CD1  . TYR A 1 15 ? 7.051   3.130   1.109   1.00 0.00 ? 15 TYR A CD1  1 
ATOM 214 C CD2  . TYR A 1 15 ? 7.454   2.898   -1.235  1.00 0.00 ? 15 TYR A CD2  1 
ATOM 215 C CE1  . TYR A 1 15 ? 8.175   4.025   1.214   1.00 0.00 ? 15 TYR A CE1  1 
ATOM 216 C CE2  . TYR A 1 15 ? 8.577   3.793   -1.131  1.00 0.00 ? 15 TYR A CE2  1 
ATOM 217 C CZ   . TYR A 1 15 ? 8.882   4.312   0.088   1.00 0.00 ? 15 TYR A CZ   1 
ATOM 218 O OH   . TYR A 1 15 ? 9.943   5.158   0.186   1.00 0.00 ? 15 TYR A OH   1 
ATOM 219 H H    . TYR A 1 15 ? 4.404   -1.251  -0.301  1.00 0.00 ? 15 TYR A H    1 
ATOM 220 H HA   . TYR A 1 15 ? 6.892   -0.078  0.024   1.00 0.00 ? 15 TYR A HA   1 
ATOM 221 H HB2  . TYR A 1 15 ? 5.142   1.660   -1.245  1.00 0.00 ? 15 TYR A HB2  1 
ATOM 222 H HB3  . TYR A 1 15 ? 4.720   1.996   0.422   1.00 0.00 ? 15 TYR A HB3  1 
ATOM 223 H HD1  . TYR A 1 15 ? 6.467   2.883   1.997   1.00 0.00 ? 15 TYR A HD1  1 
ATOM 224 H HD2  . TYR A 1 15 ? 7.187   2.467   -2.201  1.00 0.00 ? 15 TYR A HD2  1 
ATOM 225 H HE1  . TYR A 1 15 ? 8.452   4.463   2.172   1.00 0.00 ? 15 TYR A HE1  1 
ATOM 226 H HE2  . TYR A 1 15 ? 9.169   4.048   -2.010  1.00 0.00 ? 15 TYR A HE2  1 
ATOM 227 H HH   . TYR A 1 15 ? 9.942   5.605   1.080   1.00 0.00 ? 15 TYR A HH   1 
ATOM 228 N N    . GLY A 1 16 ? 6.411   -0.502  2.390   1.00 0.00 ? 16 GLY A N    1 
ATOM 229 C CA   . GLY A 1 16 ? 6.172   -0.774  3.797   1.00 0.00 ? 16 GLY A CA   1 
ATOM 230 C C    . GLY A 1 16 ? 6.511   -2.226  4.140   1.00 0.00 ? 16 GLY A C    1 
ATOM 231 O O    . GLY A 1 16 ? 6.377   -3.114  3.299   1.00 0.00 ? 16 GLY A O    1 
ATOM 232 H H    . GLY A 1 16 ? 7.344   -0.679  2.078   1.00 0.00 ? 16 GLY A H    1 
ATOM 233 H HA2  . GLY A 1 16 ? 6.773   -0.102  4.409   1.00 0.00 ? 16 GLY A HA2  1 
ATOM 234 H HA3  . GLY A 1 16 ? 5.127   -0.575  4.038   1.00 0.00 ? 16 GLY A HA3  1 
ATOM 235 N N    . GLY A 1 17 ? 6.945   -2.422  5.377   1.00 0.00 ? 17 GLY A N    1 
ATOM 236 C CA   . GLY A 1 17 ? 7.305   -3.751  5.841   1.00 0.00 ? 17 GLY A CA   1 
ATOM 237 C C    . GLY A 1 17 ? 6.748   -4.013  7.241   1.00 0.00 ? 17 GLY A C    1 
ATOM 238 O O    . GLY A 1 17 ? 7.142   -4.973  7.902   1.00 0.00 ? 17 GLY A O    1 
ATOM 239 H H    . GLY A 1 17 ? 7.050   -1.695  6.054   1.00 0.00 ? 17 GLY A H    1 
ATOM 240 H HA2  . GLY A 1 17 ? 6.922   -4.499  5.147   1.00 0.00 ? 17 GLY A HA2  1 
ATOM 241 H HA3  . GLY A 1 17 ? 8.391   -3.855  5.853   1.00 0.00 ? 17 GLY A HA3  1 
ATOM 242 N N    . ASP A 1 18 ? 5.839   -3.141  7.654   1.00 0.00 ? 18 ASP A N    1 
ATOM 243 C CA   . ASP A 1 18 ? 5.223   -3.265  8.965   1.00 0.00 ? 18 ASP A CA   1 
ATOM 244 C C    . ASP A 1 18 ? 3.834   -2.625  8.933   1.00 0.00 ? 18 ASP A C    1 
ATOM 245 O O    . ASP A 1 18 ? 3.350   -2.133  9.952   1.00 0.00 ? 18 ASP A O    1 
ATOM 246 C CB   . ASP A 1 18 ? 6.051   -2.549  10.033  1.00 0.00 ? 18 ASP A CB   1 
ATOM 247 C CG   . ASP A 1 18 ? 6.557   -3.442  11.167  1.00 0.00 ? 18 ASP A CG   1 
ATOM 248 O OD1  . ASP A 1 18 ? 7.178   -4.488  10.926  1.00 0.00 ? 18 ASP A OD1  1 
ATOM 249 O OD2  . ASP A 1 18 ? 6.285   -3.021  12.355  1.00 0.00 ? 18 ASP A OD2  1 
ATOM 250 H H    . ASP A 1 18 ? 5.523   -2.363  7.111   1.00 0.00 ? 18 ASP A H    1 
ATOM 251 H HA   . ASP A 1 18 ? 5.183   -4.337  9.161   1.00 0.00 ? 18 ASP A HA   1 
ATOM 252 H HB2  . ASP A 1 18 ? 6.908   -2.077  9.551   1.00 0.00 ? 18 ASP A HB2  1 
ATOM 253 H HB3  . ASP A 1 18 ? 5.447   -1.749  10.462  1.00 0.00 ? 18 ASP A HB3  1 
ATOM 254 H HD2  . ASP A 1 18 ? 5.757   -3.711  12.850  1.00 0.00 ? 18 ASP A HD2  1 
ATOM 255 N N    . VAL A 1 19 ? 3.232   -2.650  7.753   1.00 0.00 ? 19 VAL A N    1 
ATOM 256 C CA   . VAL A 1 19 ? 1.908   -2.077  7.576   1.00 0.00 ? 19 VAL A CA   1 
ATOM 257 C C    . VAL A 1 19 ? 1.034   -3.057  6.791   1.00 0.00 ? 19 VAL A C    1 
ATOM 258 O O    . VAL A 1 19 ? 0.282   -2.652  5.905   1.00 0.00 ? 19 VAL A O    1 
ATOM 259 C CB   . VAL A 1 19 ? 2.017   -0.705  6.908   1.00 0.00 ? 19 VAL A CB   1 
ATOM 260 C CG1  . VAL A 1 19 ? 2.108   0.408   7.953   1.00 0.00 ? 19 VAL A CG1  1 
ATOM 261 C CG2  . VAL A 1 19 ? 3.208   -0.656  5.949   1.00 0.00 ? 19 VAL A CG2  1 
ATOM 262 H H    . VAL A 1 19 ? 3.632   -3.052  6.929   1.00 0.00 ? 19 VAL A H    1 
ATOM 263 H HA   . VAL A 1 19 ? 1.476   -1.937  8.566   1.00 0.00 ? 19 VAL A HA   1 
ATOM 264 H HB   . VAL A 1 19 ? 1.111   -0.544  6.324   1.00 0.00 ? 19 VAL A HB   1 
ATOM 265 H HG11 . VAL A 1 19 ? 2.164   -0.032  8.948   1.00 0.00 ? 19 VAL A HG11 1 
ATOM 266 H HG12 . VAL A 1 19 ? 3.000   1.007   7.770   1.00 0.00 ? 19 VAL A HG12 1 
ATOM 267 H HG13 . VAL A 1 19 ? 1.225   1.043   7.885   1.00 0.00 ? 19 VAL A HG13 1 
ATOM 268 H HG21 . VAL A 1 19 ? 3.385   -1.649  5.536   1.00 0.00 ? 19 VAL A HG21 1 
ATOM 269 H HG22 . VAL A 1 19 ? 2.993   0.041   5.139   1.00 0.00 ? 19 VAL A HG22 1 
ATOM 270 H HG23 . VAL A 1 19 ? 4.095   -0.323  6.488   1.00 0.00 ? 19 VAL A HG23 1 
ATOM 271 N N    . GLY A 1 20 ? 1.162   -4.328  7.143   1.00 0.00 ? 20 GLY A N    1 
ATOM 272 C CA   . GLY A 1 20 ? 0.393   -5.369  6.482   1.00 0.00 ? 20 GLY A CA   1 
ATOM 273 C C    . GLY A 1 20 ? -1.077  -5.314  6.901   1.00 0.00 ? 20 GLY A C    1 
ATOM 274 O O    . GLY A 1 20 ? -1.655  -4.233  7.010   1.00 0.00 ? 20 GLY A O    1 
ATOM 275 H H    . GLY A 1 20 ? 1.776   -4.649  7.865   1.00 0.00 ? 20 GLY A H    1 
ATOM 276 H HA2  . GLY A 1 20 ? 0.471   -5.253  5.402   1.00 0.00 ? 20 GLY A HA2  1 
ATOM 277 H HA3  . GLY A 1 20 ? 0.809   -6.345  6.729   1.00 0.00 ? 20 GLY A HA3  1 
ATOM 278 N N    . PHE A 1 21 ? -1.639  -6.492  7.126   1.00 0.00 ? 21 PHE A N    1 
ATOM 279 C CA   . PHE A 1 21 ? -3.032  -6.592  7.531   1.00 0.00 ? 21 PHE A CA   1 
ATOM 280 C C    . PHE A 1 21 ? -3.267  -5.880  8.864   1.00 0.00 ? 21 PHE A C    1 
ATOM 281 O O    . PHE A 1 21 ? -4.313  -5.263  9.066   1.00 0.00 ? 21 PHE A O    1 
ATOM 282 C CB   . PHE A 1 21 ? -3.343  -8.080  7.699   1.00 0.00 ? 21 PHE A CB   1 
ATOM 283 C CG   . PHE A 1 21 ? -4.574  -8.365  8.562   1.00 0.00 ? 21 PHE A CG   1 
ATOM 284 C CD1  . PHE A 1 21 ? -4.453  -8.436  9.915   1.00 0.00 ? 21 PHE A CD1  1 
ATOM 285 C CD2  . PHE A 1 21 ? -5.788  -8.547  7.977   1.00 0.00 ? 21 PHE A CD2  1 
ATOM 286 C CE1  . PHE A 1 21 ? -5.596  -8.700  10.717  1.00 0.00 ? 21 PHE A CE1  1 
ATOM 287 C CE2  . PHE A 1 21 ? -6.930  -8.810  8.779   1.00 0.00 ? 21 PHE A CE2  1 
ATOM 288 C CZ   . PHE A 1 21 ? -6.810  -8.882  10.132  1.00 0.00 ? 21 PHE A CZ   1 
ATOM 289 H H    . PHE A 1 21 ? -1.162  -7.366  7.035   1.00 0.00 ? 21 PHE A H    1 
ATOM 290 H HA   . PHE A 1 21 ? -3.630  -6.114  6.755   1.00 0.00 ? 21 PHE A HA   1 
ATOM 291 H HB2  . PHE A 1 21 ? -3.493  -8.523  6.714   1.00 0.00 ? 21 PHE A HB2  1 
ATOM 292 H HB3  . PHE A 1 21 ? -2.478  -8.574  8.143   1.00 0.00 ? 21 PHE A HB3  1 
ATOM 293 H HD1  . PHE A 1 21 ? -3.480  -8.291  10.384  1.00 0.00 ? 21 PHE A HD1  1 
ATOM 294 H HD2  . PHE A 1 21 ? -5.884  -8.490  6.893   1.00 0.00 ? 21 PHE A HD2  1 
ATOM 295 H HE1  . PHE A 1 21 ? -5.499  -8.757  11.801  1.00 0.00 ? 21 PHE A HE1  1 
ATOM 296 H HE2  . PHE A 1 21 ? -7.903  -8.956  8.310   1.00 0.00 ? 21 PHE A HE2  1 
ATOM 297 H HZ   . PHE A 1 21 ? -7.687  -9.084  10.747  1.00 0.00 ? 21 PHE A HZ   1 
ATOM 298 N N    . GLY A 1 22 ? -2.279  -5.988  9.739   1.00 0.00 ? 22 GLY A N    1 
ATOM 299 C CA   . GLY A 1 22 ? -2.365  -5.363  11.048  1.00 0.00 ? 22 GLY A CA   1 
ATOM 300 C C    . GLY A 1 22 ? -3.055  -4.000  10.959  1.00 0.00 ? 22 GLY A C    1 
ATOM 301 O O    . GLY A 1 22 ? -3.758  -3.595  11.883  1.00 0.00 ? 22 GLY A O    1 
ATOM 302 H H    . GLY A 1 22 ? -1.432  -6.492  9.567   1.00 0.00 ? 22 GLY A H    1 
ATOM 303 H HA2  . GLY A 1 22 ? -2.917  -6.010  11.729  1.00 0.00 ? 22 GLY A HA2  1 
ATOM 304 H HA3  . GLY A 1 22 ? -1.365  -5.241  11.463  1.00 0.00 ? 22 GLY A HA3  1 
ATOM 305 N N    . PHE A 1 23 ? -2.830  -3.331  9.838   1.00 0.00 ? 23 PHE A N    1 
ATOM 306 C CA   . PHE A 1 23 ? -3.422  -2.022  9.616   1.00 0.00 ? 23 PHE A CA   1 
ATOM 307 C C    . PHE A 1 23 ? -4.832  -2.148  9.035   1.00 0.00 ? 23 PHE A C    1 
ATOM 308 O O    . PHE A 1 23 ? -5.769  -1.524  9.529   1.00 0.00 ? 23 PHE A O    1 
ATOM 309 C CB   . PHE A 1 23 ? -2.531  -1.293  8.608   1.00 0.00 ? 23 PHE A CB   1 
ATOM 310 C CG   . PHE A 1 23 ? -3.271  -0.257  7.759   1.00 0.00 ? 23 PHE A CG   1 
ATOM 311 C CD1  . PHE A 1 23 ? -3.827  0.834   8.350   1.00 0.00 ? 23 PHE A CD1  1 
ATOM 312 C CD2  . PHE A 1 23 ? -3.371  -0.427  6.414   1.00 0.00 ? 23 PHE A CD2  1 
ATOM 313 C CE1  . PHE A 1 23 ? -4.514  1.796   7.562   1.00 0.00 ? 23 PHE A CE1  1 
ATOM 314 C CE2  . PHE A 1 23 ? -4.057  0.535   5.626   1.00 0.00 ? 23 PHE A CE2  1 
ATOM 315 C CZ   . PHE A 1 23 ? -4.614  1.626   6.217   1.00 0.00 ? 23 PHE A CZ   1 
ATOM 316 H H    . PHE A 1 23 ? -2.258  -3.666  9.091   1.00 0.00 ? 23 PHE A H    1 
ATOM 317 H HA   . PHE A 1 23 ? -3.473  -1.522  10.584  1.00 0.00 ? 23 PHE A HA   1 
ATOM 318 H HB2  . PHE A 1 23 ? -1.722  -0.797  9.145   1.00 0.00 ? 23 PHE A HB2  1 
ATOM 319 H HB3  . PHE A 1 23 ? -2.071  -2.027  7.947   1.00 0.00 ? 23 PHE A HB3  1 
ATOM 320 H HD1  . PHE A 1 23 ? -3.747  0.971   9.428   1.00 0.00 ? 23 PHE A HD1  1 
ATOM 321 H HD2  . PHE A 1 23 ? -2.925  -1.301  5.940   1.00 0.00 ? 23 PHE A HD2  1 
ATOM 322 H HE1  . PHE A 1 23 ? -4.959  2.671   8.036   1.00 0.00 ? 23 PHE A HE1  1 
ATOM 323 H HE2  . PHE A 1 23 ? -4.138  0.399   4.548   1.00 0.00 ? 23 PHE A HE2  1 
ATOM 324 H HZ   . PHE A 1 23 ? -5.140  2.364   5.612   1.00 0.00 ? 23 PHE A HZ   1 
ATOM 325 N N    . CYS A 1 24 ? -4.937  -2.961  7.994   1.00 0.00 ? 24 CYS A N    1 
ATOM 326 C CA   . CYS A 1 24 ? -6.216  -3.178  7.341   1.00 0.00 ? 24 CYS A CA   1 
ATOM 327 C C    . CYS A 1 24 ? -7.115  -3.969  8.293   1.00 0.00 ? 24 CYS A C    1 
ATOM 328 O O    . CYS A 1 24 ? -6.876  -3.995  9.499   1.00 0.00 ? 24 CYS A O    1 
ATOM 329 C CB   . CYS A 1 24 ? -6.051  -3.884  5.993   1.00 0.00 ? 24 CYS A CB   1 
ATOM 330 S SG   . CYS A 1 24 ? -6.997  -3.139  4.615   1.00 0.00 ? 24 CYS A SG   1 
ATOM 331 H H    . CYS A 1 24 ? -4.170  -3.465  7.599   1.00 0.00 ? 24 CYS A H    1 
ATOM 332 H HA   . CYS A 1 24 ? -6.637  -2.192  7.141   1.00 0.00 ? 24 CYS A HA   1 
ATOM 333 H HB2  . CYS A 1 24 ? -4.994  -3.888  5.729   1.00 0.00 ? 24 CYS A HB2  1 
ATOM 334 H HB3  . CYS A 1 24 ? -6.357  -4.924  6.104   1.00 0.00 ? 24 CYS A HB3  1 
ATOM 335 N N    . ALA A 1 25 ? -8.129  -4.595  7.716   1.00 0.00 ? 25 ALA A N    1 
ATOM 336 C CA   . ALA A 1 25 ? -9.065  -5.386  8.498   1.00 0.00 ? 25 ALA A CA   1 
ATOM 337 C C    . ALA A 1 25 ? -10.097 -4.457  9.140   1.00 0.00 ? 25 ALA A C    1 
ATOM 338 O O    . ALA A 1 25 ? -9.741  -3.563  9.906   1.00 0.00 ? 25 ALA A O    1 
ATOM 339 C CB   . ALA A 1 25 ? -8.296  -6.209  9.534   1.00 0.00 ? 25 ALA A CB   1 
ATOM 340 H H    . ALA A 1 25 ? -8.317  -4.569  6.733   1.00 0.00 ? 25 ALA A H    1 
ATOM 341 H HA   . ALA A 1 25 ? -9.575  -6.066  7.816   1.00 0.00 ? 25 ALA A HA   1 
ATOM 342 H HB1  . ALA A 1 25 ? -8.881  -7.086  9.807   1.00 0.00 ? 25 ALA A HB1  1 
ATOM 343 H HB2  . ALA A 1 25 ? -7.342  -6.526  9.111   1.00 0.00 ? 25 ALA A HB2  1 
ATOM 344 H HB3  . ALA A 1 25 ? -8.116  -5.601  10.420  1.00 0.00 ? 25 ALA A HB3  1 
ATOM 345 N N    . PRO A 1 26 ? -11.389 -4.707  8.795   1.00 0.00 ? 26 PRO A N    1 
ATOM 346 C CA   . PRO A 1 26 ? -12.475 -3.904  9.330   1.00 0.00 ? 26 PRO A CA   1 
ATOM 347 C C    . PRO A 1 26 ? -12.758 -4.267  10.789  1.00 0.00 ? 26 PRO A C    1 
ATOM 348 O O    . PRO A 1 26 ? -13.852 -4.722  11.119  1.00 0.00 ? 26 PRO A O    1 
ATOM 349 C CB   . PRO A 1 26 ? -13.654 -4.177  8.411   1.00 0.00 ? 26 PRO A CB   1 
ATOM 350 C CG   . PRO A 1 26 ? -13.324 -5.468  7.680   1.00 0.00 ? 26 PRO A CG   1 
ATOM 351 C CD   . PRO A 1 26 ? -11.847 -5.758  7.891   1.00 0.00 ? 26 PRO A CD   1 
ATOM 352 H HA   . PRO A 1 26 ? -12.223 -2.936  9.333   1.00 0.00 ? 26 PRO A HA   1 
ATOM 353 H HB2  . PRO A 1 26 ? -14.579 -4.277  8.981   1.00 0.00 ? 26 PRO A HB2  1 
ATOM 354 H HB3  . PRO A 1 26 ? -13.800 -3.356  7.709   1.00 0.00 ? 26 PRO A HB3  1 
ATOM 355 H HG2  . PRO A 1 26 ? -13.933 -6.288  8.060   1.00 0.00 ? 26 PRO A HG2  1 
ATOM 356 H HG3  . PRO A 1 26 ? -13.546 -5.372  6.617   1.00 0.00 ? 26 PRO A HG3  1 
ATOM 357 H HD2  . PRO A 1 26 ? -11.695 -6.747  8.323   1.00 0.00 ? 26 PRO A HD2  1 
ATOM 358 H HD3  . PRO A 1 26 ? -11.300 -5.735  6.948   1.00 0.00 ? 26 PRO A HD3  1 
ATOM 359 N N    . ARG A 1 27 ? -11.752 -4.051  11.625  1.00 0.00 ? 27 ARG A N    1 
ATOM 360 C CA   . ARG A 1 27 ? -11.879 -4.350  13.041  1.00 0.00 ? 27 ARG A CA   1 
ATOM 361 C C    . ARG A 1 27 ? -11.196 -3.264  13.876  1.00 0.00 ? 27 ARG A C    1 
ATOM 362 O O    . ARG A 1 27 ? -11.778 -2.751  14.831  1.00 0.00 ? 27 ARG A O    1 
ATOM 363 C CB   . ARG A 1 27 ? -11.258 -5.707  13.376  1.00 0.00 ? 27 ARG A CB   1 
ATOM 364 C CG   . ARG A 1 27 ? -11.083 -5.873  14.887  1.00 0.00 ? 27 ARG A CG   1 
ATOM 365 C CD   . ARG A 1 27 ? -10.970 -7.350  15.268  1.00 0.00 ? 27 ARG A CD   1 
ATOM 366 N NE   . ARG A 1 27 ? -10.099 -8.056  14.302  1.00 0.00 ? 27 ARG A NE   1 
ATOM 367 C CZ   . ARG A 1 27 ? -9.853  -9.384  14.333  1.00 0.00 ? 27 ARG A CZ   1 
ATOM 368 N NH1  . ARG A 1 27 ? -10.415 -10.162 15.283  1.00 0.00 ? 27 ARG A NH1  1 
ATOM 369 N NH2  . ARG A 1 27 ? -9.057  -9.909  13.421  1.00 0.00 ? 27 ARG A NH2  1 
ATOM 370 H H    . ARG A 1 27 ? -10.865 -3.680  11.350  1.00 0.00 ? 27 ARG A H    1 
ATOM 371 H HA   . ARG A 1 27 ? -12.953 -4.369  13.227  1.00 0.00 ? 27 ARG A HA   1 
ATOM 372 H HB2  . ARG A 1 27 ? -11.892 -6.506  12.990  1.00 0.00 ? 27 ARG A HB2  1 
ATOM 373 H HB3  . ARG A 1 27 ? -10.291 -5.801  12.882  1.00 0.00 ? 27 ARG A HB3  1 
ATOM 374 H HG2  . ARG A 1 27 ? -10.190 -5.340  15.214  1.00 0.00 ? 27 ARG A HG2  1 
ATOM 375 H HG3  . ARG A 1 27 ? -11.931 -5.423  15.406  1.00 0.00 ? 27 ARG A HG3  1 
ATOM 376 H HD2  . ARG A 1 27 ? -10.564 -7.445  16.274  1.00 0.00 ? 27 ARG A HD2  1 
ATOM 377 H HD3  . ARG A 1 27 ? -11.960 -7.808  15.278  1.00 0.00 ? 27 ARG A HD3  1 
ATOM 378 H HE   . ARG A 1 27 ? -9.663  -7.516  13.582  1.00 0.00 ? 27 ARG A HE   1 
ATOM 379 H HH11 . ARG A 1 27 ? -11.016 -9.755  15.971  1.00 0.00 ? 27 ARG A HH11 1 
ATOM 380 H HH12 . ARG A 1 27 ? -10.228 -11.144 15.299  1.00 0.00 ? 27 ARG A HH12 1 
ATOM 381 H HH21 . ARG A 1 27 ? -8.826  -10.880 13.374  1.00 0.00 ? 27 ARG A HH21 1 
ATOM 382 N N    . ILE A 1 28 ? -9.971  -2.946  13.485  1.00 0.00 ? 28 ILE A N    1 
ATOM 383 C CA   . ILE A 1 28 ? -9.201  -1.931  14.185  1.00 0.00 ? 28 ILE A CA   1 
ATOM 384 C C    . ILE A 1 28 ? -8.742  -0.867  13.187  1.00 0.00 ? 28 ILE A C    1 
ATOM 385 O O    . ILE A 1 28 ? -8.635  -1.137  11.992  1.00 0.00 ? 28 ILE A O    1 
ATOM 386 C CB   . ILE A 1 28 ? -8.056  -2.574  14.970  1.00 0.00 ? 28 ILE A CB   1 
ATOM 387 C CG1  . ILE A 1 28 ? -7.319  -1.532  15.815  1.00 0.00 ? 28 ILE A CG1  1 
ATOM 388 C CG2  . ILE A 1 28 ? -7.109  -3.330  14.038  1.00 0.00 ? 28 ILE A CG2  1 
ATOM 389 C CD1  . ILE A 1 28 ? -8.162  -1.105  17.019  1.00 0.00 ? 28 ILE A CD1  1 
ATOM 390 H H    . ILE A 1 28 ? -9.504  -3.368  12.708  1.00 0.00 ? 28 ILE A H    1 
ATOM 391 H HA   . ILE A 1 28 ? -9.866  -1.461  14.911  1.00 0.00 ? 28 ILE A HA   1 
ATOM 392 H HB   . ILE A 1 28 ? -8.482  -3.303  15.659  1.00 0.00 ? 28 ILE A HB   1 
ATOM 393 H HG12 . ILE A 1 28 ? -6.370  -1.943  16.158  1.00 0.00 ? 28 ILE A HG12 1 
ATOM 394 H HG13 . ILE A 1 28 ? -7.086  -0.661  15.202  1.00 0.00 ? 28 ILE A HG13 1 
ATOM 395 H HG21 . ILE A 1 28 ? -7.671  -4.077  13.477  1.00 0.00 ? 28 ILE A HG21 1 
ATOM 396 H HG22 . ILE A 1 28 ? -6.644  -2.630  13.345  1.00 0.00 ? 28 ILE A HG22 1 
ATOM 397 H HG23 . ILE A 1 28 ? -6.337  -3.825  14.628  1.00 0.00 ? 28 ILE A HG23 1 
ATOM 398 H HD11 . ILE A 1 28 ? -8.178  -1.910  17.754  1.00 0.00 ? 28 ILE A HD11 1 
ATOM 399 H HD12 . ILE A 1 28 ? -7.728  -0.212  17.467  1.00 0.00 ? 28 ILE A HD12 1 
ATOM 400 H HD13 . ILE A 1 28 ? -9.179  -0.890  16.692  1.00 0.00 ? 28 ILE A HD13 1 
ATOM 401 N N    . PHE A 1 29 ? -8.482  0.321   13.714  1.00 0.00 ? 29 PHE A N    1 
ATOM 402 C CA   . PHE A 1 29 ? -8.036  1.426   12.884  1.00 0.00 ? 29 PHE A CA   1 
ATOM 403 C C    . PHE A 1 29 ? -6.803  2.102   13.488  1.00 0.00 ? 29 PHE A C    1 
ATOM 404 O O    . PHE A 1 29 ? -6.886  3.224   13.984  1.00 0.00 ? 29 PHE A O    1 
ATOM 405 C CB   . PHE A 1 29 ? -9.183  2.438   12.833  1.00 0.00 ? 29 PHE A CB   1 
ATOM 406 C CG   . PHE A 1 29 ? -9.349  3.122   11.474  1.00 0.00 ? 29 PHE A CG   1 
ATOM 407 C CD1  . PHE A 1 29 ? -9.449  2.372   10.343  1.00 0.00 ? 29 PHE A CD1  1 
ATOM 408 C CD2  . PHE A 1 29 ? -9.398  4.478   11.397  1.00 0.00 ? 29 PHE A CD2  1 
ATOM 409 C CE1  . PHE A 1 29 ? -9.603  3.007   9.083   1.00 0.00 ? 29 PHE A CE1  1 
ATOM 410 C CE2  . PHE A 1 29 ? -9.552  5.113   10.136  1.00 0.00 ? 29 PHE A CE2  1 
ATOM 411 C CZ   . PHE A 1 29 ? -9.652  4.363   9.005   1.00 0.00 ? 29 PHE A CZ   1 
ATOM 412 H H    . PHE A 1 29 ? -8.572  0.532   14.688  1.00 0.00 ? 29 PHE A H    1 
ATOM 413 H HA   . PHE A 1 29 ? -7.782  1.016   11.908  1.00 0.00 ? 29 PHE A HA   1 
ATOM 414 H HB2  . PHE A 1 29 ? -10.113 1.931   13.089  1.00 0.00 ? 29 PHE A HB2  1 
ATOM 415 H HB3  . PHE A 1 29 ? -9.016  3.200   13.594  1.00 0.00 ? 29 PHE A HB3  1 
ATOM 416 H HD1  . PHE A 1 29 ? -9.410  1.285   10.406  1.00 0.00 ? 29 PHE A HD1  1 
ATOM 417 H HD2  . PHE A 1 29 ? -9.318  5.079   12.304  1.00 0.00 ? 29 PHE A HD2  1 
ATOM 418 H HE1  . PHE A 1 29 ? -9.683  2.406   8.176   1.00 0.00 ? 29 PHE A HE1  1 
ATOM 419 H HE2  . PHE A 1 29 ? -9.592  6.200   10.075  1.00 0.00 ? 29 PHE A HE2  1 
ATOM 420 H HZ   . PHE A 1 29 ? -9.770  4.850   8.038   1.00 0.00 ? 29 PHE A HZ   1 
ATOM 421 N N    . PRO A 1 30 ? -5.658  1.371   13.423  1.00 0.00 ? 30 PRO A N    1 
ATOM 422 C CA   . PRO A 1 30 ? -4.409  1.887   13.957  1.00 0.00 ? 30 PRO A CA   1 
ATOM 423 C C    . PRO A 1 30 ? -3.819  2.956   13.034  1.00 0.00 ? 30 PRO A C    1 
ATOM 424 O O    . PRO A 1 30 ? -2.860  3.635   13.398  1.00 0.00 ? 30 PRO A O    1 
ATOM 425 C CB   . PRO A 1 30 ? -3.512  0.670   14.105  1.00 0.00 ? 30 PRO A CB   1 
ATOM 426 C CG   . PRO A 1 30 ? -4.119  -0.407  13.220  1.00 0.00 ? 30 PRO A CG   1 
ATOM 427 C CD   . PRO A 1 30 ? -5.523  0.038   12.843  1.00 0.00 ? 30 PRO A CD   1 
ATOM 428 H HA   . PRO A 1 30 ? -4.567  2.340   14.834  1.00 0.00 ? 30 PRO A HA   1 
ATOM 429 H HB2  . PRO A 1 30 ? -2.491  0.898   13.797  1.00 0.00 ? 30 PRO A HB2  1 
ATOM 430 H HB3  . PRO A 1 30 ? -3.466  0.342   15.143  1.00 0.00 ? 30 PRO A HB3  1 
ATOM 431 H HG2  . PRO A 1 30 ? -3.512  -0.553  12.326  1.00 0.00 ? 30 PRO A HG2  1 
ATOM 432 H HG3  . PRO A 1 30 ? -4.149  -1.361  13.746  1.00 0.00 ? 30 PRO A HG3  1 
ATOM 433 H HD2  . PRO A 1 30 ? -5.653  0.063   11.760  1.00 0.00 ? 30 PRO A HD2  1 
ATOM 434 H HD3  . PRO A 1 30 ? -6.274  -0.644  13.239  1.00 0.00 ? 30 PRO A HD3  1 
ATOM 435 N N    . THR A 1 31 ? -4.418  3.074   11.858  1.00 0.00 ? 31 THR A N    1 
ATOM 436 C CA   . THR A 1 31 ? -3.965  4.049   10.881  1.00 0.00 ? 31 THR A CA   1 
ATOM 437 C C    . THR A 1 31 ? -2.438  4.025   10.773  1.00 0.00 ? 31 THR A C    1 
ATOM 438 O O    . THR A 1 31 ? -1.788  5.063   10.891  1.00 0.00 ? 31 THR A O    1 
ATOM 439 C CB   . THR A 1 31 ? -4.524  5.415   11.282  1.00 0.00 ? 31 THR A CB   1 
ATOM 440 O OG1  . THR A 1 31 ? -3.648  6.346   10.653  1.00 0.00 ? 31 THR A OG1  1 
ATOM 441 C CG2  . THR A 1 31 ? -4.362  5.700   12.775  1.00 0.00 ? 31 THR A CG2  1 
ATOM 442 H H    . THR A 1 31 ? -5.198  2.519   11.570  1.00 0.00 ? 31 THR A H    1 
ATOM 443 H HA   . THR A 1 31 ? -4.358  3.765   9.905   1.00 0.00 ? 31 THR A HA   1 
ATOM 444 H HB   . THR A 1 31 ? -5.566  5.513   10.977  1.00 0.00 ? 31 THR A HB   1 
ATOM 445 H HG1  . THR A 1 31 ? -3.977  7.279   10.801  1.00 0.00 ? 31 THR A HG1  1 
ATOM 446 H HG21 . THR A 1 31 ? -4.915  4.956   13.349  1.00 0.00 ? 31 THR A HG21 1 
ATOM 447 H HG22 . THR A 1 31 ? -3.306  5.652   13.041  1.00 0.00 ? 31 THR A HG22 1 
ATOM 448 H HG23 . THR A 1 31 ? -4.748  6.694   13.000  1.00 0.00 ? 31 THR A HG23 1 
ATOM 449 N N    . ILE A 1 32 ? -1.911  2.831   10.551  1.00 0.00 ? 32 ILE A N    1 
ATOM 450 C CA   . ILE A 1 32 ? -0.474  2.657   10.427  1.00 0.00 ? 32 ILE A CA   1 
ATOM 451 C C    . ILE A 1 32 ? -0.044  3.007   9.000   1.00 0.00 ? 32 ILE A C    1 
ATOM 452 O O    . ILE A 1 32 ? 0.874   3.800   8.802   1.00 0.00 ? 32 ILE A O    1 
ATOM 453 C CB   . ILE A 1 32 ? -0.062  1.251   10.866  1.00 0.00 ? 32 ILE A CB   1 
ATOM 454 C CG1  . ILE A 1 32 ? -0.739  0.868   12.183  1.00 0.00 ? 32 ILE A CG1  1 
ATOM 455 C CG2  . ILE A 1 32 ? 1.460   1.125   10.945  1.00 0.00 ? 32 ILE A CG2  1 
ATOM 456 C CD1  . ILE A 1 32 ? -0.288  1.790   13.319  1.00 0.00 ? 32 ILE A CD1  1 
ATOM 457 H H    . ILE A 1 32 ? -2.447  1.991   10.457  1.00 0.00 ? 32 ILE A H    1 
ATOM 458 H HA   . ILE A 1 32 ? 0.000   3.360   11.111  1.00 0.00 ? 32 ILE A HA   1 
ATOM 459 H HB   . ILE A 1 32 ? -0.405  0.544   10.110  1.00 0.00 ? 32 ILE A HB   1 
ATOM 460 H HG12 . ILE A 1 32 ? -1.821  0.926   12.071  1.00 0.00 ? 32 ILE A HG12 1 
ATOM 461 H HG13 . ILE A 1 32 ? -0.499  -0.166  12.432  1.00 0.00 ? 32 ILE A HG13 1 
ATOM 462 H HG21 . ILE A 1 32 ? 1.813   1.560   11.881  1.00 0.00 ? 32 ILE A HG21 1 
ATOM 463 H HG22 . ILE A 1 32 ? 1.739   0.072   10.906  1.00 0.00 ? 32 ILE A HG22 1 
ATOM 464 H HG23 . ILE A 1 32 ? 1.913   1.652   10.105  1.00 0.00 ? 32 ILE A HG23 1 
ATOM 465 H HD11 . ILE A 1 32 ? 0.442   2.504   12.939  1.00 0.00 ? 32 ILE A HD11 1 
ATOM 466 H HD12 . ILE A 1 32 ? -1.151  2.327   13.713  1.00 0.00 ? 32 ILE A HD12 1 
ATOM 467 H HD13 . ILE A 1 32 ? 0.163   1.195   14.113  1.00 0.00 ? 32 ILE A HD13 1 
ATOM 468 N N    . CYS A 1 33 ? -0.729  2.398   8.044   1.00 0.00 ? 33 CYS A N    1 
ATOM 469 C CA   . CYS A 1 33 ? -0.431  2.634   6.642   1.00 0.00 ? 33 CYS A CA   1 
ATOM 470 C C    . CYS A 1 33 ? -0.594  4.129   6.362   1.00 0.00 ? 33 CYS A C    1 
ATOM 471 O O    . CYS A 1 33 ? -0.064  4.641   5.377   1.00 0.00 ? 33 CYS A O    1 
ATOM 472 C CB   . CYS A 1 33 ? -1.311  1.782   5.724   1.00 0.00 ? 33 CYS A CB   1 
ATOM 473 S SG   . CYS A 1 33 ? -0.839  1.820   3.957   1.00 0.00 ? 33 CYS A SG   1 
ATOM 474 H H    . CYS A 1 33 ? -1.475  1.754   8.214   1.00 0.00 ? 33 CYS A H    1 
ATOM 475 H HA   . CYS A 1 33 ? 0.601   2.321   6.485   1.00 0.00 ? 33 CYS A HA   1 
ATOM 476 H HB2  . CYS A 1 33 ? -1.281  0.750   6.072   1.00 0.00 ? 33 CYS A HB2  1 
ATOM 477 H HB3  . CYS A 1 33 ? -2.342  2.120   5.818   1.00 0.00 ? 33 CYS A HB3  1 
ATOM 478 N N    . TYR A 1 34 ? -1.329  4.788   7.245   1.00 0.00 ? 34 TYR A N    1 
ATOM 479 C CA   . TYR A 1 34 ? -1.569  6.214   7.106   1.00 0.00 ? 34 TYR A CA   1 
ATOM 480 C C    . TYR A 1 34 ? -0.296  7.015   7.389   1.00 0.00 ? 34 TYR A C    1 
ATOM 481 O O    . TYR A 1 34 ? 0.083   7.883   6.605   1.00 0.00 ? 34 TYR A O    1 
ATOM 482 C CB   . TYR A 1 34 ? -2.625  6.569   8.154   1.00 0.00 ? 34 TYR A CB   1 
ATOM 483 C CG   . TYR A 1 34 ? -2.845  8.073   8.331   1.00 0.00 ? 34 TYR A CG   1 
ATOM 484 C CD1  . TYR A 1 34 ? -3.318  8.829   7.279   1.00 0.00 ? 34 TYR A CD1  1 
ATOM 485 C CD2  . TYR A 1 34 ? -2.570  8.673   9.544   1.00 0.00 ? 34 TYR A CD2  1 
ATOM 486 C CE1  . TYR A 1 34 ? -3.526  10.245  7.444   1.00 0.00 ? 34 TYR A CE1  1 
ATOM 487 C CE2  . TYR A 1 34 ? -2.777  10.088  9.710   1.00 0.00 ? 34 TYR A CE2  1 
ATOM 488 C CZ   . TYR A 1 34 ? -3.245  10.804  8.653   1.00 0.00 ? 34 TYR A CZ   1 
ATOM 489 O OH   . TYR A 1 34 ? -3.440  12.141  8.810   1.00 0.00 ? 34 TYR A OH   1 
ATOM 490 H H    . TYR A 1 34 ? -1.757  4.364   8.044   1.00 0.00 ? 34 TYR A H    1 
ATOM 491 H HA   . TYR A 1 34 ? -1.887  6.402   6.080   1.00 0.00 ? 34 TYR A HA   1 
ATOM 492 H HB2  . TYR A 1 34 ? -3.570  6.105   7.874   1.00 0.00 ? 34 TYR A HB2  1 
ATOM 493 H HB3  . TYR A 1 34 ? -2.330  6.140   9.111   1.00 0.00 ? 34 TYR A HB3  1 
ATOM 494 H HD1  . TYR A 1 34 ? -3.535  8.356   6.321   1.00 0.00 ? 34 TYR A HD1  1 
ATOM 495 H HD2  . TYR A 1 34 ? -2.197  8.074   10.374  1.00 0.00 ? 34 TYR A HD2  1 
ATOM 496 H HE1  . TYR A 1 34 ? -3.898  10.854  6.622   1.00 0.00 ? 34 TYR A HE1  1 
ATOM 497 H HE2  . TYR A 1 34 ? -2.565  10.574  10.662  1.00 0.00 ? 34 TYR A HE2  1 
ATOM 498 H HH   . TYR A 1 34 ? -3.360  12.605  7.927   1.00 0.00 ? 34 TYR A HH   1 
ATOM 499 N N    . THR A 1 35 ? 0.328   6.693   8.513   1.00 0.00 ? 35 THR A N    1 
ATOM 500 C CA   . THR A 1 35 ? 1.550   7.372   8.910   1.00 0.00 ? 35 THR A CA   1 
ATOM 501 C C    . THR A 1 35 ? 2.731   6.879   8.071   1.00 0.00 ? 35 THR A C    1 
ATOM 502 O O    . THR A 1 35 ? 3.645   7.644   7.770   1.00 0.00 ? 35 THR A O    1 
ATOM 503 C CB   . THR A 1 35 ? 1.742   7.158   10.413  1.00 0.00 ? 35 THR A CB   1 
ATOM 504 O OG1  . THR A 1 35 ? 2.798   8.051   10.759  1.00 0.00 ? 35 THR A OG1  1 
ATOM 505 C CG2  . THR A 1 35 ? 2.303   5.773   10.740  1.00 0.00 ? 35 THR A CG2  1 
ATOM 506 H H    . THR A 1 35 ? 0.012   5.986   9.145   1.00 0.00 ? 35 THR A H    1 
ATOM 507 H HA   . THR A 1 35 ? 1.435   8.436   8.706   1.00 0.00 ? 35 THR A HA   1 
ATOM 508 H HB   . THR A 1 35 ? 0.813   7.340   10.954  1.00 0.00 ? 35 THR A HB   1 
ATOM 509 H HG1  . THR A 1 35 ? 2.420   8.924   11.066  1.00 0.00 ? 35 THR A HG1  1 
ATOM 510 H HG21 . THR A 1 35 ? 3.217   5.606   10.170  1.00 0.00 ? 35 THR A HG21 1 
ATOM 511 H HG22 . THR A 1 35 ? 2.525   5.713   11.807  1.00 0.00 ? 35 THR A HG22 1 
ATOM 512 H HG23 . THR A 1 35 ? 1.567   5.011   10.480  1.00 0.00 ? 35 THR A HG23 1 
ATOM 513 N N    . ARG A 1 36 ? 2.672   5.604   7.717   1.00 0.00 ? 36 ARG A N    1 
ATOM 514 C CA   . ARG A 1 36 ? 3.725   5.000   6.918   1.00 0.00 ? 36 ARG A CA   1 
ATOM 515 C C    . ARG A 1 36 ? 3.638   5.486   5.470   1.00 0.00 ? 36 ARG A C    1 
ATOM 516 O O    . ARG A 1 36 ? 4.648   5.856   4.873   1.00 0.00 ? 36 ARG A O    1 
ATOM 517 C CB   . ARG A 1 36 ? 3.627   3.473   6.942   1.00 0.00 ? 36 ARG A CB   1 
ATOM 518 C CG   . ARG A 1 36 ? 4.914   2.833   6.415   1.00 0.00 ? 36 ARG A CG   1 
ATOM 519 C CD   . ARG A 1 36 ? 5.619   2.035   7.514   1.00 0.00 ? 36 ARG A CD   1 
ATOM 520 N NE   . ARG A 1 36 ? 6.859   2.729   7.928   1.00 0.00 ? 36 ARG A NE   1 
ATOM 521 C CZ   . ARG A 1 36 ? 7.429   2.599   9.145   1.00 0.00 ? 36 ARG A CZ   1 
ATOM 522 N NH1  . ARG A 1 36 ? 6.873   1.798   10.079  1.00 0.00 ? 36 ARG A NH1  1 
ATOM 523 N NH2  . ARG A 1 36 ? 8.537   3.267   9.407   1.00 0.00 ? 36 ARG A NH2  1 
ATOM 524 H H    . ARG A 1 36 ? 1.925   4.988   7.965   1.00 0.00 ? 36 ARG A H    1 
ATOM 525 H HA   . ARG A 1 36 ? 4.653   5.327   7.387   1.00 0.00 ? 36 ARG A HA   1 
ATOM 526 H HB2  . ARG A 1 36 ? 3.439   3.133   7.961   1.00 0.00 ? 36 ARG A HB2  1 
ATOM 527 H HB3  . ARG A 1 36 ? 2.781   3.149   6.336   1.00 0.00 ? 36 ARG A HB3  1 
ATOM 528 H HG2  . ARG A 1 36 ? 4.681   2.178   5.576   1.00 0.00 ? 36 ARG A HG2  1 
ATOM 529 H HG3  . ARG A 1 36 ? 5.581   3.608   6.039   1.00 0.00 ? 36 ARG A HG3  1 
ATOM 530 H HD2  . ARG A 1 36 ? 4.956   1.915   8.370   1.00 0.00 ? 36 ARG A HD2  1 
ATOM 531 H HD3  . ARG A 1 36 ? 5.856   1.034   7.152   1.00 0.00 ? 36 ARG A HD3  1 
ATOM 532 H HE   . ARG A 1 36 ? 7.301   3.333   7.265   1.00 0.00 ? 36 ARG A HE   1 
ATOM 533 H HH11 . ARG A 1 36 ? 6.034   1.296   9.872   1.00 0.00 ? 36 ARG A HH11 1 
ATOM 534 H HH12 . ARG A 1 36 ? 7.302   1.707   10.978  1.00 0.00 ? 36 ARG A HH12 1 
ATOM 535 H HH21 . ARG A 1 36 ? 9.020   3.226   10.282  1.00 0.00 ? 36 ARG A HH21 1 
ATOM 536 N N    . CYS A 1 37 ? 2.421   5.471   4.946   1.00 0.00 ? 37 CYS A N    1 
ATOM 537 C CA   . CYS A 1 37 ? 2.189   5.906   3.579   1.00 0.00 ? 37 CYS A CA   1 
ATOM 538 C C    . CYS A 1 37 ? 2.463   7.410   3.501   1.00 0.00 ? 37 CYS A C    1 
ATOM 539 O O    . CYS A 1 37 ? 2.784   7.930   2.434   1.00 0.00 ? 37 CYS A O    1 
ATOM 540 C CB   . CYS A 1 37 ? 0.776   5.558   3.107   1.00 0.00 ? 37 CYS A CB   1 
ATOM 541 S SG   . CYS A 1 37 ? 0.437   5.944   1.351   1.00 0.00 ? 37 CYS A SG   1 
ATOM 542 H H    . CYS A 1 37 ? 1.604   5.169   5.438   1.00 0.00 ? 37 CYS A H    1 
ATOM 543 H HA   . CYS A 1 37 ? 2.887   5.352   2.951   1.00 0.00 ? 37 CYS A HA   1 
ATOM 544 H HB2  . CYS A 1 37 ? 0.605   4.494   3.269   1.00 0.00 ? 37 CYS A HB2  1 
ATOM 545 H HB3  . CYS A 1 37 ? 0.058   6.094   3.727   1.00 0.00 ? 37 CYS A HB3  1 
ATOM 546 N N    . ARG A 1 38 ? 2.325   8.064   4.644   1.00 0.00 ? 38 ARG A N    1 
ATOM 547 C CA   . ARG A 1 38 ? 2.554   9.497   4.718   1.00 0.00 ? 38 ARG A CA   1 
ATOM 548 C C    . ARG A 1 38 ? 3.971   9.834   4.248   1.00 0.00 ? 38 ARG A C    1 
ATOM 549 O O    . ARG A 1 38 ? 4.176   10.822  3.545   1.00 0.00 ? 38 ARG A O    1 
ATOM 550 C CB   . ARG A 1 38 ? 2.362   10.013  6.146   1.00 0.00 ? 38 ARG A CB   1 
ATOM 551 C CG   . ARG A 1 38 ? 2.547   11.530  6.210   1.00 0.00 ? 38 ARG A CG   1 
ATOM 552 C CD   . ARG A 1 38 ? 3.710   11.902  7.132   1.00 0.00 ? 38 ARG A CD   1 
ATOM 553 N NE   . ARG A 1 38 ? 3.629   13.335  7.497   1.00 0.00 ? 38 ARG A NE   1 
ATOM 554 C CZ   . ARG A 1 38 ? 4.161   13.860  8.620   1.00 0.00 ? 38 ARG A CZ   1 
ATOM 555 N NH1  . ARG A 1 38 ? 4.819   13.075  9.500   1.00 0.00 ? 38 ARG A NH1  1 
ATOM 556 N NH2  . ARG A 1 38 ? 4.028   15.154  8.847   1.00 0.00 ? 38 ARG A NH2  1 
ATOM 557 H H    . ARG A 1 38 ? 2.065   7.633   5.508   1.00 0.00 ? 38 ARG A H    1 
ATOM 558 H HA   . ARG A 1 38 ? 1.807   9.933   4.056   1.00 0.00 ? 38 ARG A HA   1 
ATOM 559 H HB2  . ARG A 1 38 ? 1.366   9.748   6.501   1.00 0.00 ? 38 ARG A HB2  1 
ATOM 560 H HB3  . ARG A 1 38 ? 3.077   9.527   6.811   1.00 0.00 ? 38 ARG A HB3  1 
ATOM 561 H HG2  . ARG A 1 38 ? 2.731   11.920  5.210   1.00 0.00 ? 38 ARG A HG2  1 
ATOM 562 H HG3  . ARG A 1 38 ? 1.630   11.997  6.570   1.00 0.00 ? 38 ARG A HG3  1 
ATOM 563 H HD2  . ARG A 1 38 ? 3.684   11.288  8.031   1.00 0.00 ? 38 ARG A HD2  1 
ATOM 564 H HD3  . ARG A 1 38 ? 4.658   11.698  6.635   1.00 0.00 ? 38 ARG A HD3  1 
ATOM 565 H HE   . ARG A 1 38 ? 3.150   13.951  6.872   1.00 0.00 ? 38 ARG A HE   1 
ATOM 566 H HH11 . ARG A 1 38 ? 4.915   12.096  9.321   1.00 0.00 ? 38 ARG A HH11 1 
ATOM 567 H HH12 . ARG A 1 38 ? 5.210   13.472  10.329  1.00 0.00 ? 38 ARG A HH12 1 
ATOM 568 H HH21 . ARG A 1 38 ? 4.392   15.621  9.653   1.00 0.00 ? 38 ARG A HH21 1 
ATOM 569 N N    . GLU A 1 39 ? 4.910   8.993   4.655   1.00 0.00 ? 39 GLU A N    1 
ATOM 570 C CA   . GLU A 1 39 ? 6.302   9.189   4.284   1.00 0.00 ? 39 GLU A CA   1 
ATOM 571 C C    . GLU A 1 39 ? 6.433   9.319   2.765   1.00 0.00 ? 39 GLU A C    1 
ATOM 572 O O    . GLU A 1 39 ? 7.191   10.153  2.273   1.00 0.00 ? 39 GLU A O    1 
ATOM 573 C CB   . GLU A 1 39 ? 7.176   8.051   4.814   1.00 0.00 ? 39 GLU A CB   1 
ATOM 574 C CG   . GLU A 1 39 ? 7.339   8.146   6.332   1.00 0.00 ? 39 GLU A CG   1 
ATOM 575 C CD   . GLU A 1 39 ? 8.809   8.328   6.716   1.00 0.00 ? 39 GLU A CD   1 
ATOM 576 O OE1  . GLU A 1 39 ? 9.669   7.565   6.253   1.00 0.00 ? 39 GLU A OE1  1 
ATOM 577 O OE2  . GLU A 1 39 ? 9.045   9.303   7.526   1.00 0.00 ? 39 GLU A OE2  1 
ATOM 578 H H    . GLU A 1 39 ? 4.735   8.192   5.226   1.00 0.00 ? 39 GLU A H    1 
ATOM 579 H HA   . GLU A 1 39 ? 6.601   10.122  4.763   1.00 0.00 ? 39 GLU A HA   1 
ATOM 580 H HB2  . GLU A 1 39 ? 6.729   7.092   4.552   1.00 0.00 ? 39 GLU A HB2  1 
ATOM 581 H HB3  . GLU A 1 39 ? 8.155   8.087   4.336   1.00 0.00 ? 39 GLU A HB3  1 
ATOM 582 H HG2  . GLU A 1 39 ? 6.754   8.984   6.712   1.00 0.00 ? 39 GLU A HG2  1 
ATOM 583 H HG3  . GLU A 1 39 ? 6.945   7.244   6.801   1.00 0.00 ? 39 GLU A HG3  1 
ATOM 584 H HE2  . GLU A 1 39 ? 10.024  9.502   7.546   1.00 0.00 ? 39 GLU A HE2  1 
ATOM 585 N N    . ASN A 1 40 ? 5.682   8.482   2.064   1.00 0.00 ? 40 ASN A N    1 
ATOM 586 C CA   . ASN A 1 40 ? 5.704   8.493   0.611   1.00 0.00 ? 40 ASN A CA   1 
ATOM 587 C C    . ASN A 1 40 ? 4.970   9.735   0.103   1.00 0.00 ? 40 ASN A C    1 
ATOM 588 O O    . ASN A 1 40 ? 5.156   10.145  -1.041  1.00 0.00 ? 40 ASN A O    1 
ATOM 589 C CB   . ASN A 1 40 ? 4.999   7.260   0.040   1.00 0.00 ? 40 ASN A CB   1 
ATOM 590 C CG   . ASN A 1 40 ? 5.688   5.974   0.499   1.00 0.00 ? 40 ASN A CG   1 
ATOM 591 O OD1  . ASN A 1 40 ? 6.555   5.431   -0.167  1.00 0.00 ? 40 ASN A OD1  1 
ATOM 592 N ND2  . ASN A 1 40 ? 5.256   5.517   1.670   1.00 0.00 ? 40 ASN A ND2  1 
ATOM 593 H H    . ASN A 1 40 ? 5.068   7.806   2.472   1.00 0.00 ? 40 ASN A H    1 
ATOM 594 H HA   . ASN A 1 40 ? 6.761   8.493   0.341   1.00 0.00 ? 40 ASN A HA   1 
ATOM 595 H HB2  . ASN A 1 40 ? 3.957   7.253   0.359   1.00 0.00 ? 40 ASN A HB2  1 
ATOM 596 H HB3  . ASN A 1 40 ? 4.999   7.309   -1.048  1.00 0.00 ? 40 ASN A HB3  1 
ATOM 597 H HD21 . ASN A 1 40 ? 4.542   6.011   2.167   1.00 0.00 ? 40 ASN A HD21 1 
ATOM 598 H HD22 . ASN A 1 40 ? 5.645   4.680   2.055   1.00 0.00 ? 40 ASN A HD22 1 
ATOM 599 N N    . LYS A 1 41 ? 4.153   10.299  0.980   1.00 0.00 ? 41 LYS A N    1 
ATOM 600 C CA   . LYS A 1 41 ? 3.389   11.487  0.635   1.00 0.00 ? 41 LYS A CA   1 
ATOM 601 C C    . LYS A 1 41 ? 2.466   11.170  -0.544  1.00 0.00 ? 41 LYS A C    1 
ATOM 602 O O    . LYS A 1 41 ? 1.405   10.574  -0.363  1.00 0.00 ? 41 LYS A O    1 
ATOM 603 C CB   . LYS A 1 41 ? 4.326   12.670  0.381   1.00 0.00 ? 41 LYS A CB   1 
ATOM 604 C CG   . LYS A 1 41 ? 4.868   13.232  1.697   1.00 0.00 ? 41 LYS A CG   1 
ATOM 605 C CD   . LYS A 1 41 ? 3.824   14.111  2.390   1.00 0.00 ? 41 LYS A CD   1 
ATOM 606 C CE   . LYS A 1 41 ? 3.929   13.990  3.912   1.00 0.00 ? 41 LYS A CE   1 
ATOM 607 N NZ   . LYS A 1 41 ? 2.698   14.498  4.558   1.00 0.00 ? 41 LYS A NZ   1 
ATOM 608 H H    . LYS A 1 41 ? 4.008   9.960   1.909   1.00 0.00 ? 41 LYS A H    1 
ATOM 609 H HA   . LYS A 1 41 ? 2.774   11.742  1.497   1.00 0.00 ? 41 LYS A HA   1 
ATOM 610 H HB2  . LYS A 1 41 ? 5.154   12.355  -0.252  1.00 0.00 ? 41 LYS A HB2  1 
ATOM 611 H HB3  . LYS A 1 41 ? 3.792   13.452  -0.160  1.00 0.00 ? 41 LYS A HB3  1 
ATOM 612 H HG2  . LYS A 1 41 ? 5.154   12.412  2.356   1.00 0.00 ? 41 LYS A HG2  1 
ATOM 613 H HG3  . LYS A 1 41 ? 5.769   13.815  1.504   1.00 0.00 ? 41 LYS A HG3  1 
ATOM 614 H HD2  . LYS A 1 41 ? 3.964   15.151  2.093   1.00 0.00 ? 41 LYS A HD2  1 
ATOM 615 H HD3  . LYS A 1 41 ? 2.825   13.818  2.067   1.00 0.00 ? 41 LYS A HD3  1 
ATOM 616 H HE2  . LYS A 1 41 ? 4.091   12.950  4.190   1.00 0.00 ? 41 LYS A HE2  1 
ATOM 617 H HE3  . LYS A 1 41 ? 4.792   14.554  4.268   1.00 0.00 ? 41 LYS A HE3  1 
ATOM 618 H HZ1  . LYS A 1 41 ? 2.291   13.815  5.187   1.00 0.00 ? 41 LYS A HZ1  1 
ATOM 619 H HZ3  . LYS A 1 41 ? 1.983   14.735  3.879   1.00 0.00 ? 41 LYS A HZ3  1 
ATOM 620 N N    . GLY A 1 42 ? 2.904   11.582  -1.724  1.00 0.00 ? 42 GLY A N    1 
ATOM 621 C CA   . GLY A 1 42 ? 2.130   11.350  -2.932  1.00 0.00 ? 42 GLY A CA   1 
ATOM 622 C C    . GLY A 1 42 ? 1.490   9.960   -2.914  1.00 0.00 ? 42 GLY A C    1 
ATOM 623 O O    . GLY A 1 42 ? 2.130   8.974   -3.274  1.00 0.00 ? 42 GLY A O    1 
ATOM 624 H H    . GLY A 1 42 ? 3.768   12.067  -1.863  1.00 0.00 ? 42 GLY A H    1 
ATOM 625 H HA2  . GLY A 1 42 ? 1.354   12.110  -3.023  1.00 0.00 ? 42 GLY A HA2  1 
ATOM 626 H HA3  . GLY A 1 42 ? 2.775   11.446  -3.805  1.00 0.00 ? 42 GLY A HA3  1 
ATOM 627 N N    . ALA A 1 43 ? 0.235   9.928   -2.490  1.00 0.00 ? 43 ALA A N    1 
ATOM 628 C CA   . ALA A 1 43 ? -0.499  8.675   -2.420  1.00 0.00 ? 43 ALA A CA   1 
ATOM 629 C C    . ALA A 1 43 ? -1.917  8.948   -1.915  1.00 0.00 ? 43 ALA A C    1 
ATOM 630 O O    . ALA A 1 43 ? -2.102  9.426   -0.798  1.00 0.00 ? 43 ALA A O    1 
ATOM 631 C CB   . ALA A 1 43 ? 0.259   7.689   -1.527  1.00 0.00 ? 43 ALA A CB   1 
ATOM 632 H H    . ALA A 1 43 ? -0.278  10.735  -2.198  1.00 0.00 ? 43 ALA A H    1 
ATOM 633 H HA   . ALA A 1 43 ? -0.553  8.265   -3.429  1.00 0.00 ? 43 ALA A HA   1 
ATOM 634 H HB1  . ALA A 1 43 ? 0.422   8.138   -0.548  1.00 0.00 ? 43 ALA A HB1  1 
ATOM 635 H HB2  . ALA A 1 43 ? -0.328  6.778   -1.416  1.00 0.00 ? 43 ALA A HB2  1 
ATOM 636 H HB3  . ALA A 1 43 ? 1.219   7.450   -1.983  1.00 0.00 ? 43 ALA A HB3  1 
ATOM 637 N N    . LYS A 1 44 ? -2.884  8.631   -2.765  1.00 0.00 ? 44 LYS A N    1 
ATOM 638 C CA   . LYS A 1 44 ? -4.280  8.836   -2.419  1.00 0.00 ? 44 LYS A CA   1 
ATOM 639 C C    . LYS A 1 44 ? -4.779  7.644   -1.600  1.00 0.00 ? 44 LYS A C    1 
ATOM 640 O O    . LYS A 1 44 ? -5.206  7.807   -0.458  1.00 0.00 ? 44 LYS A O    1 
ATOM 641 C CB   . LYS A 1 44 ? -5.109  9.108   -3.677  1.00 0.00 ? 44 LYS A CB   1 
ATOM 642 C CG   . LYS A 1 44 ? -6.604  9.124   -3.355  1.00 0.00 ? 44 LYS A CG   1 
ATOM 643 C CD   . LYS A 1 44 ? -6.887  9.959   -2.105  1.00 0.00 ? 44 LYS A CD   1 
ATOM 644 C CE   . LYS A 1 44 ? -8.359  9.860   -1.699  1.00 0.00 ? 44 LYS A CE   1 
ATOM 645 N NZ   . LYS A 1 44 ? -8.918  11.207  -1.445  1.00 0.00 ? 44 LYS A NZ   1 
ATOM 646 H H    . LYS A 1 44 ? -2.725  8.242   -3.672  1.00 0.00 ? 44 LYS A H    1 
ATOM 647 H HA   . LYS A 1 44 ? -4.335  9.729   -1.798  1.00 0.00 ? 44 LYS A HA   1 
ATOM 648 H HB2  . LYS A 1 44 ? -4.816  10.063  -4.111  1.00 0.00 ? 44 LYS A HB2  1 
ATOM 649 H HB3  . LYS A 1 44 ? -4.902  8.342   -4.425  1.00 0.00 ? 44 LYS A HB3  1 
ATOM 650 H HG2  . LYS A 1 44 ? -7.157  9.531   -4.201  1.00 0.00 ? 44 LYS A HG2  1 
ATOM 651 H HG3  . LYS A 1 44 ? -6.959  8.104   -3.203  1.00 0.00 ? 44 LYS A HG3  1 
ATOM 652 H HD2  . LYS A 1 44 ? -6.256  9.617   -1.284  1.00 0.00 ? 44 LYS A HD2  1 
ATOM 653 H HD3  . LYS A 1 44 ? -6.627  11.001  -2.292  1.00 0.00 ? 44 LYS A HD3  1 
ATOM 654 H HE2  . LYS A 1 44 ? -8.927  9.367   -2.489  1.00 0.00 ? 44 LYS A HE2  1 
ATOM 655 H HE3  . LYS A 1 44 ? -8.455  9.245   -0.806  1.00 0.00 ? 44 LYS A HE3  1 
ATOM 656 H HZ1  . LYS A 1 44 ? -9.444  11.242  -0.578  1.00 0.00 ? 44 LYS A HZ1  1 
ATOM 657 H HZ3  . LYS A 1 44 ? -9.549  11.501  -2.183  1.00 0.00 ? 44 LYS A HZ3  1 
ATOM 658 N N    . GLY A 1 45 ? -4.707  6.472   -2.215  1.00 0.00 ? 45 GLY A N    1 
ATOM 659 C CA   . GLY A 1 45 ? -5.145  5.254   -1.557  1.00 0.00 ? 45 GLY A CA   1 
ATOM 660 C C    . GLY A 1 45 ? -4.091  4.152   -1.684  1.00 0.00 ? 45 GLY A C    1 
ATOM 661 O O    . GLY A 1 45 ? -2.895  4.435   -1.724  1.00 0.00 ? 45 GLY A O    1 
ATOM 662 H H    . GLY A 1 45 ? -4.357  6.349   -3.144  1.00 0.00 ? 45 GLY A H    1 
ATOM 663 H HA2  . GLY A 1 45 ? -5.341  5.455   -0.504  1.00 0.00 ? 45 GLY A HA2  1 
ATOM 664 H HA3  . GLY A 1 45 ? -6.083  4.916   -1.997  1.00 0.00 ? 45 GLY A HA3  1 
ATOM 665 N N    . GLY A 1 46 ? -4.574  2.920   -1.743  1.00 0.00 ? 46 GLY A N    1 
ATOM 666 C CA   . GLY A 1 46 ? -3.688  1.775   -1.865  1.00 0.00 ? 46 GLY A CA   1 
ATOM 667 C C    . GLY A 1 46 ? -4.394  0.488   -1.433  1.00 0.00 ? 46 GLY A C    1 
ATOM 668 O O    . GLY A 1 46 ? -5.617  0.455   -1.318  1.00 0.00 ? 46 GLY A O    1 
ATOM 669 H H    . GLY A 1 46 ? -5.548  2.699   -1.710  1.00 0.00 ? 46 GLY A H    1 
ATOM 670 H HA2  . GLY A 1 46 ? -3.350  1.679   -2.896  1.00 0.00 ? 46 GLY A HA2  1 
ATOM 671 H HA3  . GLY A 1 46 ? -2.800  1.930   -1.252  1.00 0.00 ? 46 GLY A HA3  1 
ATOM 672 N N    . ARG A 1 47 ? -3.591  -0.542  -1.206  1.00 0.00 ? 47 ARG A N    1 
ATOM 673 C CA   . ARG A 1 47 ? -4.123  -1.828  -0.788  1.00 0.00 ? 47 ARG A CA   1 
ATOM 674 C C    . ARG A 1 47 ? -3.368  -2.343  0.439   1.00 0.00 ? 47 ARG A C    1 
ATOM 675 O O    . ARG A 1 47 ? -2.317  -1.811  0.793   1.00 0.00 ? 47 ARG A O    1 
ATOM 676 C CB   . ARG A 1 47 ? -4.016  -2.860  -1.913  1.00 0.00 ? 47 ARG A CB   1 
ATOM 677 C CG   . ARG A 1 47 ? -5.089  -2.624  -2.978  1.00 0.00 ? 47 ARG A CG   1 
ATOM 678 C CD   . ARG A 1 47 ? -5.950  -3.874  -3.173  1.00 0.00 ? 47 ARG A CD   1 
ATOM 679 N NE   . ARG A 1 47 ? -7.335  -3.485  -3.523  1.00 0.00 ? 47 ARG A NE   1 
ATOM 680 C CZ   . ARG A 1 47 ? -8.331  -4.364  -3.763  1.00 0.00 ? 47 ARG A CZ   1 
ATOM 681 N NH1  . ARG A 1 47 ? -8.103  -5.693  -3.692  1.00 0.00 ? 47 ARG A NH1  1 
ATOM 682 N NH2  . ARG A 1 47 ? -9.530  -3.905  -4.068  1.00 0.00 ? 47 ARG A NH2  1 
ATOM 683 H H    . ARG A 1 47 ? -2.596  -0.507  -1.301  1.00 0.00 ? 47 ARG A H    1 
ATOM 684 H HA   . ARG A 1 47 ? -5.169  -1.634  -0.552  1.00 0.00 ? 47 ARG A HA   1 
ATOM 685 H HB2  . ARG A 1 47 ? -3.028  -2.803  -2.370  1.00 0.00 ? 47 ARG A HB2  1 
ATOM 686 H HB3  . ARG A 1 47 ? -4.119  -3.863  -1.502  1.00 0.00 ? 47 ARG A HB3  1 
ATOM 687 H HG2  . ARG A 1 47 ? -5.720  -1.785  -2.683  1.00 0.00 ? 47 ARG A HG2  1 
ATOM 688 H HG3  . ARG A 1 47 ? -4.618  -2.353  -3.922  1.00 0.00 ? 47 ARG A HG3  1 
ATOM 689 H HD2  . ARG A 1 47 ? -5.528  -4.497  -3.961  1.00 0.00 ? 47 ARG A HD2  1 
ATOM 690 H HD3  . ARG A 1 47 ? -5.952  -4.470  -2.260  1.00 0.00 ? 47 ARG A HD3  1 
ATOM 691 H HE   . ARG A 1 47 ? -7.546  -2.509  -3.587  1.00 0.00 ? 47 ARG A HE   1 
ATOM 692 H HH11 . ARG A 1 47 ? -7.192  -6.032  -3.459  1.00 0.00 ? 47 ARG A HH11 1 
ATOM 693 H HH12 . ARG A 1 47 ? -8.847  -6.337  -3.870  1.00 0.00 ? 47 ARG A HH12 1 
ATOM 694 H HH21 . ARG A 1 47 ? -10.320 -4.488  -4.260  1.00 0.00 ? 47 ARG A HH21 1 
ATOM 695 N N    . CYS A 1 48 ? -3.933  -3.370  1.054   1.00 0.00 ? 48 CYS A N    1 
ATOM 696 C CA   . CYS A 1 48 ? -3.327  -3.962  2.235   1.00 0.00 ? 48 CYS A CA   1 
ATOM 697 C C    . CYS A 1 48 ? -3.192  -5.468  2.002   1.00 0.00 ? 48 CYS A C    1 
ATOM 698 O O    . CYS A 1 48 ? -4.155  -6.129  1.617   1.00 0.00 ? 48 CYS A O    1 
ATOM 699 C CB   . CYS A 1 48 ? -4.130  -3.650  3.499   1.00 0.00 ? 48 CYS A CB   1 
ATOM 700 S SG   . CYS A 1 48 ? -5.618  -2.620  3.230   1.00 0.00 ? 48 CYS A SG   1 
ATOM 701 H H    . CYS A 1 48 ? -4.789  -3.797  0.760   1.00 0.00 ? 48 CYS A H    1 
ATOM 702 H HA   . CYS A 1 48 ? -2.348  -3.498  2.349   1.00 0.00 ? 48 CYS A HA   1 
ATOM 703 H HB2  . CYS A 1 48 ? -4.435  -4.590  3.961   1.00 0.00 ? 48 CYS A HB2  1 
ATOM 704 H HB3  . CYS A 1 48 ? -3.479  -3.143  4.210   1.00 0.00 ? 48 CYS A HB3  1 
ATOM 705 N N    . ARG A 1 49 ? -1.988  -5.966  2.244   1.00 0.00 ? 49 ARG A N    1 
ATOM 706 C CA   . ARG A 1 49 ? -1.715  -7.382  2.066   1.00 0.00 ? 49 ARG A CA   1 
ATOM 707 C C    . ARG A 1 49 ? -1.890  -8.127  3.390   1.00 0.00 ? 49 ARG A C    1 
ATOM 708 O O    . ARG A 1 49 ? -1.773  -7.534  4.461   1.00 0.00 ? 49 ARG A O    1 
ATOM 709 C CB   . ARG A 1 49 ? -0.293  -7.607  1.547   1.00 0.00 ? 49 ARG A CB   1 
ATOM 710 C CG   . ARG A 1 49 ? -0.262  -7.598  0.017   1.00 0.00 ? 49 ARG A CG   1 
ATOM 711 C CD   . ARG A 1 49 ? 0.949   -8.371  -0.510  1.00 0.00 ? 49 ARG A CD   1 
ATOM 712 N NE   . ARG A 1 49 ? 0.559   -9.183  -1.685  1.00 0.00 ? 49 ARG A NE   1 
ATOM 713 C CZ   . ARG A 1 49 ? 1.385   -10.041 -2.320  1.00 0.00 ? 49 ARG A CZ   1 
ATOM 714 N NH1  . ARG A 1 49 ? 2.657   -10.205 -1.900  1.00 0.00 ? 49 ARG A NH1  1 
ATOM 715 N NH2  . ARG A 1 49 ? 0.930   -10.715 -3.361  1.00 0.00 ? 49 ARG A NH2  1 
ATOM 716 H H    . ARG A 1 49 ? -1.210  -5.421  2.557   1.00 0.00 ? 49 ARG A H    1 
ATOM 717 H HA   . ARG A 1 49 ? -2.444  -7.716  1.328   1.00 0.00 ? 49 ARG A HA   1 
ATOM 718 H HB2  . ARG A 1 49 ? 0.366   -6.829  1.932   1.00 0.00 ? 49 ARG A HB2  1 
ATOM 719 H HB3  . ARG A 1 49 ? 0.086   -8.560  1.916   1.00 0.00 ? 49 ARG A HB3  1 
ATOM 720 H HG2  . ARG A 1 49 ? -1.178  -8.041  -0.373  1.00 0.00 ? 49 ARG A HG2  1 
ATOM 721 H HG3  . ARG A 1 49 ? -0.225  -6.570  -0.344  1.00 0.00 ? 49 ARG A HG3  1 
ATOM 722 H HD2  . ARG A 1 49 ? 1.743   -7.677  -0.786  1.00 0.00 ? 49 ARG A HD2  1 
ATOM 723 H HD3  . ARG A 1 49 ? 1.348   -9.017  0.272   1.00 0.00 ? 49 ARG A HD3  1 
ATOM 724 H HE   . ARG A 1 49 ? -0.376  -9.091  -2.029  1.00 0.00 ? 49 ARG A HE   1 
ATOM 725 H HH11 . ARG A 1 49 ? 2.993   -9.691  -1.112  1.00 0.00 ? 49 ARG A HH11 1 
ATOM 726 H HH12 . ARG A 1 49 ? 3.262   -10.843 -2.377  1.00 0.00 ? 49 ARG A HH12 1 
ATOM 727 H HH21 . ARG A 1 49 ? 1.477   -11.369 -3.886  1.00 0.00 ? 49 ARG A HH21 1 
ATOM 728 N N    . TRP A 1 50 ? -2.168  -9.418  3.274   1.00 0.00 ? 50 TRP A N    1 
ATOM 729 C CA   . TRP A 1 50 ? -2.360  -10.251 4.449   1.00 0.00 ? 50 TRP A CA   1 
ATOM 730 C C    . TRP A 1 50 ? -1.265  -9.904  5.459   1.00 0.00 ? 50 TRP A C    1 
ATOM 731 O O    . TRP A 1 50 ? -1.406  -8.959  6.234   1.00 0.00 ? 50 TRP A O    1 
ATOM 732 C CB   . TRP A 1 50 ? -2.379  -11.733 4.072   1.00 0.00 ? 50 TRP A CB   1 
ATOM 733 C CG   . TRP A 1 50 ? -1.741  -12.040 2.715   1.00 0.00 ? 50 TRP A CG   1 
ATOM 734 C CD1  . TRP A 1 50 ? -0.477  -12.403 2.461   1.00 0.00 ? 50 TRP A CD1  1 
ATOM 735 C CD2  . TRP A 1 50 ? -2.393  -11.994 1.429   1.00 0.00 ? 50 TRP A CD2  1 
ATOM 736 N NE1  . TRP A 1 50 ? -0.267  -12.593 1.112   1.00 0.00 ? 50 TRP A NE1  1 
ATOM 737 C CE2  . TRP A 1 50 ? -1.470  -12.337 0.463   1.00 0.00 ? 50 TRP A CE2  1 
ATOM 738 C CE3  . TRP A 1 50 ? -3.720  -11.674 1.093   1.00 0.00 ? 50 TRP A CE3  1 
ATOM 739 C CZ2  . TRP A 1 50 ? -1.773  -12.393 -0.902  1.00 0.00 ? 50 TRP A CZ2  1 
ATOM 740 C CZ3  . TRP A 1 50 ? -4.007  -11.734 -0.276  1.00 0.00 ? 50 TRP A CZ3  1 
ATOM 741 C CH2  . TRP A 1 50 ? -3.089  -12.078 -1.261  1.00 0.00 ? 50 TRP A CH2  1 
ATOM 742 H H    . TRP A 1 50 ? -2.261  -9.893  2.399   1.00 0.00 ? 50 TRP A H    1 
ATOM 743 H HA   . TRP A 1 50 ? -3.339  -10.018 4.866   1.00 0.00 ? 50 TRP A HA   1 
ATOM 744 H HB2  . TRP A 1 50 ? -1.857  -12.300 4.844   1.00 0.00 ? 50 TRP A HB2  1 
ATOM 745 H HB3  . TRP A 1 50 ? -3.411  -12.083 4.064   1.00 0.00 ? 50 TRP A HB3  1 
ATOM 746 H HD1  . TRP A 1 50 ? 0.291   -12.530 3.226   1.00 0.00 ? 50 TRP A HD1  1 
ATOM 747 H HE1  . TRP A 1 50 ? 0.670   -12.891 0.639   1.00 0.00 ? 50 TRP A HE1  1 
ATOM 748 H HE3  . TRP A 1 50 ? -4.469  -11.399 1.837   1.00 0.00 ? 50 TRP A HE3  1 
ATOM 749 H HZ2  . TRP A 1 50 ? -1.026  -12.667 -1.646  1.00 0.00 ? 50 TRP A HZ2  1 
ATOM 750 H HZ3  . TRP A 1 50 ? -5.023  -11.494 -0.592  1.00 0.00 ? 50 TRP A HZ3  1 
ATOM 751 H HH2  . TRP A 1 50 ? -3.392  -12.101 -2.307  1.00 0.00 ? 50 TRP A HH2  1 
ATOM 752 N N    . GLY A 1 51 ? -0.197  -10.688 5.418   1.00 0.00 ? 51 GLY A N    1 
ATOM 753 C CA   . GLY A 1 51 ? 0.922   -10.476 6.321   1.00 0.00 ? 51 GLY A CA   1 
ATOM 754 C C    . GLY A 1 51 ? 0.434   -10.100 7.721   1.00 0.00 ? 51 GLY A C    1 
ATOM 755 O O    . GLY A 1 51 ? -0.735  -10.302 8.050   1.00 0.00 ? 51 GLY A O    1 
ATOM 756 H H    . GLY A 1 51 ? -0.089  -11.455 4.785   1.00 0.00 ? 51 GLY A H    1 
ATOM 757 H HA2  . GLY A 1 51 ? 1.528   -11.381 6.373   1.00 0.00 ? 51 GLY A HA2  1 
ATOM 758 H HA3  . GLY A 1 51 ? 1.563   -9.685  5.931   1.00 0.00 ? 51 GLY A HA3  1 
ATOM 759 N N    . GLN A 1 52 ? 1.353   -9.559  8.508   1.00 0.00 ? 52 GLN A N    1 
ATOM 760 C CA   . GLN A 1 52 ? 1.030   -9.153  9.865   1.00 0.00 ? 52 GLN A CA   1 
ATOM 761 C C    . GLN A 1 52 ? 2.285   -9.185  10.741  1.00 0.00 ? 52 GLN A C    1 
ATOM 762 O O    . GLN A 1 52 ? 2.579   -10.199 11.372  1.00 0.00 ? 52 GLN A O    1 
ATOM 763 C CB   . GLN A 1 52 ? -0.073  -10.035 10.454  1.00 0.00 ? 52 GLN A CB   1 
ATOM 764 C CG   . GLN A 1 52 ? -0.030  -10.019 11.983  1.00 0.00 ? 52 GLN A CG   1 
ATOM 765 C CD   . GLN A 1 52 ? -1.410  -10.317 12.574  1.00 0.00 ? 52 GLN A CD   1 
ATOM 766 O OE1  . GLN A 1 52 ? -2.244  -10.970 11.969  1.00 0.00 ? 52 GLN A OE1  1 
ATOM 767 N NE2  . GLN A 1 52 ? -1.603  -9.803  13.786  1.00 0.00 ? 52 GLN A NE2  1 
ATOM 768 H H    . GLN A 1 52 ? 2.301   -9.399  8.233   1.00 0.00 ? 52 GLN A H    1 
ATOM 769 H HA   . GLN A 1 52 ? 0.663   -8.131  9.782   1.00 0.00 ? 52 GLN A HA   1 
ATOM 770 H HB2  . GLN A 1 52 ? -1.046  -9.686  10.110  1.00 0.00 ? 52 GLN A HB2  1 
ATOM 771 H HB3  . GLN A 1 52 ? 0.043   -11.058 10.094  1.00 0.00 ? 52 GLN A HB3  1 
ATOM 772 H HG2  . GLN A 1 52 ? 0.689   -10.757 12.339  1.00 0.00 ? 52 GLN A HG2  1 
ATOM 773 H HG3  . GLN A 1 52 ? 0.315   -9.044  12.330  1.00 0.00 ? 52 GLN A HG3  1 
ATOM 774 H HE21 . GLN A 1 52 ? -0.876  -9.277  14.227  1.00 0.00 ? 52 GLN A HE21 1 
ATOM 775 H HE22 . GLN A 1 52 ? -2.474  -9.944  14.255  1.00 0.00 ? 52 GLN A HE22 1 
ATOM 776 N N    . GLY A 1 53 ? 2.990   -8.064  10.751  1.00 0.00 ? 53 GLY A N    1 
ATOM 777 C CA   . GLY A 1 53 ? 4.205   -7.951  11.539  1.00 0.00 ? 53 GLY A CA   1 
ATOM 778 C C    . GLY A 1 53 ? 5.398   -7.578  10.656  1.00 0.00 ? 53 GLY A C    1 
ATOM 779 O O    . GLY A 1 53 ? 6.131   -6.639  10.962  1.00 0.00 ? 53 GLY A O    1 
ATOM 780 H H    . GLY A 1 53 ? 2.743   -7.244  10.235  1.00 0.00 ? 53 GLY A H    1 
ATOM 781 H HA2  . GLY A 1 53 ? 4.071   -7.197  12.314  1.00 0.00 ? 53 GLY A HA2  1 
ATOM 782 H HA3  . GLY A 1 53 ? 4.404   -8.896  12.045  1.00 0.00 ? 53 GLY A HA3  1 
ATOM 783 N N    . SER A 1 54 ? 5.555   -8.333  9.579   1.00 0.00 ? 54 SER A N    1 
ATOM 784 C CA   . SER A 1 54 ? 6.647   -8.093  8.650   1.00 0.00 ? 54 SER A CA   1 
ATOM 785 C C    . SER A 1 54 ? 6.683   -9.197  7.590   1.00 0.00 ? 54 SER A C    1 
ATOM 786 O O    . SER A 1 54 ? 7.757   -9.651  7.199   1.00 0.00 ? 54 SER A O    1 
ATOM 787 C CB   . SER A 1 54 ? 7.987   -8.017  9.383   1.00 0.00 ? 54 SER A CB   1 
ATOM 788 O OG   . SER A 1 54 ? 8.772   -6.911  8.946   1.00 0.00 ? 54 SER A OG   1 
ATOM 789 H H    . SER A 1 54 ? 4.954   -9.095  9.337   1.00 0.00 ? 54 SER A H    1 
ATOM 790 H HA   . SER A 1 54 ? 6.429   -7.130  8.191   1.00 0.00 ? 54 SER A HA   1 
ATOM 791 H HB2  . SER A 1 54 ? 7.809   -7.934  10.456  1.00 0.00 ? 54 SER A HB2  1 
ATOM 792 H HB3  . SER A 1 54 ? 8.541   -8.941  9.223   1.00 0.00 ? 54 SER A HB3  1 
ATOM 793 H HG   . SER A 1 54 ? 9.352   -7.186  8.179   1.00 0.00 ? 54 SER A HG   1 
ATOM 794 N N    . ASN A 1 55 ? 5.497   -9.597  7.157   1.00 0.00 ? 55 ASN A N    1 
ATOM 795 C CA   . ASN A 1 55 ? 5.380   -10.638 6.150   1.00 0.00 ? 55 ASN A CA   1 
ATOM 796 C C    . ASN A 1 55 ? 5.146   -9.995  4.782   1.00 0.00 ? 55 ASN A C    1 
ATOM 797 O O    . ASN A 1 55 ? 5.919   -10.212 3.850   1.00 0.00 ? 55 ASN A O    1 
ATOM 798 C CB   . ASN A 1 55 ? 4.197   -11.562 6.448   1.00 0.00 ? 55 ASN A CB   1 
ATOM 799 C CG   . ASN A 1 55 ? 4.668   -12.997 6.690   1.00 0.00 ? 55 ASN A CG   1 
ATOM 800 O OD1  . ASN A 1 55 ? 4.836   -13.785 5.773   1.00 0.00 ? 55 ASN A OD1  1 
ATOM 801 N ND2  . ASN A 1 55 ? 4.873   -13.291 7.970   1.00 0.00 ? 55 ASN A ND2  1 
ATOM 802 H H    . ASN A 1 55 ? 4.628   -9.222  7.480   1.00 0.00 ? 55 ASN A H    1 
ATOM 803 H HA   . ASN A 1 55 ? 6.320   -11.188 6.198   1.00 0.00 ? 55 ASN A HA   1 
ATOM 804 H HB2  . ASN A 1 55 ? 3.660   -11.199 7.325   1.00 0.00 ? 55 ASN A HB2  1 
ATOM 805 H HB3  . ASN A 1 55 ? 3.496   -11.541 5.614   1.00 0.00 ? 55 ASN A HB3  1 
ATOM 806 H HD21 . ASN A 1 55 ? 4.717   -12.597 8.673   1.00 0.00 ? 55 ASN A HD21 1 
ATOM 807 H HD22 . ASN A 1 55 ? 5.182   -14.206 8.230   1.00 0.00 ? 55 ASN A HD22 1 
ATOM 808 N N    . VAL A 1 56 ? 4.075   -9.218  4.704   1.00 0.00 ? 56 VAL A N    1 
ATOM 809 C CA   . VAL A 1 56 ? 3.730   -8.543  3.466   1.00 0.00 ? 56 VAL A CA   1 
ATOM 810 C C    . VAL A 1 56 ? 4.121   -7.067  3.568   1.00 0.00 ? 56 VAL A C    1 
ATOM 811 O O    . VAL A 1 56 ? 4.828   -6.671  4.493   1.00 0.00 ? 56 VAL A O    1 
ATOM 812 C CB   . VAL A 1 56 ? 2.246   -8.748  3.154   1.00 0.00 ? 56 VAL A CB   1 
ATOM 813 C CG1  . VAL A 1 56 ? 1.907   -10.237 3.057   1.00 0.00 ? 56 VAL A CG1  1 
ATOM 814 C CG2  . VAL A 1 56 ? 1.366   -8.052  4.193   1.00 0.00 ? 56 VAL A CG2  1 
ATOM 815 H H    . VAL A 1 56 ? 3.452   -9.048  5.467   1.00 0.00 ? 56 VAL A H    1 
ATOM 816 H HA   . VAL A 1 56 ? 4.309   -9.004  2.666   1.00 0.00 ? 56 VAL A HA   1 
ATOM 817 H HB   . VAL A 1 56 ? 2.041   -8.294  2.184   1.00 0.00 ? 56 VAL A HB   1 
ATOM 818 H HG11 . VAL A 1 56 ? 1.703   -10.628 4.054   1.00 0.00 ? 56 VAL A HG11 1 
ATOM 819 H HG12 . VAL A 1 56 ? 1.028   -10.369 2.428   1.00 0.00 ? 56 VAL A HG12 1 
ATOM 820 H HG13 . VAL A 1 56 ? 2.750   -10.774 2.622   1.00 0.00 ? 56 VAL A HG13 1 
ATOM 821 H HG21 . VAL A 1 56 ? 0.510   -8.684  4.427   1.00 0.00 ? 56 VAL A HG21 1 
ATOM 822 H HG22 . VAL A 1 56 ? 1.945   -7.875  5.099   1.00 0.00 ? 56 VAL A HG22 1 
ATOM 823 H HG23 . VAL A 1 56 ? 1.016   -7.099  3.794   1.00 0.00 ? 56 VAL A HG23 1 
ATOM 824 N N    . LYS A 1 57 ? 3.642   -6.292  2.605   1.00 0.00 ? 57 LYS A N    1 
ATOM 825 C CA   . LYS A 1 57 ? 3.933   -4.870  2.575   1.00 0.00 ? 57 LYS A CA   1 
ATOM 826 C C    . LYS A 1 57 ? 2.648   -4.097  2.265   1.00 0.00 ? 57 LYS A C    1 
ATOM 827 O O    . LYS A 1 57 ? 1.689   -4.665  1.746   1.00 0.00 ? 57 LYS A O    1 
ATOM 828 C CB   . LYS A 1 57 ? 5.076   -4.576  1.602   1.00 0.00 ? 57 LYS A CB   1 
ATOM 829 C CG   . LYS A 1 57 ? 4.814   -5.218  0.238   1.00 0.00 ? 57 LYS A CG   1 
ATOM 830 C CD   . LYS A 1 57 ? 5.974   -6.126  -0.173  1.00 0.00 ? 57 LYS A CD   1 
ATOM 831 C CE   . LYS A 1 57 ? 5.661   -6.858  -1.480  1.00 0.00 ? 57 LYS A CE   1 
ATOM 832 N NZ   . LYS A 1 57 ? 5.945   -8.304  -1.346  1.00 0.00 ? 57 LYS A NZ   1 
ATOM 833 H H    . LYS A 1 57 ? 3.068   -6.623  1.857   1.00 0.00 ? 57 LYS A H    1 
ATOM 834 H HA   . LYS A 1 57 ? 4.275   -4.585  3.570   1.00 0.00 ? 57 LYS A HA   1 
ATOM 835 H HB2  . LYS A 1 57 ? 5.192   -3.499  1.485   1.00 0.00 ? 57 LYS A HB2  1 
ATOM 836 H HB3  . LYS A 1 57 ? 6.013   -4.954  2.011   1.00 0.00 ? 57 LYS A HB3  1 
ATOM 837 H HG2  . LYS A 1 57 ? 3.890   -5.796  0.275   1.00 0.00 ? 57 LYS A HG2  1 
ATOM 838 H HG3  . LYS A 1 57 ? 4.673   -4.440  -0.512  1.00 0.00 ? 57 LYS A HG3  1 
ATOM 839 H HD2  . LYS A 1 57 ? 6.880   -5.533  -0.293  1.00 0.00 ? 57 LYS A HD2  1 
ATOM 840 H HD3  . LYS A 1 57 ? 6.169   -6.852  0.616   1.00 0.00 ? 57 LYS A HD3  1 
ATOM 841 H HE2  . LYS A 1 57 ? 4.614   -6.711  -1.745  1.00 0.00 ? 57 LYS A HE2  1 
ATOM 842 H HE3  . LYS A 1 57 ? 6.256   -6.438  -2.290  1.00 0.00 ? 57 LYS A HE3  1 
ATOM 843 H HZ1  . LYS A 1 57 ? 6.655   -8.614  -2.000  1.00 0.00 ? 57 LYS A HZ1  1 
ATOM 844 H HZ3  . LYS A 1 57 ? 5.123   -8.871  -1.514  1.00 0.00 ? 57 LYS A HZ3  1 
ATOM 845 N N    . CYS A 1 58 ? 2.672   -2.815  2.598   1.00 0.00 ? 58 CYS A N    1 
ATOM 846 C CA   . CYS A 1 58 ? 1.521   -1.959  2.361   1.00 0.00 ? 58 CYS A CA   1 
ATOM 847 C C    . CYS A 1 58 ? 1.647   -1.361  0.959   1.00 0.00 ? 58 CYS A C    1 
ATOM 848 O O    . CYS A 1 58 ? 2.725   -0.917  0.565   1.00 0.00 ? 58 CYS A O    1 
ATOM 849 C CB   . CYS A 1 58 ? 1.392   -0.877  3.435   1.00 0.00 ? 58 CYS A CB   1 
ATOM 850 S SG   . CYS A 1 58 ? -0.189  0.044   3.408   1.00 0.00 ? 58 CYS A SG   1 
ATOM 851 H H    . CYS A 1 58 ? 3.457   -2.361  3.020   1.00 0.00 ? 58 CYS A H    1 
ATOM 852 H HA   . CYS A 1 58 ? 0.639   -2.595  2.433   1.00 0.00 ? 58 CYS A HA   1 
ATOM 853 H HB2  . CYS A 1 58 ? 1.511   -1.340  4.414   1.00 0.00 ? 58 CYS A HB2  1 
ATOM 854 H HB3  . CYS A 1 58 ? 2.212   -0.168  3.316   1.00 0.00 ? 58 CYS A HB3  1 
ATOM 855 N N    . LEU A 1 59 ? 0.532   -1.369  0.245   1.00 0.00 ? 59 LEU A N    1 
ATOM 856 C CA   . LEU A 1 59 ? 0.504   -0.833  -1.105  1.00 0.00 ? 59 LEU A CA   1 
ATOM 857 C C    . LEU A 1 59 ? -0.098  0.574   -1.078  1.00 0.00 ? 59 LEU A C    1 
ATOM 858 O O    . LEU A 1 59 ? -1.131  0.798   -0.450  1.00 0.00 ? 59 LEU A O    1 
ATOM 859 C CB   . LEU A 1 59 ? -0.222  -1.794  -2.049  1.00 0.00 ? 59 LEU A CB   1 
ATOM 860 C CG   . LEU A 1 59 ? 0.579   -3.014  -2.510  1.00 0.00 ? 59 LEU A CG   1 
ATOM 861 C CD1  . LEU A 1 59 ? -0.157  -4.311  -2.173  1.00 0.00 ? 59 LEU A CD1  1 
ATOM 862 C CD2  . LEU A 1 59 ? 0.919   -2.917  -3.998  1.00 0.00 ? 59 LEU A CD2  1 
ATOM 863 H H    . LEU A 1 59 ? -0.340  -1.733  0.573   1.00 0.00 ? 59 LEU A H    1 
ATOM 864 H HA   . LEU A 1 59 ? 1.536   -0.761  -1.449  1.00 0.00 ? 59 LEU A HA   1 
ATOM 865 H HB2  . LEU A 1 59 ? -1.127  -2.145  -1.553  1.00 0.00 ? 59 LEU A HB2  1 
ATOM 866 H HB3  . LEU A 1 59 ? -0.537  -1.237  -2.931  1.00 0.00 ? 59 LEU A HB3  1 
ATOM 867 H HG   . LEU A 1 59 ? 1.523   -3.028  -1.964  1.00 0.00 ? 59 LEU A HG   1 
ATOM 868 H HD11 . LEU A 1 59 ? 0.165   -4.669  -1.195  1.00 0.00 ? 59 LEU A HD11 1 
ATOM 869 H HD12 . LEU A 1 59 ? -1.231  -4.126  -2.156  1.00 0.00 ? 59 LEU A HD12 1 
ATOM 870 H HD13 . LEU A 1 59 ? 0.071   -5.065  -2.929  1.00 0.00 ? 59 LEU A HD13 1 
ATOM 871 H HD21 . LEU A 1 59 ? 0.271   -3.586  -4.563  1.00 0.00 ? 59 LEU A HD21 1 
ATOM 872 H HD22 . LEU A 1 59 ? 0.769   -1.893  -4.339  1.00 0.00 ? 59 LEU A HD22 1 
ATOM 873 H HD23 . LEU A 1 59 ? 1.960   -3.202  -4.152  1.00 0.00 ? 59 LEU A HD23 1 
ATOM 874 N N    . CYS A 1 60 ? 0.574   1.484   -1.768  1.00 0.00 ? 60 CYS A N    1 
ATOM 875 C CA   . CYS A 1 60 ? 0.118   2.862   -1.831  1.00 0.00 ? 60 CYS A CA   1 
ATOM 876 C C    . CYS A 1 60 ? 0.453   3.416   -3.218  1.00 0.00 ? 60 CYS A C    1 
ATOM 877 O O    . CYS A 1 60 ? 1.623   3.603   -3.549  1.00 0.00 ? 60 CYS A O    1 
ATOM 878 C CB   . CYS A 1 60 ? 0.728   3.711   -0.715  1.00 0.00 ? 60 CYS A CB   1 
ATOM 879 S SG   . CYS A 1 60 ? -0.434  4.172   0.621   1.00 0.00 ? 60 CYS A SG   1 
ATOM 880 H H    . CYS A 1 60 ? 1.414   1.293   -2.276  1.00 0.00 ? 60 CYS A H    1 
ATOM 881 H HA   . CYS A 1 60 ? -0.960  2.843   -1.673  1.00 0.00 ? 60 CYS A HA   1 
ATOM 882 H HB2  . CYS A 1 60 ? 1.564   3.165   -0.277  1.00 0.00 ? 60 CYS A HB2  1 
ATOM 883 H HB3  . CYS A 1 60 ? 1.137   4.622   -1.152  1.00 0.00 ? 60 CYS A HB3  1 
ATOM 884 N N    . ASP A 1 61 ? -0.595  3.662   -3.990  1.00 0.00 ? 61 ASP A N    1 
ATOM 885 C CA   . ASP A 1 61 ? -0.426  4.191   -5.333  1.00 0.00 ? 61 ASP A CA   1 
ATOM 886 C C    . ASP A 1 61 ? -1.344  5.401   -5.519  1.00 0.00 ? 61 ASP A C    1 
ATOM 887 O O    . ASP A 1 61 ? -2.469  5.412   -5.022  1.00 0.00 ? 61 ASP A O    1 
ATOM 888 C CB   . ASP A 1 61 ? -0.800  3.147   -6.387  1.00 0.00 ? 61 ASP A CB   1 
ATOM 889 C CG   . ASP A 1 61 ? -0.122  3.329   -7.746  1.00 0.00 ? 61 ASP A CG   1 
ATOM 890 O OD1  . ASP A 1 61 ? -0.789  3.527   -8.772  1.00 0.00 ? 61 ASP A OD1  1 
ATOM 891 O OD2  . ASP A 1 61 ? 1.167   3.259   -7.726  1.00 0.00 ? 61 ASP A OD2  1 
ATOM 892 H H    . ASP A 1 61 ? -1.543  3.507   -3.713  1.00 0.00 ? 61 ASP A H    1 
ATOM 893 H HA   . ASP A 1 61 ? 0.629   4.453   -5.407  1.00 0.00 ? 61 ASP A HA   1 
ATOM 894 H HB2  . ASP A 1 61 ? -0.550  2.158   -6.002  1.00 0.00 ? 61 ASP A HB2  1 
ATOM 895 H HB3  . ASP A 1 61 ? -1.880  3.169   -6.532  1.00 0.00 ? 61 ASP A HB3  1 
ATOM 896 H HD2  . ASP A 1 61 ? 1.547   3.722   -8.527  1.00 0.00 ? 61 ASP A HD2  1 
ATOM 897 N N    . PHE A 1 62 ? -0.830  6.390   -6.235  1.00 0.00 ? 62 PHE A N    1 
ATOM 898 C CA   . PHE A 1 62 ? -1.589  7.601   -6.493  1.00 0.00 ? 62 PHE A CA   1 
ATOM 899 C C    . PHE A 1 62 ? -2.943  7.275   -7.127  1.00 0.00 ? 62 PHE A C    1 
ATOM 900 O O    . PHE A 1 62 ? -3.846  8.110   -7.134  1.00 0.00 ? 62 PHE A O    1 
ATOM 901 C CB   . PHE A 1 62 ? -0.770  8.443   -7.472  1.00 0.00 ? 62 PHE A CB   1 
ATOM 902 C CG   . PHE A 1 62 ? 0.499   9.046   -6.865  1.00 0.00 ? 62 PHE A CG   1 
ATOM 903 C CD1  . PHE A 1 62 ? 1.651   8.322   -6.840  1.00 0.00 ? 62 PHE A CD1  1 
ATOM 904 C CD2  . PHE A 1 62 ? 0.475   10.305  -6.352  1.00 0.00 ? 62 PHE A CD2  1 
ATOM 905 C CE1  . PHE A 1 62 ? 2.828   8.882   -6.275  1.00 0.00 ? 62 PHE A CE1  1 
ATOM 906 C CE2  . PHE A 1 62 ? 1.652   10.864  -5.788  1.00 0.00 ? 62 PHE A CE2  1 
ATOM 907 C CZ   . PHE A 1 62 ? 2.804   10.141  -5.762  1.00 0.00 ? 62 PHE A CZ   1 
ATOM 908 H H    . PHE A 1 62 ? 0.087   6.372   -6.635  1.00 0.00 ? 62 PHE A H    1 
ATOM 909 H HA   . PHE A 1 62 ? -1.748  8.093   -5.533  1.00 0.00 ? 62 PHE A HA   1 
ATOM 910 H HB2  . PHE A 1 62 ? -0.492  7.824   -8.325  1.00 0.00 ? 62 PHE A HB2  1 
ATOM 911 H HB3  . PHE A 1 62 ? -1.395  9.250   -7.854  1.00 0.00 ? 62 PHE A HB3  1 
ATOM 912 H HD1  . PHE A 1 62 ? 1.669   7.313   -7.251  1.00 0.00 ? 62 PHE A HD1  1 
ATOM 913 H HD2  . PHE A 1 62 ? -0.448  10.885  -6.373  1.00 0.00 ? 62 PHE A HD2  1 
ATOM 914 H HE1  . PHE A 1 62 ? 3.750   8.302   -6.254  1.00 0.00 ? 62 PHE A HE1  1 
ATOM 915 H HE2  . PHE A 1 62 ? 1.634   11.873  -5.377  1.00 0.00 ? 62 PHE A HE2  1 
ATOM 916 H HZ   . PHE A 1 62 ? 3.708   10.570  -5.330  1.00 0.00 ? 62 PHE A HZ   1 
ATOM 917 N N    . CYS A 1 63 ? -3.041  6.059   -7.645  1.00 0.00 ? 63 CYS A N    1 
ATOM 918 C CA   . CYS A 1 63 ? -4.268  5.612   -8.280  1.00 0.00 ? 63 CYS A CA   1 
ATOM 919 C C    . CYS A 1 63 ? -5.407  5.737   -7.265  1.00 0.00 ? 63 CYS A C    1 
ATOM 920 O O    . CYS A 1 63 ? -6.208  6.667   -7.338  1.00 0.00 ? 63 CYS A O    1 
ATOM 921 C CB   . CYS A 1 63 ? -4.139  4.188   -8.821  1.00 0.00 ? 63 CYS A CB   1 
ATOM 922 S SG   . CYS A 1 63 ? -4.941  3.907   -10.443 1.00 0.00 ? 63 CYS A SG   1 
ATOM 923 H H    . CYS A 1 63 ? -2.301  5.386   -7.635  1.00 0.00 ? 63 CYS A H    1 
ATOM 924 H HA   . CYS A 1 63 ? -4.436  6.270   -9.133  1.00 0.00 ? 63 CYS A HA   1 
ATOM 925 H HB2  . CYS A 1 63 ? -3.081  3.941   -8.907  1.00 0.00 ? 63 CYS A HB2  1 
ATOM 926 H HB3  . CYS A 1 63 ? -4.569  3.498   -8.095  1.00 0.00 ? 63 CYS A HB3  1 
ATOM 927 N N    . GLY A 1 64 ? -5.442  4.787   -6.344  1.00 0.00 ? 64 GLY A N    1 
ATOM 928 C CA   . GLY A 1 64 ? -6.468  4.778   -5.315  1.00 0.00 ? 64 GLY A CA   1 
ATOM 929 C C    . GLY A 1 64 ? -7.730  5.499   -5.795  1.00 0.00 ? 64 GLY A C    1 
ATOM 930 O O    . GLY A 1 64 ? -8.585  4.898   -6.443  1.00 0.00 ? 64 GLY A O    1 
ATOM 931 H H    . GLY A 1 64 ? -4.786  4.033   -6.292  1.00 0.00 ? 64 GLY A H    1 
ATOM 932 H HA2  . GLY A 1 64 ? -6.713  3.750   -5.049  1.00 0.00 ? 64 GLY A HA2  1 
ATOM 933 H HA3  . GLY A 1 64 ? -6.090  5.260   -4.415  1.00 0.00 ? 64 GLY A HA3  1 
ATOM 934 N N    . ASP A 1 65 ? -7.805  6.779   -5.459  1.00 0.00 ? 65 ASP A N    1 
ATOM 935 C CA   . ASP A 1 65 ? -8.947  7.589   -5.847  1.00 0.00 ? 65 ASP A CA   1 
ATOM 936 C C    . ASP A 1 65 ? -8.476  9.009   -6.162  1.00 0.00 ? 65 ASP A C    1 
ATOM 937 O O    . ASP A 1 65 ? -7.291  9.236   -6.398  1.00 0.00 ? 65 ASP A O    1 
ATOM 938 C CB   . ASP A 1 65 ? -9.974  7.672   -4.714  1.00 0.00 ? 65 ASP A CB   1 
ATOM 939 C CG   . ASP A 1 65 ? -11.408 7.320   -5.115  1.00 0.00 ? 65 ASP A CG   1 
ATOM 940 O OD1  . ASP A 1 65 ? -11.714 7.145   -6.303  1.00 0.00 ? 65 ASP A OD1  1 
ATOM 941 O OD2  . ASP A 1 65 ? -12.240 7.225   -4.134  1.00 0.00 ? 65 ASP A OD2  1 
ATOM 942 H H    . ASP A 1 65 ? -7.105  7.261   -4.932  1.00 0.00 ? 65 ASP A H    1 
ATOM 943 H HA   . ASP A 1 65 ? -9.372  7.087   -6.716  1.00 0.00 ? 65 ASP A HA   1 
ATOM 944 H HB2  . ASP A 1 65 ? -9.662  7.003   -3.912  1.00 0.00 ? 65 ASP A HB2  1 
ATOM 945 H HB3  . ASP A 1 65 ? -9.964  8.683   -4.309  1.00 0.00 ? 65 ASP A HB3  1 
ATOM 946 H HD2  . ASP A 1 65 ? -12.251 8.077   -3.611  1.00 0.00 ? 65 ASP A HD2  1 
ATOM 947 N N    . THR A 1 66 ? -9.429  9.929   -6.157  1.00 0.00 ? 66 THR A N    1 
ATOM 948 C CA   . THR A 1 66 ? -9.127  11.323  -6.440  1.00 0.00 ? 66 THR A CA   1 
ATOM 949 C C    . THR A 1 66 ? -8.387  11.958  -5.260  1.00 0.00 ? 66 THR A C    1 
ATOM 950 O O    . THR A 1 66 ? -8.953  12.112  -4.179  1.00 0.00 ? 66 THR A O    1 
ATOM 951 C CB   . THR A 1 66 ? -10.438 12.030  -6.788  1.00 0.00 ? 66 THR A CB   1 
ATOM 952 O OG1  . THR A 1 66 ? -11.330 11.639  -5.748  1.00 0.00 ? 66 THR A OG1  1 
ATOM 953 C CG2  . THR A 1 66 ? -11.082 11.476  -8.060  1.00 0.00 ? 66 THR A CG2  1 
ATOM 954 H H    . THR A 1 66 ? -10.392 9.737   -5.964  1.00 0.00 ? 66 THR A H    1 
ATOM 955 H HA   . THR A 1 66 ? -8.454  11.361  -7.297  1.00 0.00 ? 66 THR A HA   1 
ATOM 956 H HB   . THR A 1 66 ? -10.290 13.108  -6.864  1.00 0.00 ? 66 THR A HB   1 
ATOM 957 H HG1  . THR A 1 66 ? -10.984 11.955  -4.864  1.00 0.00 ? 66 THR A HG1  1 
ATOM 958 H HG21 . THR A 1 66 ? -11.794 10.694  -7.794  1.00 0.00 ? 66 THR A HG21 1 
ATOM 959 H HG22 . THR A 1 66 ? -11.602 12.278  -8.583  1.00 0.00 ? 66 THR A HG22 1 
ATOM 960 H HG23 . THR A 1 66 ? -10.310 11.061  -8.708  1.00 0.00 ? 66 THR A HG23 1 
ATOM 961 N N    . PRO A 1 67 ? -7.102  12.320  -5.515  1.00 0.00 ? 67 PRO A N    1 
ATOM 962 C CA   . PRO A 1 67 ? -6.279  12.934  -4.487  1.00 0.00 ? 67 PRO A CA   1 
ATOM 963 C C    . PRO A 1 67 ? -6.681  14.394  -4.264  1.00 0.00 ? 67 PRO A C    1 
ATOM 964 O O    . PRO A 1 67 ? -5.862  15.298  -4.419  1.00 0.00 ? 67 PRO A O    1 
ATOM 965 C CB   . PRO A 1 67 ? -4.850  12.781  -4.982  1.00 0.00 ? 67 PRO A CB   1 
ATOM 966 C CG   . PRO A 1 67 ? -4.953  12.506  -6.474  1.00 0.00 ? 67 PRO A CG   1 
ATOM 967 C CD   . PRO A 1 67 ? -6.398  12.152  -6.784  1.00 0.00 ? 67 PRO A CD   1 
ATOM 968 H HA   . PRO A 1 67 ? -6.419  12.476  -3.610  1.00 0.00 ? 67 PRO A HA   1 
ATOM 969 H HB2  . PRO A 1 67 ? -4.272  13.685  -4.791  1.00 0.00 ? 67 PRO A HB2  1 
ATOM 970 H HB3  . PRO A 1 67 ? -4.344  11.964  -4.469  1.00 0.00 ? 67 PRO A HB3  1 
ATOM 971 H HG2  . PRO A 1 67 ? -4.643  13.381  -7.046  1.00 0.00 ? 67 PRO A HG2  1 
ATOM 972 H HG3  . PRO A 1 67 ? -4.291  11.688  -6.758  1.00 0.00 ? 67 PRO A HG3  1 
ATOM 973 H HD2  . PRO A 1 67 ? -6.810  12.805  -7.553  1.00 0.00 ? 67 PRO A HD2  1 
ATOM 974 H HD3  . PRO A 1 67 ? -6.486  11.130  -7.153  1.00 0.00 ? 67 PRO A HD3  1 
ATOM 975 N N    . GLN A 1 68 ? -7.943  14.578  -3.904  1.00 0.00 ? 68 GLN A N    1 
ATOM 976 C CA   . GLN A 1 68 ? -8.463  15.912  -3.657  1.00 0.00 ? 68 GLN A CA   1 
ATOM 977 C C    . GLN A 1 68 ? -8.034  16.864  -4.776  1.00 0.00 ? 68 GLN A C    1 
ATOM 978 O O    . GLN A 1 68 ? -8.877  17.471  -5.436  1.00 0.00 ? 68 GLN A O    1 
ATOM 979 C CB   . GLN A 1 68 ? -8.014  16.433  -2.291  1.00 0.00 ? 68 GLN A CB   1 
ATOM 980 C CG   . GLN A 1 68 ? -9.195  17.006  -1.506  1.00 0.00 ? 68 GLN A CG   1 
ATOM 981 C CD   . GLN A 1 68 ? -8.713  17.922  -0.380  1.00 0.00 ? 68 GLN A CD   1 
ATOM 982 O OE1  . GLN A 1 68 ? -7.756  18.667  -0.517  1.00 0.00 ? 68 GLN A OE1  1 
ATOM 983 N NE2  . GLN A 1 68 ? -9.424  17.824  0.740   1.00 0.00 ? 68 GLN A NE2  1 
ATOM 984 H H    . GLN A 1 68 ? -8.603  13.837  -3.780  1.00 0.00 ? 68 GLN A H    1 
ATOM 985 H HA   . GLN A 1 68 ? -9.548  15.804  -3.659  1.00 0.00 ? 68 GLN A HA   1 
ATOM 986 H HB2  . GLN A 1 68 ? -7.553  15.625  -1.724  1.00 0.00 ? 68 GLN A HB2  1 
ATOM 987 H HB3  . GLN A 1 68 ? -7.253  17.202  -2.424  1.00 0.00 ? 68 GLN A HB3  1 
ATOM 988 H HG2  . GLN A 1 68 ? -9.847  17.564  -2.178  1.00 0.00 ? 68 GLN A HG2  1 
ATOM 989 H HG3  . GLN A 1 68 ? -9.788  16.192  -1.089  1.00 0.00 ? 68 GLN A HG3  1 
ATOM 990 H HE21 . GLN A 1 68 ? -10.198 17.192  0.786   1.00 0.00 ? 68 GLN A HE21 1 
ATOM 991 H HE22 . GLN A 1 68 ? -9.187  18.383  1.534   1.00 0.00 ? 68 GLN A HE22 1 
# 
